data_8P45
# 
_entry.id   8P45 
# 
_audit_conform.dict_name       mmcif_pdbx.dic 
_audit_conform.dict_version    5.390 
_audit_conform.dict_location   http://mmcif.pdb.org/dictionaries/ascii/mmcif_pdbx.dic 
# 
loop_
_database_2.database_id 
_database_2.database_code 
_database_2.pdbx_database_accession 
_database_2.pdbx_DOI 
PDB   8P45         pdb_00008p45 10.2210/pdb8p45/pdb 
WWPDB D_1292130634 ?            ?                   
# 
loop_
_pdbx_audit_revision_history.ordinal 
_pdbx_audit_revision_history.data_content_type 
_pdbx_audit_revision_history.major_revision 
_pdbx_audit_revision_history.minor_revision 
_pdbx_audit_revision_history.revision_date 
1 'Structure model' 1 0 2023-12-20 
2 'Structure model' 1 1 2024-02-14 
3 'Structure model' 1 2 2024-04-17 
# 
_pdbx_audit_revision_details.ordinal             1 
_pdbx_audit_revision_details.revision_ordinal    1 
_pdbx_audit_revision_details.data_content_type   'Structure model' 
_pdbx_audit_revision_details.provider            repository 
_pdbx_audit_revision_details.type                'Initial release' 
_pdbx_audit_revision_details.description         ? 
_pdbx_audit_revision_details.details             ? 
# 
loop_
_pdbx_audit_revision_group.ordinal 
_pdbx_audit_revision_group.revision_ordinal 
_pdbx_audit_revision_group.data_content_type 
_pdbx_audit_revision_group.group 
1 2 'Structure model' 'Database references' 
2 3 'Structure model' 'Database references' 
# 
loop_
_pdbx_audit_revision_category.ordinal 
_pdbx_audit_revision_category.revision_ordinal 
_pdbx_audit_revision_category.data_content_type 
_pdbx_audit_revision_category.category 
1 2 'Structure model' citation        
2 2 'Structure model' citation_author 
3 3 'Structure model' citation        
# 
loop_
_pdbx_audit_revision_item.ordinal 
_pdbx_audit_revision_item.revision_ordinal 
_pdbx_audit_revision_item.data_content_type 
_pdbx_audit_revision_item.item 
1  2 'Structure model' '_citation.country'                 
2  2 'Structure model' '_citation.journal_abbrev'          
3  2 'Structure model' '_citation.journal_id_ASTM'         
4  2 'Structure model' '_citation.journal_id_CSD'          
5  2 'Structure model' '_citation.journal_id_ISSN'         
6  2 'Structure model' '_citation.pdbx_database_id_DOI'    
7  2 'Structure model' '_citation.pdbx_database_id_PubMed' 
8  2 'Structure model' '_citation.title'                   
9  2 'Structure model' '_citation.year'                    
10 3 'Structure model' '_citation.journal_volume'          
11 3 'Structure model' '_citation.page_first'              
# 
_pdbx_database_status.status_code                     REL 
_pdbx_database_status.status_code_sf                  REL 
_pdbx_database_status.status_code_mr                  ? 
_pdbx_database_status.entry_id                        8P45 
_pdbx_database_status.recvd_initial_deposition_date   2023-05-19 
_pdbx_database_status.SG_entry                        N 
_pdbx_database_status.deposit_site                    PDBE 
_pdbx_database_status.process_site                    PDBE 
_pdbx_database_status.status_code_cs                  ? 
_pdbx_database_status.status_code_nmr_data            ? 
_pdbx_database_status.methods_development_category    ? 
_pdbx_database_status.pdb_format_compatible           Y 
# 
_pdbx_contact_author.id                 2 
_pdbx_contact_author.email              boura@uochb.cas.cz 
_pdbx_contact_author.name_first         Evzen 
_pdbx_contact_author.name_last          Boura 
_pdbx_contact_author.name_mi            ? 
_pdbx_contact_author.role               'principal investigator/group leader' 
_pdbx_contact_author.identifier_ORCID   0000-0002-9652-4065 
# 
loop_
_audit_author.name 
_audit_author.pdbx_ordinal 
_audit_author.identifier_ORCID 
'Klima, M.' 1 0000-0002-9083-509X 
'Boura, E.' 2 0000-0002-9652-4065 
# 
_citation.abstract                  ? 
_citation.abstract_id_CAS           ? 
_citation.book_id_ISBN              ? 
_citation.book_publisher            ? 
_citation.book_publisher_city       ? 
_citation.book_title                ? 
_citation.coordinate_linkage        ? 
_citation.country                   UK 
_citation.database_id_Medline       ? 
_citation.details                   ? 
_citation.id                        primary 
_citation.journal_abbrev            Structure 
_citation.journal_id_ASTM           STRUE6 
_citation.journal_id_CSD            2005 
_citation.journal_id_ISSN           0969-2126 
_citation.journal_full              ? 
_citation.journal_issue             ? 
_citation.journal_volume            32 
_citation.language                  ? 
_citation.page_first                433 
_citation.page_last                 ? 
_citation.title                     
'Fluorinated cGAMP analogs, which act as STING agonists and are not cleavable by poxins: Structural basis of their function.' 
_citation.year                      2024 
_citation.database_id_CSD           ? 
_citation.pdbx_database_id_DOI      10.1016/j.str.2024.01.008 
_citation.pdbx_database_id_PubMed   38325369 
_citation.pdbx_database_id_patent   ? 
_citation.unpublished_flag          ? 
# 
loop_
_citation_author.citation_id 
_citation_author.name 
_citation_author.ordinal 
_citation_author.identifier_ORCID 
primary 'Klima, M.'         1  ? 
primary 'Dejmek, M.'        2  ? 
primary 'Duchoslav, V.'     3  ? 
primary 'Eisenreichova, A.' 4  ? 
primary 'Sala, M.'          5  ? 
primary 'Chalupsky, K.'     6  ? 
primary 'Chalupska, D.'     7  ? 
primary 'Novotna, B.'       8  ? 
primary 'Birkus, G.'        9  ? 
primary 'Nencka, R.'        10 ? 
primary 'Boura, E.'         11 ? 
# 
loop_
_entity.id 
_entity.type 
_entity.src_method 
_entity.pdbx_description 
_entity.formula_weight 
_entity.pdbx_number_of_molecules 
_entity.pdbx_ec 
_entity.pdbx_mutation 
_entity.pdbx_fragment 
_entity.details 
1 polymer     man 'Stimulator of interferon genes protein' 23189.064 1 ? ? ? ? 
2 non-polymer syn 
;9-[(1~{S},3~{R},6~{R},8~{R},9~{R},10~{R},12~{R},15~{R},17~{R},18~{R})-8-(6-aminopurin-9-yl)-9,18-bis(fluoranyl)-3,12-bis(oxidanylidene)-3,12-bis(sulfanyl)-2,4,7,11,13-pentaoxa-3$l^{5},12$l^{5}-diphosphatricyclo[13.2.1.0^{6,10}]octadecan-17-yl]-1~{H}-purin-6-one
;
693.537   1 ? ? ? ? 
# 
_entity_name_com.entity_id   1 
_entity_name_com.name        
'hSTING,Endoplasmic reticulum interferon stimulator,ERIS,Mediator of IRF3 activation,hMITA,Transmembrane protein 173' 
# 
_entity_poly.entity_id                      1 
_entity_poly.type                           'polypeptide(L)' 
_entity_poly.nstd_linkage                   no 
_entity_poly.nstd_monomer                   no 
_entity_poly.pdbx_seq_one_letter_code       
;APAEISAVCEKGNFNVAHGLAWSYYIGYLRLILPELQARIRTYNQHYNNLLRGAVSQRLYILLPLDCGVPDNLSMADPNI
RFLDKLPQQTGDRAGIKDRVYSNSIYELLENGQRAGTCVLEYATPLQTLFAMSQYSQAGFSREDRLEQAKLFCRTLEDIL
ADAPESQNNCRLIAYQEPADDSSFSLSQEVLRHLRQEEKEEVTV
;
_entity_poly.pdbx_seq_one_letter_code_can   
;APAEISAVCEKGNFNVAHGLAWSYYIGYLRLILPELQARIRTYNQHYNNLLRGAVSQRLYILLPLDCGVPDNLSMADPNI
RFLDKLPQQTGDRAGIKDRVYSNSIYELLENGQRAGTCVLEYATPLQTLFAMSQYSQAGFSREDRLEQAKLFCRTLEDIL
ADAPESQNNCRLIAYQEPADDSSFSLSQEVLRHLRQEEKEEVTV
;
_entity_poly.pdbx_strand_id                 A 
_entity_poly.pdbx_target_identifier         ? 
# 
_pdbx_entity_nonpoly.entity_id   2 
_pdbx_entity_nonpoly.name        
;9-[(1~{S},3~{R},6~{R},8~{R},9~{R},10~{R},12~{R},15~{R},17~{R},18~{R})-8-(6-aminopurin-9-yl)-9,18-bis(fluoranyl)-3,12-bis(oxidanylidene)-3,12-bis(sulfanyl)-2,4,7,11,13-pentaoxa-3$l^{5},12$l^{5}-diphosphatricyclo[13.2.1.0^{6,10}]octadecan-17-yl]-1~{H}-purin-6-one
;
_pdbx_entity_nonpoly.comp_id     WY8 
# 
loop_
_entity_poly_seq.entity_id 
_entity_poly_seq.num 
_entity_poly_seq.mon_id 
_entity_poly_seq.hetero 
1 1   ALA n 
1 2   PRO n 
1 3   ALA n 
1 4   GLU n 
1 5   ILE n 
1 6   SER n 
1 7   ALA n 
1 8   VAL n 
1 9   CYS n 
1 10  GLU n 
1 11  LYS n 
1 12  GLY n 
1 13  ASN n 
1 14  PHE n 
1 15  ASN n 
1 16  VAL n 
1 17  ALA n 
1 18  HIS n 
1 19  GLY n 
1 20  LEU n 
1 21  ALA n 
1 22  TRP n 
1 23  SER n 
1 24  TYR n 
1 25  TYR n 
1 26  ILE n 
1 27  GLY n 
1 28  TYR n 
1 29  LEU n 
1 30  ARG n 
1 31  LEU n 
1 32  ILE n 
1 33  LEU n 
1 34  PRO n 
1 35  GLU n 
1 36  LEU n 
1 37  GLN n 
1 38  ALA n 
1 39  ARG n 
1 40  ILE n 
1 41  ARG n 
1 42  THR n 
1 43  TYR n 
1 44  ASN n 
1 45  GLN n 
1 46  HIS n 
1 47  TYR n 
1 48  ASN n 
1 49  ASN n 
1 50  LEU n 
1 51  LEU n 
1 52  ARG n 
1 53  GLY n 
1 54  ALA n 
1 55  VAL n 
1 56  SER n 
1 57  GLN n 
1 58  ARG n 
1 59  LEU n 
1 60  TYR n 
1 61  ILE n 
1 62  LEU n 
1 63  LEU n 
1 64  PRO n 
1 65  LEU n 
1 66  ASP n 
1 67  CYS n 
1 68  GLY n 
1 69  VAL n 
1 70  PRO n 
1 71  ASP n 
1 72  ASN n 
1 73  LEU n 
1 74  SER n 
1 75  MET n 
1 76  ALA n 
1 77  ASP n 
1 78  PRO n 
1 79  ASN n 
1 80  ILE n 
1 81  ARG n 
1 82  PHE n 
1 83  LEU n 
1 84  ASP n 
1 85  LYS n 
1 86  LEU n 
1 87  PRO n 
1 88  GLN n 
1 89  GLN n 
1 90  THR n 
1 91  GLY n 
1 92  ASP n 
1 93  ARG n 
1 94  ALA n 
1 95  GLY n 
1 96  ILE n 
1 97  LYS n 
1 98  ASP n 
1 99  ARG n 
1 100 VAL n 
1 101 TYR n 
1 102 SER n 
1 103 ASN n 
1 104 SER n 
1 105 ILE n 
1 106 TYR n 
1 107 GLU n 
1 108 LEU n 
1 109 LEU n 
1 110 GLU n 
1 111 ASN n 
1 112 GLY n 
1 113 GLN n 
1 114 ARG n 
1 115 ALA n 
1 116 GLY n 
1 117 THR n 
1 118 CYS n 
1 119 VAL n 
1 120 LEU n 
1 121 GLU n 
1 122 TYR n 
1 123 ALA n 
1 124 THR n 
1 125 PRO n 
1 126 LEU n 
1 127 GLN n 
1 128 THR n 
1 129 LEU n 
1 130 PHE n 
1 131 ALA n 
1 132 MET n 
1 133 SER n 
1 134 GLN n 
1 135 TYR n 
1 136 SER n 
1 137 GLN n 
1 138 ALA n 
1 139 GLY n 
1 140 PHE n 
1 141 SER n 
1 142 ARG n 
1 143 GLU n 
1 144 ASP n 
1 145 ARG n 
1 146 LEU n 
1 147 GLU n 
1 148 GLN n 
1 149 ALA n 
1 150 LYS n 
1 151 LEU n 
1 152 PHE n 
1 153 CYS n 
1 154 ARG n 
1 155 THR n 
1 156 LEU n 
1 157 GLU n 
1 158 ASP n 
1 159 ILE n 
1 160 LEU n 
1 161 ALA n 
1 162 ASP n 
1 163 ALA n 
1 164 PRO n 
1 165 GLU n 
1 166 SER n 
1 167 GLN n 
1 168 ASN n 
1 169 ASN n 
1 170 CYS n 
1 171 ARG n 
1 172 LEU n 
1 173 ILE n 
1 174 ALA n 
1 175 TYR n 
1 176 GLN n 
1 177 GLU n 
1 178 PRO n 
1 179 ALA n 
1 180 ASP n 
1 181 ASP n 
1 182 SER n 
1 183 SER n 
1 184 PHE n 
1 185 SER n 
1 186 LEU n 
1 187 SER n 
1 188 GLN n 
1 189 GLU n 
1 190 VAL n 
1 191 LEU n 
1 192 ARG n 
1 193 HIS n 
1 194 LEU n 
1 195 ARG n 
1 196 GLN n 
1 197 GLU n 
1 198 GLU n 
1 199 LYS n 
1 200 GLU n 
1 201 GLU n 
1 202 VAL n 
1 203 THR n 
1 204 VAL n 
# 
_entity_src_gen.entity_id                          1 
_entity_src_gen.pdbx_src_id                        1 
_entity_src_gen.pdbx_alt_source_flag               sample 
_entity_src_gen.pdbx_seq_type                      'Biological sequence' 
_entity_src_gen.pdbx_beg_seq_num                   1 
_entity_src_gen.pdbx_end_seq_num                   204 
_entity_src_gen.gene_src_common_name               human 
_entity_src_gen.gene_src_genus                     ? 
_entity_src_gen.pdbx_gene_src_gene                 'STING1, ERIS, MITA, STING, TMEM173' 
_entity_src_gen.gene_src_species                   ? 
_entity_src_gen.gene_src_strain                    ? 
_entity_src_gen.gene_src_tissue                    ? 
_entity_src_gen.gene_src_tissue_fraction           ? 
_entity_src_gen.gene_src_details                   ? 
_entity_src_gen.pdbx_gene_src_fragment             ? 
_entity_src_gen.pdbx_gene_src_scientific_name      'Homo sapiens' 
_entity_src_gen.pdbx_gene_src_ncbi_taxonomy_id     9606 
_entity_src_gen.pdbx_gene_src_variant              ? 
_entity_src_gen.pdbx_gene_src_cell_line            ? 
_entity_src_gen.pdbx_gene_src_atcc                 ? 
_entity_src_gen.pdbx_gene_src_organ                ? 
_entity_src_gen.pdbx_gene_src_organelle            ? 
_entity_src_gen.pdbx_gene_src_cell                 ? 
_entity_src_gen.pdbx_gene_src_cellular_location    ? 
_entity_src_gen.host_org_common_name               ? 
_entity_src_gen.pdbx_host_org_scientific_name      'Escherichia coli BL21(DE3)' 
_entity_src_gen.pdbx_host_org_ncbi_taxonomy_id     469008 
_entity_src_gen.host_org_genus                     ? 
_entity_src_gen.pdbx_host_org_gene                 ? 
_entity_src_gen.pdbx_host_org_organ                ? 
_entity_src_gen.host_org_species                   ? 
_entity_src_gen.pdbx_host_org_tissue               ? 
_entity_src_gen.pdbx_host_org_tissue_fraction      ? 
_entity_src_gen.pdbx_host_org_strain               ? 
_entity_src_gen.pdbx_host_org_variant              ? 
_entity_src_gen.pdbx_host_org_cell_line            ? 
_entity_src_gen.pdbx_host_org_atcc                 ? 
_entity_src_gen.pdbx_host_org_culture_collection   ? 
_entity_src_gen.pdbx_host_org_cell                 ? 
_entity_src_gen.pdbx_host_org_organelle            ? 
_entity_src_gen.pdbx_host_org_cellular_location    ? 
_entity_src_gen.pdbx_host_org_vector_type          ? 
_entity_src_gen.pdbx_host_org_vector               ? 
_entity_src_gen.host_org_details                   ? 
_entity_src_gen.expression_system_id               ? 
_entity_src_gen.plasmid_name                       ? 
_entity_src_gen.plasmid_details                    ? 
_entity_src_gen.pdbx_description                   ? 
# 
loop_
_chem_comp.id 
_chem_comp.type 
_chem_comp.mon_nstd_flag 
_chem_comp.name 
_chem_comp.pdbx_synonyms 
_chem_comp.formula 
_chem_comp.formula_weight 
ALA 'L-peptide linking' y ALANINE ? 'C3 H7 N O2'             89.093  
ARG 'L-peptide linking' y ARGININE ? 'C6 H15 N4 O2 1'         175.209 
ASN 'L-peptide linking' y ASPARAGINE ? 'C4 H8 N2 O3'            132.118 
ASP 'L-peptide linking' y 'ASPARTIC ACID' ? 'C4 H7 N O4'             133.103 
CYS 'L-peptide linking' y CYSTEINE ? 'C3 H7 N O2 S'           121.158 
GLN 'L-peptide linking' y GLUTAMINE ? 'C5 H10 N2 O3'           146.144 
GLU 'L-peptide linking' y 'GLUTAMIC ACID' ? 'C5 H9 N O4'             147.129 
GLY 'peptide linking'   y GLYCINE ? 'C2 H5 N O2'             75.067  
HIS 'L-peptide linking' y HISTIDINE ? 'C6 H10 N3 O2 1'         156.162 
ILE 'L-peptide linking' y ISOLEUCINE ? 'C6 H13 N O2'            131.173 
LEU 'L-peptide linking' y LEUCINE ? 'C6 H13 N O2'            131.173 
LYS 'L-peptide linking' y LYSINE ? 'C6 H15 N2 O2 1'         147.195 
MET 'L-peptide linking' y METHIONINE ? 'C5 H11 N O2 S'          149.211 
PHE 'L-peptide linking' y PHENYLALANINE ? 'C9 H11 N O2'            165.189 
PRO 'L-peptide linking' y PROLINE ? 'C5 H9 N O2'             115.130 
SER 'L-peptide linking' y SERINE ? 'C3 H7 N O3'             105.093 
THR 'L-peptide linking' y THREONINE ? 'C4 H9 N O3'             119.119 
TRP 'L-peptide linking' y TRYPTOPHAN ? 'C11 H12 N2 O2'          204.225 
TYR 'L-peptide linking' y TYROSINE ? 'C9 H11 N O3'            181.189 
VAL 'L-peptide linking' y VALINE ? 'C5 H11 N O2'            117.146 
WY8 non-polymer         n 
;9-[(1~{S},3~{R},6~{R},8~{R},9~{R},10~{R},12~{R},15~{R},17~{R},18~{R})-8-(6-aminopurin-9-yl)-9,18-bis(fluoranyl)-3,12-bis(oxidanylidene)-3,12-bis(sulfanyl)-2,4,7,11,13-pentaoxa-3$l^{5},12$l^{5}-diphosphatricyclo[13.2.1.0^{6,10}]octadecan-17-yl]-1~{H}-purin-6-one
;
? 'C21 H23 F2 N9 O8 P2 S2' 693.537 
# 
loop_
_pdbx_poly_seq_scheme.asym_id 
_pdbx_poly_seq_scheme.entity_id 
_pdbx_poly_seq_scheme.seq_id 
_pdbx_poly_seq_scheme.mon_id 
_pdbx_poly_seq_scheme.ndb_seq_num 
_pdbx_poly_seq_scheme.pdb_seq_num 
_pdbx_poly_seq_scheme.auth_seq_num 
_pdbx_poly_seq_scheme.pdb_mon_id 
_pdbx_poly_seq_scheme.auth_mon_id 
_pdbx_poly_seq_scheme.pdb_strand_id 
_pdbx_poly_seq_scheme.pdb_ins_code 
_pdbx_poly_seq_scheme.hetero 
A 1 1   ALA 1   140 ?   ?   ?   A . n 
A 1 2   PRO 2   141 ?   ?   ?   A . n 
A 1 3   ALA 3   142 ?   ?   ?   A . n 
A 1 4   GLU 4   143 ?   ?   ?   A . n 
A 1 5   ILE 5   144 ?   ?   ?   A . n 
A 1 6   SER 6   145 ?   ?   ?   A . n 
A 1 7   ALA 7   146 ?   ?   ?   A . n 
A 1 8   VAL 8   147 ?   ?   ?   A . n 
A 1 9   CYS 9   148 ?   ?   ?   A . n 
A 1 10  GLU 10  149 ?   ?   ?   A . n 
A 1 11  LYS 11  150 ?   ?   ?   A . n 
A 1 12  GLY 12  151 ?   ?   ?   A . n 
A 1 13  ASN 13  152 ?   ?   ?   A . n 
A 1 14  PHE 14  153 ?   ?   ?   A . n 
A 1 15  ASN 15  154 154 ASN ASN A . n 
A 1 16  VAL 16  155 155 VAL VAL A . n 
A 1 17  ALA 17  156 156 ALA ALA A . n 
A 1 18  HIS 18  157 157 HIS HIS A . n 
A 1 19  GLY 19  158 158 GLY GLY A . n 
A 1 20  LEU 20  159 159 LEU LEU A . n 
A 1 21  ALA 21  160 160 ALA ALA A . n 
A 1 22  TRP 22  161 161 TRP TRP A . n 
A 1 23  SER 23  162 162 SER SER A . n 
A 1 24  TYR 24  163 163 TYR TYR A . n 
A 1 25  TYR 25  164 164 TYR TYR A . n 
A 1 26  ILE 26  165 165 ILE ILE A . n 
A 1 27  GLY 27  166 166 GLY GLY A . n 
A 1 28  TYR 28  167 167 TYR TYR A . n 
A 1 29  LEU 29  168 168 LEU LEU A . n 
A 1 30  ARG 30  169 169 ARG ARG A . n 
A 1 31  LEU 31  170 170 LEU LEU A . n 
A 1 32  ILE 32  171 171 ILE ILE A . n 
A 1 33  LEU 33  172 172 LEU LEU A . n 
A 1 34  PRO 34  173 173 PRO PRO A . n 
A 1 35  GLU 35  174 174 GLU GLU A . n 
A 1 36  LEU 36  175 175 LEU LEU A . n 
A 1 37  GLN 37  176 176 GLN GLN A . n 
A 1 38  ALA 38  177 177 ALA ALA A . n 
A 1 39  ARG 39  178 178 ARG ARG A . n 
A 1 40  ILE 40  179 179 ILE ILE A . n 
A 1 41  ARG 41  180 180 ARG ARG A . n 
A 1 42  THR 42  181 181 THR THR A . n 
A 1 43  TYR 43  182 182 TYR TYR A . n 
A 1 44  ASN 44  183 183 ASN ASN A . n 
A 1 45  GLN 45  184 184 GLN GLN A . n 
A 1 46  HIS 46  185 185 HIS HIS A . n 
A 1 47  TYR 47  186 186 TYR TYR A . n 
A 1 48  ASN 48  187 187 ASN ASN A . n 
A 1 49  ASN 49  188 188 ASN ASN A . n 
A 1 50  LEU 50  189 189 LEU LEU A . n 
A 1 51  LEU 51  190 190 LEU LEU A . n 
A 1 52  ARG 52  191 191 ARG ARG A . n 
A 1 53  GLY 53  192 192 GLY GLY A . n 
A 1 54  ALA 54  193 193 ALA ALA A . n 
A 1 55  VAL 55  194 194 VAL VAL A . n 
A 1 56  SER 56  195 195 SER SER A . n 
A 1 57  GLN 57  196 196 GLN GLN A . n 
A 1 58  ARG 58  197 197 ARG ARG A . n 
A 1 59  LEU 59  198 198 LEU LEU A . n 
A 1 60  TYR 60  199 199 TYR TYR A . n 
A 1 61  ILE 61  200 200 ILE ILE A . n 
A 1 62  LEU 62  201 201 LEU LEU A . n 
A 1 63  LEU 63  202 202 LEU LEU A . n 
A 1 64  PRO 64  203 203 PRO PRO A . n 
A 1 65  LEU 65  204 204 LEU LEU A . n 
A 1 66  ASP 66  205 205 ASP ASP A . n 
A 1 67  CYS 67  206 206 CYS CYS A . n 
A 1 68  GLY 68  207 207 GLY GLY A . n 
A 1 69  VAL 69  208 208 VAL VAL A . n 
A 1 70  PRO 70  209 209 PRO PRO A . n 
A 1 71  ASP 71  210 210 ASP ASP A . n 
A 1 72  ASN 72  211 211 ASN ASN A . n 
A 1 73  LEU 73  212 212 LEU LEU A . n 
A 1 74  SER 74  213 213 SER SER A . n 
A 1 75  MET 75  214 214 MET MET A . n 
A 1 76  ALA 76  215 215 ALA ALA A . n 
A 1 77  ASP 77  216 216 ASP ASP A . n 
A 1 78  PRO 78  217 217 PRO PRO A . n 
A 1 79  ASN 79  218 218 ASN ASN A . n 
A 1 80  ILE 80  219 219 ILE ILE A . n 
A 1 81  ARG 81  220 220 ARG ARG A . n 
A 1 82  PHE 82  221 221 PHE PHE A . n 
A 1 83  LEU 83  222 222 LEU LEU A . n 
A 1 84  ASP 84  223 223 ASP ASP A . n 
A 1 85  LYS 85  224 224 LYS LYS A . n 
A 1 86  LEU 86  225 225 LEU LEU A . n 
A 1 87  PRO 87  226 226 PRO PRO A . n 
A 1 88  GLN 88  227 227 GLN GLN A . n 
A 1 89  GLN 89  228 228 GLN GLN A . n 
A 1 90  THR 90  229 229 THR THR A . n 
A 1 91  GLY 91  230 230 GLY GLY A . n 
A 1 92  ASP 92  231 231 ASP ASP A . n 
A 1 93  ARG 93  232 232 ARG ARG A . n 
A 1 94  ALA 94  233 233 ALA ALA A . n 
A 1 95  GLY 95  234 234 GLY GLY A . n 
A 1 96  ILE 96  235 235 ILE ILE A . n 
A 1 97  LYS 97  236 236 LYS LYS A . n 
A 1 98  ASP 98  237 237 ASP ASP A . n 
A 1 99  ARG 99  238 238 ARG ARG A . n 
A 1 100 VAL 100 239 239 VAL VAL A . n 
A 1 101 TYR 101 240 240 TYR TYR A . n 
A 1 102 SER 102 241 241 SER SER A . n 
A 1 103 ASN 103 242 242 ASN ASN A . n 
A 1 104 SER 104 243 243 SER SER A . n 
A 1 105 ILE 105 244 244 ILE ILE A . n 
A 1 106 TYR 106 245 245 TYR TYR A . n 
A 1 107 GLU 107 246 246 GLU GLU A . n 
A 1 108 LEU 108 247 247 LEU LEU A . n 
A 1 109 LEU 109 248 248 LEU LEU A . n 
A 1 110 GLU 110 249 249 GLU GLU A . n 
A 1 111 ASN 111 250 250 ASN ASN A . n 
A 1 112 GLY 112 251 251 GLY GLY A . n 
A 1 113 GLN 113 252 252 GLN GLN A . n 
A 1 114 ARG 114 253 253 ARG ARG A . n 
A 1 115 ALA 115 254 254 ALA ALA A . n 
A 1 116 GLY 116 255 255 GLY GLY A . n 
A 1 117 THR 117 256 256 THR THR A . n 
A 1 118 CYS 118 257 257 CYS CYS A . n 
A 1 119 VAL 119 258 258 VAL VAL A . n 
A 1 120 LEU 120 259 259 LEU LEU A . n 
A 1 121 GLU 121 260 260 GLU GLU A . n 
A 1 122 TYR 122 261 261 TYR TYR A . n 
A 1 123 ALA 123 262 262 ALA ALA A . n 
A 1 124 THR 124 263 263 THR THR A . n 
A 1 125 PRO 125 264 264 PRO PRO A . n 
A 1 126 LEU 126 265 265 LEU LEU A . n 
A 1 127 GLN 127 266 266 GLN GLN A . n 
A 1 128 THR 128 267 267 THR THR A . n 
A 1 129 LEU 129 268 268 LEU LEU A . n 
A 1 130 PHE 130 269 269 PHE PHE A . n 
A 1 131 ALA 131 270 270 ALA ALA A . n 
A 1 132 MET 132 271 271 MET MET A . n 
A 1 133 SER 133 272 272 SER SER A . n 
A 1 134 GLN 134 273 273 GLN GLN A . n 
A 1 135 TYR 135 274 274 TYR TYR A . n 
A 1 136 SER 136 275 275 SER SER A . n 
A 1 137 GLN 137 276 276 GLN GLN A . n 
A 1 138 ALA 138 277 277 ALA ALA A . n 
A 1 139 GLY 139 278 278 GLY GLY A . n 
A 1 140 PHE 140 279 279 PHE PHE A . n 
A 1 141 SER 141 280 280 SER SER A . n 
A 1 142 ARG 142 281 281 ARG ARG A . n 
A 1 143 GLU 143 282 282 GLU GLU A . n 
A 1 144 ASP 144 283 283 ASP ASP A . n 
A 1 145 ARG 145 284 284 ARG ARG A . n 
A 1 146 LEU 146 285 285 LEU LEU A . n 
A 1 147 GLU 147 286 286 GLU GLU A . n 
A 1 148 GLN 148 287 287 GLN GLN A . n 
A 1 149 ALA 149 288 288 ALA ALA A . n 
A 1 150 LYS 150 289 289 LYS LYS A . n 
A 1 151 LEU 151 290 290 LEU LEU A . n 
A 1 152 PHE 152 291 291 PHE PHE A . n 
A 1 153 CYS 153 292 292 CYS CYS A . n 
A 1 154 ARG 154 293 293 ARG ARG A . n 
A 1 155 THR 155 294 294 THR THR A . n 
A 1 156 LEU 156 295 295 LEU LEU A . n 
A 1 157 GLU 157 296 296 GLU GLU A . n 
A 1 158 ASP 158 297 297 ASP ASP A . n 
A 1 159 ILE 159 298 298 ILE ILE A . n 
A 1 160 LEU 160 299 299 LEU LEU A . n 
A 1 161 ALA 161 300 300 ALA ALA A . n 
A 1 162 ASP 162 301 301 ASP ASP A . n 
A 1 163 ALA 163 302 302 ALA ALA A . n 
A 1 164 PRO 164 303 303 PRO PRO A . n 
A 1 165 GLU 165 304 304 GLU GLU A . n 
A 1 166 SER 166 305 305 SER SER A . n 
A 1 167 GLN 167 306 306 GLN GLN A . n 
A 1 168 ASN 168 307 307 ASN ASN A . n 
A 1 169 ASN 169 308 308 ASN ASN A . n 
A 1 170 CYS 170 309 309 CYS CYS A . n 
A 1 171 ARG 171 310 310 ARG ARG A . n 
A 1 172 LEU 172 311 311 LEU LEU A . n 
A 1 173 ILE 173 312 312 ILE ILE A . n 
A 1 174 ALA 174 313 313 ALA ALA A . n 
A 1 175 TYR 175 314 314 TYR TYR A . n 
A 1 176 GLN 176 315 315 GLN GLN A . n 
A 1 177 GLU 177 316 316 GLU GLU A . n 
A 1 178 PRO 178 317 317 PRO PRO A . n 
A 1 179 ALA 179 318 ?   ?   ?   A . n 
A 1 180 ASP 180 319 ?   ?   ?   A . n 
A 1 181 ASP 181 320 ?   ?   ?   A . n 
A 1 182 SER 182 321 ?   ?   ?   A . n 
A 1 183 SER 183 322 ?   ?   ?   A . n 
A 1 184 PHE 184 323 ?   ?   ?   A . n 
A 1 185 SER 185 324 324 SER SER A . n 
A 1 186 LEU 186 325 325 LEU LEU A . n 
A 1 187 SER 187 326 326 SER SER A . n 
A 1 188 GLN 188 327 327 GLN GLN A . n 
A 1 189 GLU 189 328 328 GLU GLU A . n 
A 1 190 VAL 190 329 329 VAL VAL A . n 
A 1 191 LEU 191 330 330 LEU LEU A . n 
A 1 192 ARG 192 331 331 ARG ARG A . n 
A 1 193 HIS 193 332 332 HIS HIS A . n 
A 1 194 LEU 194 333 333 LEU LEU A . n 
A 1 195 ARG 195 334 334 ARG ARG A . n 
A 1 196 GLN 196 335 335 GLN GLN A . n 
A 1 197 GLU 197 336 336 GLU GLU A . n 
A 1 198 GLU 198 337 ?   ?   ?   A . n 
A 1 199 LYS 199 338 ?   ?   ?   A . n 
A 1 200 GLU 200 339 ?   ?   ?   A . n 
A 1 201 GLU 201 340 ?   ?   ?   A . n 
A 1 202 VAL 202 341 ?   ?   ?   A . n 
A 1 203 THR 203 342 ?   ?   ?   A . n 
A 1 204 VAL 204 343 ?   ?   ?   A . n 
# 
_pdbx_nonpoly_scheme.asym_id         B 
_pdbx_nonpoly_scheme.entity_id       2 
_pdbx_nonpoly_scheme.mon_id          WY8 
_pdbx_nonpoly_scheme.ndb_seq_num     1 
_pdbx_nonpoly_scheme.pdb_seq_num     401 
_pdbx_nonpoly_scheme.auth_seq_num    401 
_pdbx_nonpoly_scheme.pdb_mon_id      WY8 
_pdbx_nonpoly_scheme.auth_mon_id     202 
_pdbx_nonpoly_scheme.pdb_strand_id   A 
_pdbx_nonpoly_scheme.pdb_ins_code    . 
# 
loop_
_software.citation_id 
_software.classification 
_software.compiler_name 
_software.compiler_version 
_software.contact_author 
_software.contact_author_email 
_software.date 
_software.description 
_software.dependencies 
_software.hardware 
_software.language 
_software.location 
_software.mods 
_software.name 
_software.os 
_software.os_version 
_software.type 
_software.version 
_software.pdbx_ordinal 
? 'data reduction' ? ? ? ? ? ? ? ? ? ? ? XDS    ? ? ? 'xdsapp v3.1.9' 1 
? 'data scaling'   ? ? ? ? ? ? ? ? ? ? ? XDS    ? ? ? 'xdsapp v3.1.9' 2 
? phasing          ? ? ? ? ? ? ? ? ? ? ? PHASER ? ? ? 2.8.3           3 
? 'model building' ? ? ? ? ? ? ? ? ? ? ? Coot   ? ? ? 0.9.8.7         4 
? refinement       ? ? ? ? ? ? ? ? ? ? ? PHENIX ? ? ? 1.20.1_4487     5 
# 
_cell.angle_alpha                  90.000 
_cell.angle_alpha_esd              ? 
_cell.angle_beta                   97.580 
_cell.angle_beta_esd               ? 
_cell.angle_gamma                  90.000 
_cell.angle_gamma_esd              ? 
_cell.entry_id                     8P45 
_cell.details                      ? 
_cell.formula_units_Z              ? 
_cell.length_a                     89.490 
_cell.length_a_esd                 ? 
_cell.length_b                     77.980 
_cell.length_b_esd                 ? 
_cell.length_c                     35.420 
_cell.length_c_esd                 ? 
_cell.volume                       245016.086 
_cell.volume_esd                   ? 
_cell.Z_PDB                        4 
_cell.reciprocal_angle_alpha       ? 
_cell.reciprocal_angle_beta        ? 
_cell.reciprocal_angle_gamma       ? 
_cell.reciprocal_angle_alpha_esd   ? 
_cell.reciprocal_angle_beta_esd    ? 
_cell.reciprocal_angle_gamma_esd   ? 
_cell.reciprocal_length_a          ? 
_cell.reciprocal_length_b          ? 
_cell.reciprocal_length_c          ? 
_cell.reciprocal_length_a_esd      ? 
_cell.reciprocal_length_b_esd      ? 
_cell.reciprocal_length_c_esd      ? 
_cell.pdbx_unique_axis             ? 
_cell.pdbx_esd_method              ? 
# 
_symmetry.entry_id                         8P45 
_symmetry.cell_setting                     ? 
_symmetry.Int_Tables_number                5 
_symmetry.space_group_name_Hall            'C 2y' 
_symmetry.space_group_name_H-M             'C 1 2 1' 
_symmetry.pdbx_full_space_group_name_H-M   ? 
# 
_exptl.absorpt_coefficient_mu     ? 
_exptl.absorpt_correction_T_max   ? 
_exptl.absorpt_correction_T_min   ? 
_exptl.absorpt_correction_type    ? 
_exptl.absorpt_process_details    ? 
_exptl.entry_id                   8P45 
_exptl.crystals_number            1 
_exptl.details                    ? 
_exptl.method                     'X-RAY DIFFRACTION' 
_exptl.method_details             ? 
# 
_exptl_crystal.colour                       ? 
_exptl_crystal.density_diffrn               ? 
_exptl_crystal.density_Matthews             2.64 
_exptl_crystal.density_method               ? 
_exptl_crystal.density_percent_sol          53.44 
_exptl_crystal.description                  ? 
_exptl_crystal.F_000                        ? 
_exptl_crystal.id                           1 
_exptl_crystal.preparation                  ? 
_exptl_crystal.size_max                     ? 
_exptl_crystal.size_mid                     ? 
_exptl_crystal.size_min                     ? 
_exptl_crystal.size_rad                     ? 
_exptl_crystal.colour_lustre                ? 
_exptl_crystal.colour_modifier              ? 
_exptl_crystal.colour_primary               ? 
_exptl_crystal.density_meas                 ? 
_exptl_crystal.density_meas_esd             ? 
_exptl_crystal.density_meas_gt              ? 
_exptl_crystal.density_meas_lt              ? 
_exptl_crystal.density_meas_temp            ? 
_exptl_crystal.density_meas_temp_esd        ? 
_exptl_crystal.density_meas_temp_gt         ? 
_exptl_crystal.density_meas_temp_lt         ? 
_exptl_crystal.pdbx_crystal_image_url       ? 
_exptl_crystal.pdbx_crystal_image_format    ? 
_exptl_crystal.pdbx_mosaicity               ? 
_exptl_crystal.pdbx_mosaicity_esd           ? 
_exptl_crystal.pdbx_mosaic_method           ? 
_exptl_crystal.pdbx_mosaic_block_size       ? 
_exptl_crystal.pdbx_mosaic_block_size_esd   ? 
# 
_exptl_crystal_grow.apparatus       ? 
_exptl_crystal_grow.atmosphere      ? 
_exptl_crystal_grow.crystal_id      1 
_exptl_crystal_grow.details         ? 
_exptl_crystal_grow.method          'VAPOR DIFFUSION, SITTING DROP' 
_exptl_crystal_grow.method_ref      ? 
_exptl_crystal_grow.pH              ? 
_exptl_crystal_grow.pressure        ? 
_exptl_crystal_grow.pressure_esd    ? 
_exptl_crystal_grow.seeding         ? 
_exptl_crystal_grow.seeding_ref     ? 
_exptl_crystal_grow.temp_details    ? 
_exptl_crystal_grow.temp_esd        ? 
_exptl_crystal_grow.time            ? 
_exptl_crystal_grow.pdbx_details    
;200 mM sodium chloride;
100 mM HEPES pH 7.5;
20 % w/v PEG 4000;
10 mM spermine, 10 mM spermidine, 10mM ornithine, 10 mM 1,4-diaminobutane
;
_exptl_crystal_grow.pdbx_pH_range   ? 
_exptl_crystal_grow.temp            291 
# 
_diffrn.ambient_environment              ? 
_diffrn.ambient_temp                     100 
_diffrn.ambient_temp_details             ? 
_diffrn.ambient_temp_esd                 ? 
_diffrn.crystal_id                       1 
_diffrn.crystal_support                  ? 
_diffrn.crystal_treatment                ? 
_diffrn.details                          ? 
_diffrn.id                               1 
_diffrn.ambient_pressure                 ? 
_diffrn.ambient_pressure_esd             ? 
_diffrn.ambient_pressure_gt              ? 
_diffrn.ambient_pressure_lt              ? 
_diffrn.ambient_temp_gt                  ? 
_diffrn.ambient_temp_lt                  ? 
_diffrn.pdbx_serial_crystal_experiment   N 
# 
_diffrn_detector.details                      ? 
_diffrn_detector.detector                     PIXEL 
_diffrn_detector.diffrn_id                    1 
_diffrn_detector.type                         'DECTRIS PILATUS3 6M' 
_diffrn_detector.area_resol_mean              ? 
_diffrn_detector.dtime                        ? 
_diffrn_detector.pdbx_frames_total            ? 
_diffrn_detector.pdbx_collection_time_total   ? 
_diffrn_detector.pdbx_collection_date         2023-05-11 
_diffrn_detector.pdbx_frequency               ? 
_diffrn_detector.id                           ? 
_diffrn_detector.number_of_axes               ? 
# 
_diffrn_radiation.collimation                      ? 
_diffrn_radiation.diffrn_id                        1 
_diffrn_radiation.filter_edge                      ? 
_diffrn_radiation.inhomogeneity                    ? 
_diffrn_radiation.monochromator                    ? 
_diffrn_radiation.polarisn_norm                    ? 
_diffrn_radiation.polarisn_ratio                   ? 
_diffrn_radiation.probe                            ? 
_diffrn_radiation.type                             ? 
_diffrn_radiation.xray_symbol                      ? 
_diffrn_radiation.wavelength_id                    1 
_diffrn_radiation.pdbx_monochromatic_or_laue_m_l   M 
_diffrn_radiation.pdbx_wavelength_list             ? 
_diffrn_radiation.pdbx_wavelength                  ? 
_diffrn_radiation.pdbx_diffrn_protocol             'SINGLE WAVELENGTH' 
_diffrn_radiation.pdbx_analyzer                    ? 
_diffrn_radiation.pdbx_scattering_type             x-ray 
# 
_diffrn_radiation_wavelength.id           1 
_diffrn_radiation_wavelength.wavelength   0.9184 
_diffrn_radiation_wavelength.wt           1.0 
# 
_diffrn_source.current                     ? 
_diffrn_source.details                     ? 
_diffrn_source.diffrn_id                   1 
_diffrn_source.power                       ? 
_diffrn_source.size                        ? 
_diffrn_source.source                      SYNCHROTRON 
_diffrn_source.target                      ? 
_diffrn_source.type                        'BESSY BEAMLINE 14.1' 
_diffrn_source.voltage                     ? 
_diffrn_source.take-off_angle              ? 
_diffrn_source.pdbx_wavelength_list        0.9184 
_diffrn_source.pdbx_wavelength             ? 
_diffrn_source.pdbx_synchrotron_beamline   14.1 
_diffrn_source.pdbx_synchrotron_site       BESSY 
# 
_reflns.B_iso_Wilson_estimate                          90.47 
_reflns.entry_id                                       8P45 
_reflns.data_reduction_details                         ? 
_reflns.data_reduction_method                          ? 
_reflns.d_resolution_high                              3.23 
_reflns.d_resolution_low                               44.35 
_reflns.details                                        ? 
_reflns.limit_h_max                                    ? 
_reflns.limit_h_min                                    ? 
_reflns.limit_k_max                                    ? 
_reflns.limit_k_min                                    ? 
_reflns.limit_l_max                                    ? 
_reflns.limit_l_min                                    ? 
_reflns.number_all                                     ? 
_reflns.number_obs                                     3917 
_reflns.observed_criterion                             ? 
_reflns.observed_criterion_F_max                       ? 
_reflns.observed_criterion_F_min                       ? 
_reflns.observed_criterion_I_max                       ? 
_reflns.observed_criterion_I_min                       ? 
_reflns.observed_criterion_sigma_F                     ? 
_reflns.observed_criterion_sigma_I                     ? 
_reflns.percent_possible_obs                           99.90 
_reflns.R_free_details                                 ? 
_reflns.Rmerge_F_all                                   ? 
_reflns.Rmerge_F_obs                                   ? 
_reflns.Friedel_coverage                               ? 
_reflns.number_gt                                      ? 
_reflns.threshold_expression                           ? 
_reflns.pdbx_redundancy                                12.1 
_reflns.pdbx_netI_over_av_sigmaI                       ? 
_reflns.pdbx_netI_over_sigmaI                          8.20 
_reflns.pdbx_res_netI_over_av_sigmaI_2                 ? 
_reflns.pdbx_res_netI_over_sigmaI_2                    ? 
_reflns.pdbx_chi_squared                               ? 
_reflns.pdbx_scaling_rejects                           ? 
_reflns.pdbx_d_res_high_opt                            ? 
_reflns.pdbx_d_res_low_opt                             ? 
_reflns.pdbx_d_res_opt_method                          ? 
_reflns.phase_calculation_details                      ? 
_reflns.pdbx_Rrim_I_all                                0.3135 
_reflns.pdbx_Rpim_I_all                                0.08825 
_reflns.pdbx_d_opt                                     ? 
_reflns.pdbx_number_measured_all                       ? 
_reflns.pdbx_diffrn_id                                 1 
_reflns.pdbx_ordinal                                   1 
_reflns.pdbx_CC_half                                   0.995 
_reflns.pdbx_CC_star                                   0.999 
_reflns.pdbx_R_split                                   ? 
_reflns.pdbx_Rmerge_I_obs                              0.3004 
_reflns.pdbx_Rmerge_I_all                              ? 
_reflns.pdbx_Rsym_value                                ? 
_reflns.pdbx_CC_split_method                           ? 
_reflns.pdbx_aniso_diffraction_limit_axis_1_ortho[1]   ? 
_reflns.pdbx_aniso_diffraction_limit_axis_1_ortho[2]   ? 
_reflns.pdbx_aniso_diffraction_limit_axis_1_ortho[3]   ? 
_reflns.pdbx_aniso_diffraction_limit_axis_2_ortho[1]   ? 
_reflns.pdbx_aniso_diffraction_limit_axis_2_ortho[2]   ? 
_reflns.pdbx_aniso_diffraction_limit_axis_2_ortho[3]   ? 
_reflns.pdbx_aniso_diffraction_limit_axis_3_ortho[1]   ? 
_reflns.pdbx_aniso_diffraction_limit_axis_3_ortho[2]   ? 
_reflns.pdbx_aniso_diffraction_limit_axis_3_ortho[3]   ? 
_reflns.pdbx_aniso_diffraction_limit_1                 ? 
_reflns.pdbx_aniso_diffraction_limit_2                 ? 
_reflns.pdbx_aniso_diffraction_limit_3                 ? 
_reflns.pdbx_aniso_B_tensor_eigenvector_1_ortho[1]     ? 
_reflns.pdbx_aniso_B_tensor_eigenvector_1_ortho[2]     ? 
_reflns.pdbx_aniso_B_tensor_eigenvector_1_ortho[3]     ? 
_reflns.pdbx_aniso_B_tensor_eigenvector_2_ortho[1]     ? 
_reflns.pdbx_aniso_B_tensor_eigenvector_2_ortho[2]     ? 
_reflns.pdbx_aniso_B_tensor_eigenvector_2_ortho[3]     ? 
_reflns.pdbx_aniso_B_tensor_eigenvector_3_ortho[1]     ? 
_reflns.pdbx_aniso_B_tensor_eigenvector_3_ortho[2]     ? 
_reflns.pdbx_aniso_B_tensor_eigenvector_3_ortho[3]     ? 
_reflns.pdbx_aniso_B_tensor_eigenvalue_1               ? 
_reflns.pdbx_aniso_B_tensor_eigenvalue_2               ? 
_reflns.pdbx_aniso_B_tensor_eigenvalue_3               ? 
_reflns.pdbx_orthogonalization_convention              ? 
_reflns.pdbx_percent_possible_ellipsoidal              ? 
_reflns.pdbx_percent_possible_spherical                ? 
_reflns.pdbx_percent_possible_ellipsoidal_anomalous    ? 
_reflns.pdbx_percent_possible_spherical_anomalous      ? 
_reflns.pdbx_redundancy_anomalous                      ? 
_reflns.pdbx_CC_half_anomalous                         ? 
_reflns.pdbx_absDiff_over_sigma_anomalous              ? 
_reflns.pdbx_percent_possible_anomalous                ? 
_reflns.pdbx_observed_signal_threshold                 ? 
_reflns.pdbx_signal_type                               ? 
_reflns.pdbx_signal_details                            ? 
_reflns.pdbx_signal_software_id                        ? 
# 
_reflns_shell.d_res_high                                    3.23 
_reflns_shell.d_res_low                                     3.346 
_reflns_shell.meanI_over_sigI_all                           ? 
_reflns_shell.meanI_over_sigI_obs                           1.22 
_reflns_shell.number_measured_all                           ? 
_reflns_shell.number_measured_obs                           ? 
_reflns_shell.number_possible                               ? 
_reflns_shell.number_unique_all                             ? 
_reflns_shell.number_unique_obs                             370 
_reflns_shell.percent_possible_obs                          ? 
_reflns_shell.Rmerge_F_all                                  ? 
_reflns_shell.Rmerge_F_obs                                  ? 
_reflns_shell.meanI_over_sigI_gt                            ? 
_reflns_shell.meanI_over_uI_all                             ? 
_reflns_shell.meanI_over_uI_gt                              ? 
_reflns_shell.number_measured_gt                            ? 
_reflns_shell.number_unique_gt                              ? 
_reflns_shell.percent_possible_gt                           ? 
_reflns_shell.Rmerge_F_gt                                   ? 
_reflns_shell.Rmerge_I_gt                                   ? 
_reflns_shell.pdbx_redundancy                               6.9 
_reflns_shell.pdbx_chi_squared                              ? 
_reflns_shell.pdbx_netI_over_sigmaI_all                     ? 
_reflns_shell.pdbx_netI_over_sigmaI_obs                     ? 
_reflns_shell.pdbx_Rrim_I_all                               2.096 
_reflns_shell.pdbx_Rpim_I_all                               0.7869 
_reflns_shell.pdbx_rejects                                  ? 
_reflns_shell.pdbx_ordinal                                  1 
_reflns_shell.pdbx_diffrn_id                                1 
_reflns_shell.pdbx_CC_half                                  0.496 
_reflns_shell.pdbx_CC_star                                  0.814 
_reflns_shell.pdbx_R_split                                  ? 
_reflns_shell.percent_possible_all                          100.00 
_reflns_shell.Rmerge_I_all                                  ? 
_reflns_shell.Rmerge_I_obs                                  1.94 
_reflns_shell.pdbx_Rsym_value                               ? 
_reflns_shell.pdbx_percent_possible_ellipsoidal             ? 
_reflns_shell.pdbx_percent_possible_spherical               ? 
_reflns_shell.pdbx_percent_possible_ellipsoidal_anomalous   ? 
_reflns_shell.pdbx_percent_possible_spherical_anomalous     ? 
_reflns_shell.pdbx_redundancy_anomalous                     ? 
_reflns_shell.pdbx_CC_half_anomalous                        ? 
_reflns_shell.pdbx_absDiff_over_sigma_anomalous             ? 
_reflns_shell.pdbx_percent_possible_anomalous               ? 
# 
_refine.aniso_B[1][1]                            ? 
_refine.aniso_B[1][2]                            ? 
_refine.aniso_B[1][3]                            ? 
_refine.aniso_B[2][2]                            ? 
_refine.aniso_B[2][3]                            ? 
_refine.aniso_B[3][3]                            ? 
_refine.B_iso_max                                ? 
_refine.B_iso_mean                               87.15 
_refine.B_iso_min                                ? 
_refine.correlation_coeff_Fo_to_Fc               ? 
_refine.correlation_coeff_Fo_to_Fc_free          ? 
_refine.details                                  ? 
_refine.diff_density_max                         ? 
_refine.diff_density_max_esd                     ? 
_refine.diff_density_min                         ? 
_refine.diff_density_min_esd                     ? 
_refine.diff_density_rms                         ? 
_refine.diff_density_rms_esd                     ? 
_refine.entry_id                                 8P45 
_refine.pdbx_refine_id                           'X-RAY DIFFRACTION' 
_refine.ls_abs_structure_details                 ? 
_refine.ls_abs_structure_Flack                   ? 
_refine.ls_abs_structure_Flack_esd               ? 
_refine.ls_abs_structure_Rogers                  ? 
_refine.ls_abs_structure_Rogers_esd              ? 
_refine.ls_d_res_high                            3.23 
_refine.ls_d_res_low                             44.35 
_refine.ls_extinction_coef                       ? 
_refine.ls_extinction_coef_esd                   ? 
_refine.ls_extinction_expression                 ? 
_refine.ls_extinction_method                     ? 
_refine.ls_goodness_of_fit_all                   ? 
_refine.ls_goodness_of_fit_all_esd               ? 
_refine.ls_goodness_of_fit_obs                   ? 
_refine.ls_goodness_of_fit_obs_esd               ? 
_refine.ls_hydrogen_treatment                    ? 
_refine.ls_matrix_type                           ? 
_refine.ls_number_constraints                    ? 
_refine.ls_number_parameters                     ? 
_refine.ls_number_reflns_all                     ? 
_refine.ls_number_reflns_obs                     3917 
_refine.ls_number_reflns_R_free                  195 
_refine.ls_number_reflns_R_work                  3722 
_refine.ls_number_restraints                     ? 
_refine.ls_percent_reflns_obs                    99.95 
_refine.ls_percent_reflns_R_free                 4.98 
_refine.ls_R_factor_all                          ? 
_refine.ls_R_factor_obs                          0.2094 
_refine.ls_R_factor_R_free                       0.2592 
_refine.ls_R_factor_R_free_error                 ? 
_refine.ls_R_factor_R_free_error_details         ? 
_refine.ls_R_factor_R_work                       0.2069 
_refine.ls_R_Fsqd_factor_obs                     ? 
_refine.ls_R_I_factor_obs                        ? 
_refine.ls_redundancy_reflns_all                 ? 
_refine.ls_redundancy_reflns_obs                 ? 
_refine.ls_restrained_S_all                      ? 
_refine.ls_restrained_S_obs                      ? 
_refine.ls_shift_over_esd_max                    ? 
_refine.ls_shift_over_esd_mean                   ? 
_refine.ls_structure_factor_coef                 ? 
_refine.ls_weighting_details                     ? 
_refine.ls_weighting_scheme                      ? 
_refine.ls_wR_factor_all                         ? 
_refine.ls_wR_factor_obs                         ? 
_refine.ls_wR_factor_R_free                      ? 
_refine.ls_wR_factor_R_work                      ? 
_refine.occupancy_max                            ? 
_refine.occupancy_min                            ? 
_refine.solvent_model_details                    'FLAT BULK SOLVENT MODEL' 
_refine.solvent_model_param_bsol                 ? 
_refine.solvent_model_param_ksol                 ? 
_refine.pdbx_R_complete                          ? 
_refine.ls_R_factor_gt                           ? 
_refine.ls_goodness_of_fit_gt                    ? 
_refine.ls_goodness_of_fit_ref                   ? 
_refine.ls_shift_over_su_max                     ? 
_refine.ls_shift_over_su_max_lt                  ? 
_refine.ls_shift_over_su_mean                    ? 
_refine.ls_shift_over_su_mean_lt                 ? 
_refine.pdbx_ls_sigma_I                          ? 
_refine.pdbx_ls_sigma_F                          1.36 
_refine.pdbx_ls_sigma_Fsqd                       ? 
_refine.pdbx_data_cutoff_high_absF               ? 
_refine.pdbx_data_cutoff_high_rms_absF           ? 
_refine.pdbx_data_cutoff_low_absF                ? 
_refine.pdbx_isotropic_thermal_model             ? 
_refine.pdbx_ls_cross_valid_method               'FREE R-VALUE' 
_refine.pdbx_method_to_determine_struct          'MOLECULAR REPLACEMENT' 
_refine.pdbx_starting_model                      ? 
_refine.pdbx_stereochemistry_target_values       'GeoStd + Monomer Library + CDL v1.2' 
_refine.pdbx_R_Free_selection_details            'random selection' 
_refine.pdbx_stereochem_target_val_spec_case     ? 
_refine.pdbx_overall_ESU_R                       ? 
_refine.pdbx_overall_ESU_R_Free                  ? 
_refine.pdbx_solvent_vdw_probe_radii             1.1000 
_refine.pdbx_solvent_ion_probe_radii             ? 
_refine.pdbx_solvent_shrinkage_radii             0.9000 
_refine.pdbx_real_space_R                        ? 
_refine.pdbx_density_correlation                 ? 
_refine.pdbx_pd_number_of_powder_patterns        ? 
_refine.pdbx_pd_number_of_points                 ? 
_refine.pdbx_pd_meas_number_of_points            ? 
_refine.pdbx_pd_proc_ls_prof_R_factor            ? 
_refine.pdbx_pd_proc_ls_prof_wR_factor           ? 
_refine.pdbx_pd_Marquardt_correlation_coeff      ? 
_refine.pdbx_pd_Fsqrd_R_factor                   ? 
_refine.pdbx_pd_ls_matrix_band_width             ? 
_refine.pdbx_overall_phase_error                 20.3148 
_refine.pdbx_overall_SU_R_free_Cruickshank_DPI   ? 
_refine.pdbx_overall_SU_R_free_Blow_DPI          ? 
_refine.pdbx_overall_SU_R_Blow_DPI               ? 
_refine.pdbx_TLS_residual_ADP_flag               ? 
_refine.pdbx_diffrn_id                           1 
_refine.overall_SU_B                             ? 
_refine.overall_SU_ML                            0.3481 
_refine.overall_SU_R_Cruickshank_DPI             ? 
_refine.overall_SU_R_free                        ? 
_refine.overall_FOM_free_R_set                   ? 
_refine.overall_FOM_work_R_set                   ? 
_refine.pdbx_average_fsc_overall                 ? 
_refine.pdbx_average_fsc_work                    ? 
_refine.pdbx_average_fsc_free                    ? 
# 
_refine_hist.pdbx_refine_id                   'X-RAY DIFFRACTION' 
_refine_hist.cycle_id                         LAST 
_refine_hist.details                          ? 
_refine_hist.d_res_high                       3.23 
_refine_hist.d_res_low                        44.35 
_refine_hist.number_atoms_solvent             0 
_refine_hist.number_atoms_total               1473 
_refine_hist.number_reflns_all                ? 
_refine_hist.number_reflns_obs                ? 
_refine_hist.number_reflns_R_free             ? 
_refine_hist.number_reflns_R_work             ? 
_refine_hist.R_factor_all                     ? 
_refine_hist.R_factor_obs                     ? 
_refine_hist.R_factor_R_free                  ? 
_refine_hist.R_factor_R_work                  ? 
_refine_hist.pdbx_number_residues_total       ? 
_refine_hist.pdbx_B_iso_mean_ligand           ? 
_refine_hist.pdbx_B_iso_mean_solvent          ? 
_refine_hist.pdbx_number_atoms_protein        1429 
_refine_hist.pdbx_number_atoms_nucleic_acid   0 
_refine_hist.pdbx_number_atoms_ligand         44 
_refine_hist.pdbx_number_atoms_lipid          ? 
_refine_hist.pdbx_number_atoms_carb           ? 
_refine_hist.pdbx_pseudo_atom_details         ? 
# 
loop_
_refine_ls_restr.pdbx_refine_id 
_refine_ls_restr.criterion 
_refine_ls_restr.dev_ideal 
_refine_ls_restr.dev_ideal_target 
_refine_ls_restr.number 
_refine_ls_restr.rejects 
_refine_ls_restr.type 
_refine_ls_restr.weight 
_refine_ls_restr.pdbx_restraint_function 
'X-RAY DIFFRACTION' ? 0.0030  ? 1505 ? f_bond_d           ? ? 
'X-RAY DIFFRACTION' ? 0.5532  ? 2049 ? f_angle_d          ? ? 
'X-RAY DIFFRACTION' ? 0.0383  ? 224  ? f_chiral_restr     ? ? 
'X-RAY DIFFRACTION' ? 0.0039  ? 273  ? f_plane_restr      ? ? 
'X-RAY DIFFRACTION' ? 11.9914 ? 595  ? f_dihedral_angle_d ? ? 
# 
_refine_ls_shell.pdbx_refine_id                   'X-RAY DIFFRACTION' 
_refine_ls_shell.d_res_high                       3.23 
_refine_ls_shell.d_res_low                        44.35 
_refine_ls_shell.number_reflns_all                ? 
_refine_ls_shell.number_reflns_obs                ? 
_refine_ls_shell.number_reflns_R_free             195 
_refine_ls_shell.number_reflns_R_work             3722 
_refine_ls_shell.percent_reflns_obs               99.95 
_refine_ls_shell.percent_reflns_R_free            ? 
_refine_ls_shell.R_factor_all                     ? 
_refine_ls_shell.R_factor_obs                     ? 
_refine_ls_shell.R_factor_R_free_error            ? 
_refine_ls_shell.R_factor_R_work                  0.2069 
_refine_ls_shell.redundancy_reflns_all            ? 
_refine_ls_shell.redundancy_reflns_obs            ? 
_refine_ls_shell.wR_factor_all                    ? 
_refine_ls_shell.wR_factor_obs                    ? 
_refine_ls_shell.wR_factor_R_free                 ? 
_refine_ls_shell.wR_factor_R_work                 ? 
_refine_ls_shell.pdbx_R_complete                  ? 
_refine_ls_shell.pdbx_total_number_of_bins_used   ? 
_refine_ls_shell.pdbx_phase_error                 ? 
_refine_ls_shell.pdbx_fsc_work                    ? 
_refine_ls_shell.pdbx_fsc_free                    ? 
_refine_ls_shell.R_factor_R_free                  0.2592 
# 
_struct.entry_id                     8P45 
_struct.title                        'Crystal structure of human STING in complex with the agonist MD1202D' 
_struct.pdbx_model_details           ? 
_struct.pdbx_formula_weight          ? 
_struct.pdbx_formula_weight_method   ? 
_struct.pdbx_model_type_details      ? 
_struct.pdbx_CASP_flag               N 
# 
_struct_keywords.entry_id        8P45 
_struct_keywords.text            'sting, antiviral, activator, ANTIVIRAL PROTEIN' 
_struct_keywords.pdbx_keywords   'ANTIVIRAL PROTEIN' 
# 
loop_
_struct_asym.id 
_struct_asym.pdbx_blank_PDB_chainid_flag 
_struct_asym.pdbx_modified 
_struct_asym.entity_id 
_struct_asym.details 
A N N 1 ? 
B N N 2 ? 
# 
_struct_ref.id                         1 
_struct_ref.db_name                    UNP 
_struct_ref.db_code                    STING_HUMAN 
_struct_ref.pdbx_db_accession          Q86WV6 
_struct_ref.pdbx_db_isoform            ? 
_struct_ref.entity_id                  1 
_struct_ref.pdbx_seq_one_letter_code   
;APAEISAVCEKGNFNVAHGLAWSYYIGYLRLILPELQARIRTYNQHYNNLLRGAVSQRLYILLPLDCGVPDNLSMADPNI
RFLDKLPQQTGDHAGIKDRVYSNSIYELLENGQRAGTCVLEYATPLQTLFAMSQYSQAGFSREDRLEQAKLFCRTLEDIL
ADAPESQNNCRLIAYQEPADDSSFSLSQEVLRHLRQEEKEEVTV
;
_struct_ref.pdbx_align_begin           140 
# 
_struct_ref_seq.align_id                      1 
_struct_ref_seq.ref_id                        1 
_struct_ref_seq.pdbx_PDB_id_code              8P45 
_struct_ref_seq.pdbx_strand_id                A 
_struct_ref_seq.seq_align_beg                 1 
_struct_ref_seq.pdbx_seq_align_beg_ins_code   ? 
_struct_ref_seq.seq_align_end                 204 
_struct_ref_seq.pdbx_seq_align_end_ins_code   ? 
_struct_ref_seq.pdbx_db_accession             Q86WV6 
_struct_ref_seq.db_align_beg                  140 
_struct_ref_seq.pdbx_db_align_beg_ins_code    ? 
_struct_ref_seq.db_align_end                  343 
_struct_ref_seq.pdbx_db_align_end_ins_code    ? 
_struct_ref_seq.pdbx_auth_seq_align_beg       140 
_struct_ref_seq.pdbx_auth_seq_align_end       343 
# 
_struct_ref_seq_dif.align_id                     1 
_struct_ref_seq_dif.pdbx_pdb_id_code             8P45 
_struct_ref_seq_dif.mon_id                       ARG 
_struct_ref_seq_dif.pdbx_pdb_strand_id           A 
_struct_ref_seq_dif.seq_num                      93 
_struct_ref_seq_dif.pdbx_pdb_ins_code            ? 
_struct_ref_seq_dif.pdbx_seq_db_name             UNP 
_struct_ref_seq_dif.pdbx_seq_db_accession_code   Q86WV6 
_struct_ref_seq_dif.db_mon_id                    HIS 
_struct_ref_seq_dif.pdbx_seq_db_seq_num          232 
_struct_ref_seq_dif.details                      variant 
_struct_ref_seq_dif.pdbx_auth_seq_num            232 
_struct_ref_seq_dif.pdbx_ordinal                 1 
# 
_pdbx_struct_assembly.id                   1 
_pdbx_struct_assembly.details              author_and_software_defined_assembly 
_pdbx_struct_assembly.method_details       PISA 
_pdbx_struct_assembly.oligomeric_details   dimeric 
_pdbx_struct_assembly.oligomeric_count     2 
# 
loop_
_pdbx_struct_assembly_prop.biol_id 
_pdbx_struct_assembly_prop.type 
_pdbx_struct_assembly_prop.value 
_pdbx_struct_assembly_prop.details 
1 'ABSA (A^2)' 3930  ? 
1 MORE         -19   ? 
1 'SSA (A^2)'  15980 ? 
# 
_pdbx_struct_assembly_gen.assembly_id       1 
_pdbx_struct_assembly_gen.oper_expression   1,2 
_pdbx_struct_assembly_gen.asym_id_list      A,B 
# 
_pdbx_struct_assembly_auth_evidence.id                     1 
_pdbx_struct_assembly_auth_evidence.assembly_id            1 
_pdbx_struct_assembly_auth_evidence.experimental_support   'gel filtration' 
_pdbx_struct_assembly_auth_evidence.details                ? 
# 
loop_
_pdbx_struct_oper_list.id 
_pdbx_struct_oper_list.type 
_pdbx_struct_oper_list.name 
_pdbx_struct_oper_list.symmetry_operation 
_pdbx_struct_oper_list.matrix[1][1] 
_pdbx_struct_oper_list.matrix[1][2] 
_pdbx_struct_oper_list.matrix[1][3] 
_pdbx_struct_oper_list.vector[1] 
_pdbx_struct_oper_list.matrix[2][1] 
_pdbx_struct_oper_list.matrix[2][2] 
_pdbx_struct_oper_list.matrix[2][3] 
_pdbx_struct_oper_list.vector[2] 
_pdbx_struct_oper_list.matrix[3][1] 
_pdbx_struct_oper_list.matrix[3][2] 
_pdbx_struct_oper_list.matrix[3][3] 
_pdbx_struct_oper_list.vector[3] 
1 'identity operation'         1_555 x,y,z     1.0000000000  0.0000000000  0.0000000000  0.0000000000   0.0000000000  1.0000000000 0.0000000000 0.0000000000  0.0000000000  0.0000000000 1.0000000000  0.0000000000  
2 'crystal symmetry operation' 2_655 -x+1,y,-z -0.7934002057 -0.6071220727 -0.0438052786 -10.1534911205 -0.6071220727 0.7841121886 0.1287278704 -5.1327965451 -0.0438052786 0.1287278704 -0.9907119828 23.2511910227 
# 
loop_
_struct_conf.conf_type_id 
_struct_conf.id 
_struct_conf.pdbx_PDB_helix_id 
_struct_conf.beg_label_comp_id 
_struct_conf.beg_label_asym_id 
_struct_conf.beg_label_seq_id 
_struct_conf.pdbx_beg_PDB_ins_code 
_struct_conf.end_label_comp_id 
_struct_conf.end_label_asym_id 
_struct_conf.end_label_seq_id 
_struct_conf.pdbx_end_PDB_ins_code 
_struct_conf.beg_auth_comp_id 
_struct_conf.beg_auth_asym_id 
_struct_conf.beg_auth_seq_id 
_struct_conf.end_auth_comp_id 
_struct_conf.end_auth_asym_id 
_struct_conf.end_auth_seq_id 
_struct_conf.pdbx_PDB_helix_class 
_struct_conf.details 
_struct_conf.pdbx_PDB_helix_length 
HELX_P HELX_P1 AA1 ASN A 15  ? TYR A 28  ? ASN A 154 TYR A 167 1 ? 14 
HELX_P HELX_P2 AA2 TYR A 28  ? LEU A 33  ? TYR A 167 LEU A 172 1 ? 6  
HELX_P HELX_P3 AA3 LEU A 36  ? TYR A 47  ? LEU A 175 TYR A 186 1 ? 12 
HELX_P HELX_P4 AA4 ASN A 72  ? ASP A 77  ? ASN A 211 ASP A 216 1 ? 6  
HELX_P HELX_P5 AA5 ALA A 123 ? TYR A 135 ? ALA A 262 TYR A 274 1 ? 13 
HELX_P HELX_P6 AA6 SER A 141 ? ASP A 162 ? SER A 280 ASP A 301 1 ? 22 
HELX_P HELX_P7 AA7 LEU A 186 ? GLN A 196 ? LEU A 325 GLN A 335 1 ? 11 
# 
_struct_conf_type.id          HELX_P 
_struct_conf_type.criteria    ? 
_struct_conf_type.reference   ? 
# 
loop_
_struct_sheet.id 
_struct_sheet.type 
_struct_sheet.number_strands 
_struct_sheet.details 
AA1 ? 5 ? 
AA2 ? 2 ? 
# 
loop_
_struct_sheet_order.sheet_id 
_struct_sheet_order.range_id_1 
_struct_sheet_order.range_id_2 
_struct_sheet_order.offset 
_struct_sheet_order.sense 
AA1 1 2 ? anti-parallel 
AA1 2 3 ? anti-parallel 
AA1 3 4 ? parallel      
AA1 4 5 ? parallel      
AA2 1 2 ? anti-parallel 
# 
loop_
_struct_sheet_range.sheet_id 
_struct_sheet_range.id 
_struct_sheet_range.beg_label_comp_id 
_struct_sheet_range.beg_label_asym_id 
_struct_sheet_range.beg_label_seq_id 
_struct_sheet_range.pdbx_beg_PDB_ins_code 
_struct_sheet_range.end_label_comp_id 
_struct_sheet_range.end_label_asym_id 
_struct_sheet_range.end_label_seq_id 
_struct_sheet_range.pdbx_end_PDB_ins_code 
_struct_sheet_range.beg_auth_comp_id 
_struct_sheet_range.beg_auth_asym_id 
_struct_sheet_range.beg_auth_seq_id 
_struct_sheet_range.end_auth_comp_id 
_struct_sheet_range.end_auth_asym_id 
_struct_sheet_range.end_auth_seq_id 
AA1 1 ILE A 80  ? LYS A 85  ? ILE A 219 LYS A 224 
AA1 2 SER A 104 ? GLU A 110 ? SER A 243 GLU A 249 
AA1 3 GLN A 113 ? TYR A 122 ? GLN A 252 TYR A 261 
AA1 4 LEU A 59  ? PRO A 64  ? LEU A 198 PRO A 203 
AA1 5 CYS A 170 ? TYR A 175 ? CYS A 309 TYR A 314 
AA2 1 GLN A 89  ? ARG A 93  ? GLN A 228 ARG A 232 
AA2 2 ILE A 96  ? TYR A 101 ? ILE A 235 TYR A 240 
# 
loop_
_pdbx_struct_sheet_hbond.sheet_id 
_pdbx_struct_sheet_hbond.range_id_1 
_pdbx_struct_sheet_hbond.range_id_2 
_pdbx_struct_sheet_hbond.range_1_label_atom_id 
_pdbx_struct_sheet_hbond.range_1_label_comp_id 
_pdbx_struct_sheet_hbond.range_1_label_asym_id 
_pdbx_struct_sheet_hbond.range_1_label_seq_id 
_pdbx_struct_sheet_hbond.range_1_PDB_ins_code 
_pdbx_struct_sheet_hbond.range_1_auth_atom_id 
_pdbx_struct_sheet_hbond.range_1_auth_comp_id 
_pdbx_struct_sheet_hbond.range_1_auth_asym_id 
_pdbx_struct_sheet_hbond.range_1_auth_seq_id 
_pdbx_struct_sheet_hbond.range_2_label_atom_id 
_pdbx_struct_sheet_hbond.range_2_label_comp_id 
_pdbx_struct_sheet_hbond.range_2_label_asym_id 
_pdbx_struct_sheet_hbond.range_2_label_seq_id 
_pdbx_struct_sheet_hbond.range_2_PDB_ins_code 
_pdbx_struct_sheet_hbond.range_2_auth_atom_id 
_pdbx_struct_sheet_hbond.range_2_auth_comp_id 
_pdbx_struct_sheet_hbond.range_2_auth_asym_id 
_pdbx_struct_sheet_hbond.range_2_auth_seq_id 
AA1 1 2 N ASP A 84  ? N ASP A 223 O ILE A 105 ? O ILE A 244 
AA1 2 3 N LEU A 108 ? N LEU A 247 O ALA A 115 ? O ALA A 254 
AA1 3 4 O GLU A 121 ? O GLU A 260 N LEU A 62  ? N LEU A 201 
AA1 4 5 N LEU A 63  ? N LEU A 202 O ILE A 173 ? O ILE A 312 
AA2 1 2 N GLN A 89  ? N GLN A 228 O TYR A 101 ? O TYR A 240 
# 
loop_
_pdbx_validate_torsion.id 
_pdbx_validate_torsion.PDB_model_num 
_pdbx_validate_torsion.auth_comp_id 
_pdbx_validate_torsion.auth_asym_id 
_pdbx_validate_torsion.auth_seq_id 
_pdbx_validate_torsion.PDB_ins_code 
_pdbx_validate_torsion.label_alt_id 
_pdbx_validate_torsion.phi 
_pdbx_validate_torsion.psi 
1 1 TYR A 167 ? ? -122.58 -51.41 
2 1 SER A 305 ? ? -91.99  54.54  
# 
loop_
_space_group_symop.id 
_space_group_symop.operation_xyz 
1 x,y,z           
2 -x,y,-z         
3 x+1/2,y+1/2,z   
4 -x+1/2,y+1/2,-z 
# 
_pdbx_entry_details.entry_id                 8P45 
_pdbx_entry_details.has_ligand_of_interest   Y 
_pdbx_entry_details.compound_details         ? 
_pdbx_entry_details.source_details           ? 
_pdbx_entry_details.nonpolymer_details       ? 
_pdbx_entry_details.sequence_details         ? 
# 
loop_
_pdbx_unobs_or_zero_occ_residues.id 
_pdbx_unobs_or_zero_occ_residues.PDB_model_num 
_pdbx_unobs_or_zero_occ_residues.polymer_flag 
_pdbx_unobs_or_zero_occ_residues.occupancy_flag 
_pdbx_unobs_or_zero_occ_residues.auth_asym_id 
_pdbx_unobs_or_zero_occ_residues.auth_comp_id 
_pdbx_unobs_or_zero_occ_residues.auth_seq_id 
_pdbx_unobs_or_zero_occ_residues.PDB_ins_code 
_pdbx_unobs_or_zero_occ_residues.label_asym_id 
_pdbx_unobs_or_zero_occ_residues.label_comp_id 
_pdbx_unobs_or_zero_occ_residues.label_seq_id 
1  1 Y 1 A ALA 140 ? A ALA 1   
2  1 Y 1 A PRO 141 ? A PRO 2   
3  1 Y 1 A ALA 142 ? A ALA 3   
4  1 Y 1 A GLU 143 ? A GLU 4   
5  1 Y 1 A ILE 144 ? A ILE 5   
6  1 Y 1 A SER 145 ? A SER 6   
7  1 Y 1 A ALA 146 ? A ALA 7   
8  1 Y 1 A VAL 147 ? A VAL 8   
9  1 Y 1 A CYS 148 ? A CYS 9   
10 1 Y 1 A GLU 149 ? A GLU 10  
11 1 Y 1 A LYS 150 ? A LYS 11  
12 1 Y 1 A GLY 151 ? A GLY 12  
13 1 Y 1 A ASN 152 ? A ASN 13  
14 1 Y 1 A PHE 153 ? A PHE 14  
15 1 Y 1 A ALA 318 ? A ALA 179 
16 1 Y 1 A ASP 319 ? A ASP 180 
17 1 Y 1 A ASP 320 ? A ASP 181 
18 1 Y 1 A SER 321 ? A SER 182 
19 1 Y 1 A SER 322 ? A SER 183 
20 1 Y 1 A PHE 323 ? A PHE 184 
21 1 Y 1 A GLU 337 ? A GLU 198 
22 1 Y 1 A LYS 338 ? A LYS 199 
23 1 Y 1 A GLU 339 ? A GLU 200 
24 1 Y 1 A GLU 340 ? A GLU 201 
25 1 Y 1 A VAL 341 ? A VAL 202 
26 1 Y 1 A THR 342 ? A THR 203 
27 1 Y 1 A VAL 343 ? A VAL 204 
# 
loop_
_chem_comp_atom.comp_id 
_chem_comp_atom.atom_id 
_chem_comp_atom.type_symbol 
_chem_comp_atom.pdbx_aromatic_flag 
_chem_comp_atom.pdbx_stereo_config 
_chem_comp_atom.pdbx_ordinal 
ALA N    N N N 1   
ALA CA   C N S 2   
ALA C    C N N 3   
ALA O    O N N 4   
ALA CB   C N N 5   
ALA OXT  O N N 6   
ALA H    H N N 7   
ALA H2   H N N 8   
ALA HA   H N N 9   
ALA HB1  H N N 10  
ALA HB2  H N N 11  
ALA HB3  H N N 12  
ALA HXT  H N N 13  
ARG N    N N N 14  
ARG CA   C N S 15  
ARG C    C N N 16  
ARG O    O N N 17  
ARG CB   C N N 18  
ARG CG   C N N 19  
ARG CD   C N N 20  
ARG NE   N N N 21  
ARG CZ   C N N 22  
ARG NH1  N N N 23  
ARG NH2  N N N 24  
ARG OXT  O N N 25  
ARG H    H N N 26  
ARG H2   H N N 27  
ARG HA   H N N 28  
ARG HB2  H N N 29  
ARG HB3  H N N 30  
ARG HG2  H N N 31  
ARG HG3  H N N 32  
ARG HD2  H N N 33  
ARG HD3  H N N 34  
ARG HE   H N N 35  
ARG HH11 H N N 36  
ARG HH12 H N N 37  
ARG HH21 H N N 38  
ARG HH22 H N N 39  
ARG HXT  H N N 40  
ASN N    N N N 41  
ASN CA   C N S 42  
ASN C    C N N 43  
ASN O    O N N 44  
ASN CB   C N N 45  
ASN CG   C N N 46  
ASN OD1  O N N 47  
ASN ND2  N N N 48  
ASN OXT  O N N 49  
ASN H    H N N 50  
ASN H2   H N N 51  
ASN HA   H N N 52  
ASN HB2  H N N 53  
ASN HB3  H N N 54  
ASN HD21 H N N 55  
ASN HD22 H N N 56  
ASN HXT  H N N 57  
ASP N    N N N 58  
ASP CA   C N S 59  
ASP C    C N N 60  
ASP O    O N N 61  
ASP CB   C N N 62  
ASP CG   C N N 63  
ASP OD1  O N N 64  
ASP OD2  O N N 65  
ASP OXT  O N N 66  
ASP H    H N N 67  
ASP H2   H N N 68  
ASP HA   H N N 69  
ASP HB2  H N N 70  
ASP HB3  H N N 71  
ASP HD2  H N N 72  
ASP HXT  H N N 73  
CYS N    N N N 74  
CYS CA   C N R 75  
CYS C    C N N 76  
CYS O    O N N 77  
CYS CB   C N N 78  
CYS SG   S N N 79  
CYS OXT  O N N 80  
CYS H    H N N 81  
CYS H2   H N N 82  
CYS HA   H N N 83  
CYS HB2  H N N 84  
CYS HB3  H N N 85  
CYS HG   H N N 86  
CYS HXT  H N N 87  
GLN N    N N N 88  
GLN CA   C N S 89  
GLN C    C N N 90  
GLN O    O N N 91  
GLN CB   C N N 92  
GLN CG   C N N 93  
GLN CD   C N N 94  
GLN OE1  O N N 95  
GLN NE2  N N N 96  
GLN OXT  O N N 97  
GLN H    H N N 98  
GLN H2   H N N 99  
GLN HA   H N N 100 
GLN HB2  H N N 101 
GLN HB3  H N N 102 
GLN HG2  H N N 103 
GLN HG3  H N N 104 
GLN HE21 H N N 105 
GLN HE22 H N N 106 
GLN HXT  H N N 107 
GLU N    N N N 108 
GLU CA   C N S 109 
GLU C    C N N 110 
GLU O    O N N 111 
GLU CB   C N N 112 
GLU CG   C N N 113 
GLU CD   C N N 114 
GLU OE1  O N N 115 
GLU OE2  O N N 116 
GLU OXT  O N N 117 
GLU H    H N N 118 
GLU H2   H N N 119 
GLU HA   H N N 120 
GLU HB2  H N N 121 
GLU HB3  H N N 122 
GLU HG2  H N N 123 
GLU HG3  H N N 124 
GLU HE2  H N N 125 
GLU HXT  H N N 126 
GLY N    N N N 127 
GLY CA   C N N 128 
GLY C    C N N 129 
GLY O    O N N 130 
GLY OXT  O N N 131 
GLY H    H N N 132 
GLY H2   H N N 133 
GLY HA2  H N N 134 
GLY HA3  H N N 135 
GLY HXT  H N N 136 
HIS N    N N N 137 
HIS CA   C N S 138 
HIS C    C N N 139 
HIS O    O N N 140 
HIS CB   C N N 141 
HIS CG   C Y N 142 
HIS ND1  N Y N 143 
HIS CD2  C Y N 144 
HIS CE1  C Y N 145 
HIS NE2  N Y N 146 
HIS OXT  O N N 147 
HIS H    H N N 148 
HIS H2   H N N 149 
HIS HA   H N N 150 
HIS HB2  H N N 151 
HIS HB3  H N N 152 
HIS HD1  H N N 153 
HIS HD2  H N N 154 
HIS HE1  H N N 155 
HIS HE2  H N N 156 
HIS HXT  H N N 157 
ILE N    N N N 158 
ILE CA   C N S 159 
ILE C    C N N 160 
ILE O    O N N 161 
ILE CB   C N S 162 
ILE CG1  C N N 163 
ILE CG2  C N N 164 
ILE CD1  C N N 165 
ILE OXT  O N N 166 
ILE H    H N N 167 
ILE H2   H N N 168 
ILE HA   H N N 169 
ILE HB   H N N 170 
ILE HG12 H N N 171 
ILE HG13 H N N 172 
ILE HG21 H N N 173 
ILE HG22 H N N 174 
ILE HG23 H N N 175 
ILE HD11 H N N 176 
ILE HD12 H N N 177 
ILE HD13 H N N 178 
ILE HXT  H N N 179 
LEU N    N N N 180 
LEU CA   C N S 181 
LEU C    C N N 182 
LEU O    O N N 183 
LEU CB   C N N 184 
LEU CG   C N N 185 
LEU CD1  C N N 186 
LEU CD2  C N N 187 
LEU OXT  O N N 188 
LEU H    H N N 189 
LEU H2   H N N 190 
LEU HA   H N N 191 
LEU HB2  H N N 192 
LEU HB3  H N N 193 
LEU HG   H N N 194 
LEU HD11 H N N 195 
LEU HD12 H N N 196 
LEU HD13 H N N 197 
LEU HD21 H N N 198 
LEU HD22 H N N 199 
LEU HD23 H N N 200 
LEU HXT  H N N 201 
LYS N    N N N 202 
LYS CA   C N S 203 
LYS C    C N N 204 
LYS O    O N N 205 
LYS CB   C N N 206 
LYS CG   C N N 207 
LYS CD   C N N 208 
LYS CE   C N N 209 
LYS NZ   N N N 210 
LYS OXT  O N N 211 
LYS H    H N N 212 
LYS H2   H N N 213 
LYS HA   H N N 214 
LYS HB2  H N N 215 
LYS HB3  H N N 216 
LYS HG2  H N N 217 
LYS HG3  H N N 218 
LYS HD2  H N N 219 
LYS HD3  H N N 220 
LYS HE2  H N N 221 
LYS HE3  H N N 222 
LYS HZ1  H N N 223 
LYS HZ2  H N N 224 
LYS HZ3  H N N 225 
LYS HXT  H N N 226 
MET N    N N N 227 
MET CA   C N S 228 
MET C    C N N 229 
MET O    O N N 230 
MET CB   C N N 231 
MET CG   C N N 232 
MET SD   S N N 233 
MET CE   C N N 234 
MET OXT  O N N 235 
MET H    H N N 236 
MET H2   H N N 237 
MET HA   H N N 238 
MET HB2  H N N 239 
MET HB3  H N N 240 
MET HG2  H N N 241 
MET HG3  H N N 242 
MET HE1  H N N 243 
MET HE2  H N N 244 
MET HE3  H N N 245 
MET HXT  H N N 246 
PHE N    N N N 247 
PHE CA   C N S 248 
PHE C    C N N 249 
PHE O    O N N 250 
PHE CB   C N N 251 
PHE CG   C Y N 252 
PHE CD1  C Y N 253 
PHE CD2  C Y N 254 
PHE CE1  C Y N 255 
PHE CE2  C Y N 256 
PHE CZ   C Y N 257 
PHE OXT  O N N 258 
PHE H    H N N 259 
PHE H2   H N N 260 
PHE HA   H N N 261 
PHE HB2  H N N 262 
PHE HB3  H N N 263 
PHE HD1  H N N 264 
PHE HD2  H N N 265 
PHE HE1  H N N 266 
PHE HE2  H N N 267 
PHE HZ   H N N 268 
PHE HXT  H N N 269 
PRO N    N N N 270 
PRO CA   C N S 271 
PRO C    C N N 272 
PRO O    O N N 273 
PRO CB   C N N 274 
PRO CG   C N N 275 
PRO CD   C N N 276 
PRO OXT  O N N 277 
PRO H    H N N 278 
PRO HA   H N N 279 
PRO HB2  H N N 280 
PRO HB3  H N N 281 
PRO HG2  H N N 282 
PRO HG3  H N N 283 
PRO HD2  H N N 284 
PRO HD3  H N N 285 
PRO HXT  H N N 286 
SER N    N N N 287 
SER CA   C N S 288 
SER C    C N N 289 
SER O    O N N 290 
SER CB   C N N 291 
SER OG   O N N 292 
SER OXT  O N N 293 
SER H    H N N 294 
SER H2   H N N 295 
SER HA   H N N 296 
SER HB2  H N N 297 
SER HB3  H N N 298 
SER HG   H N N 299 
SER HXT  H N N 300 
THR N    N N N 301 
THR CA   C N S 302 
THR C    C N N 303 
THR O    O N N 304 
THR CB   C N R 305 
THR OG1  O N N 306 
THR CG2  C N N 307 
THR OXT  O N N 308 
THR H    H N N 309 
THR H2   H N N 310 
THR HA   H N N 311 
THR HB   H N N 312 
THR HG1  H N N 313 
THR HG21 H N N 314 
THR HG22 H N N 315 
THR HG23 H N N 316 
THR HXT  H N N 317 
TRP N    N N N 318 
TRP CA   C N S 319 
TRP C    C N N 320 
TRP O    O N N 321 
TRP CB   C N N 322 
TRP CG   C Y N 323 
TRP CD1  C Y N 324 
TRP CD2  C Y N 325 
TRP NE1  N Y N 326 
TRP CE2  C Y N 327 
TRP CE3  C Y N 328 
TRP CZ2  C Y N 329 
TRP CZ3  C Y N 330 
TRP CH2  C Y N 331 
TRP OXT  O N N 332 
TRP H    H N N 333 
TRP H2   H N N 334 
TRP HA   H N N 335 
TRP HB2  H N N 336 
TRP HB3  H N N 337 
TRP HD1  H N N 338 
TRP HE1  H N N 339 
TRP HE3  H N N 340 
TRP HZ2  H N N 341 
TRP HZ3  H N N 342 
TRP HH2  H N N 343 
TRP HXT  H N N 344 
TYR N    N N N 345 
TYR CA   C N S 346 
TYR C    C N N 347 
TYR O    O N N 348 
TYR CB   C N N 349 
TYR CG   C Y N 350 
TYR CD1  C Y N 351 
TYR CD2  C Y N 352 
TYR CE1  C Y N 353 
TYR CE2  C Y N 354 
TYR CZ   C Y N 355 
TYR OH   O N N 356 
TYR OXT  O N N 357 
TYR H    H N N 358 
TYR H2   H N N 359 
TYR HA   H N N 360 
TYR HB2  H N N 361 
TYR HB3  H N N 362 
TYR HD1  H N N 363 
TYR HD2  H N N 364 
TYR HE1  H N N 365 
TYR HE2  H N N 366 
TYR HH   H N N 367 
TYR HXT  H N N 368 
VAL N    N N N 369 
VAL CA   C N S 370 
VAL C    C N N 371 
VAL O    O N N 372 
VAL CB   C N N 373 
VAL CG1  C N N 374 
VAL CG2  C N N 375 
VAL OXT  O N N 376 
VAL H    H N N 377 
VAL H2   H N N 378 
VAL HA   H N N 379 
VAL HB   H N N 380 
VAL HG11 H N N 381 
VAL HG12 H N N 382 
VAL HG13 H N N 383 
VAL HG21 H N N 384 
VAL HG22 H N N 385 
VAL HG23 H N N 386 
VAL HXT  H N N 387 
WY8 C10  C N N 388 
WY8 C13  C N R 389 
WY8 C8   C Y N 390 
WY8 C5   C Y N 391 
WY8 C4   C Y N 392 
WY8 C1   C N R 393 
WY8 C2   C Y N 394 
WY8 C6   C Y N 395 
WY8 C24  C N R 396 
WY8 C28  C N N 397 
WY8 C29  C N R 398 
WY8 C3   C N R 399 
WY8 C31  C Y N 400 
WY8 C33  C Y N 401 
WY8 C34  C Y N 402 
WY8 C36  C N N 403 
WY8 C38  C N N 404 
WY8 C7   C N N 405 
WY8 C40  C N S 406 
WY8 C11  C N R 407 
WY8 C9   C N R 408 
WY8 F1   F N N 409 
WY8 F25  F N N 410 
WY8 N9   N Y N 411 
WY8 N7   N Y N 412 
WY8 N3   N Y N 413 
WY8 N1   N Y N 414 
WY8 N6   N N N 415 
WY8 N30  N Y N 416 
WY8 N32  N Y N 417 
WY8 N35  N N N 418 
WY8 N37  N N N 419 
WY8 O11  O N N 420 
WY8 O12  O N N 421 
WY8 O27  O N N 422 
WY8 O39  O N N 423 
WY8 O41  O N N 424 
WY8 O44  O N N 425 
WY8 O5   O N N 426 
WY8 O7   O N N 427 
WY8 P42  P N R 428 
WY8 P6   P N R 429 
WY8 S26  S N N 430 
WY8 S43  S N N 431 
WY8 H1   H N N 432 
WY8 H4   H N N 433 
WY8 H3   H N N 434 
WY8 H8   H N N 435 
WY8 H5   H N N 436 
WY8 H2   H N N 437 
WY8 H7   H N N 438 
WY8 H6   H N N 439 
WY8 H9   H N N 440 
WY8 H10  H N N 441 
WY8 H11  H N N 442 
WY8 H12  H N N 443 
WY8 H13  H N N 444 
WY8 H14  H N N 445 
WY8 H15  H N N 446 
WY8 H16  H N N 447 
WY8 H17  H N N 448 
WY8 H18  H N N 449 
WY8 HN61 H N N 450 
WY8 HN62 H N N 451 
WY8 H21  H N N 452 
WY8 H22  H N N 453 
WY8 H23  H N N 454 
# 
loop_
_chem_comp_bond.comp_id 
_chem_comp_bond.atom_id_1 
_chem_comp_bond.atom_id_2 
_chem_comp_bond.value_order 
_chem_comp_bond.pdbx_aromatic_flag 
_chem_comp_bond.pdbx_stereo_config 
_chem_comp_bond.pdbx_ordinal 
ALA N   CA   sing N N 1   
ALA N   H    sing N N 2   
ALA N   H2   sing N N 3   
ALA CA  C    sing N N 4   
ALA CA  CB   sing N N 5   
ALA CA  HA   sing N N 6   
ALA C   O    doub N N 7   
ALA C   OXT  sing N N 8   
ALA CB  HB1  sing N N 9   
ALA CB  HB2  sing N N 10  
ALA CB  HB3  sing N N 11  
ALA OXT HXT  sing N N 12  
ARG N   CA   sing N N 13  
ARG N   H    sing N N 14  
ARG N   H2   sing N N 15  
ARG CA  C    sing N N 16  
ARG CA  CB   sing N N 17  
ARG CA  HA   sing N N 18  
ARG C   O    doub N N 19  
ARG C   OXT  sing N N 20  
ARG CB  CG   sing N N 21  
ARG CB  HB2  sing N N 22  
ARG CB  HB3  sing N N 23  
ARG CG  CD   sing N N 24  
ARG CG  HG2  sing N N 25  
ARG CG  HG3  sing N N 26  
ARG CD  NE   sing N N 27  
ARG CD  HD2  sing N N 28  
ARG CD  HD3  sing N N 29  
ARG NE  CZ   sing N N 30  
ARG NE  HE   sing N N 31  
ARG CZ  NH1  sing N N 32  
ARG CZ  NH2  doub N N 33  
ARG NH1 HH11 sing N N 34  
ARG NH1 HH12 sing N N 35  
ARG NH2 HH21 sing N N 36  
ARG NH2 HH22 sing N N 37  
ARG OXT HXT  sing N N 38  
ASN N   CA   sing N N 39  
ASN N   H    sing N N 40  
ASN N   H2   sing N N 41  
ASN CA  C    sing N N 42  
ASN CA  CB   sing N N 43  
ASN CA  HA   sing N N 44  
ASN C   O    doub N N 45  
ASN C   OXT  sing N N 46  
ASN CB  CG   sing N N 47  
ASN CB  HB2  sing N N 48  
ASN CB  HB3  sing N N 49  
ASN CG  OD1  doub N N 50  
ASN CG  ND2  sing N N 51  
ASN ND2 HD21 sing N N 52  
ASN ND2 HD22 sing N N 53  
ASN OXT HXT  sing N N 54  
ASP N   CA   sing N N 55  
ASP N   H    sing N N 56  
ASP N   H2   sing N N 57  
ASP CA  C    sing N N 58  
ASP CA  CB   sing N N 59  
ASP CA  HA   sing N N 60  
ASP C   O    doub N N 61  
ASP C   OXT  sing N N 62  
ASP CB  CG   sing N N 63  
ASP CB  HB2  sing N N 64  
ASP CB  HB3  sing N N 65  
ASP CG  OD1  doub N N 66  
ASP CG  OD2  sing N N 67  
ASP OD2 HD2  sing N N 68  
ASP OXT HXT  sing N N 69  
CYS N   CA   sing N N 70  
CYS N   H    sing N N 71  
CYS N   H2   sing N N 72  
CYS CA  C    sing N N 73  
CYS CA  CB   sing N N 74  
CYS CA  HA   sing N N 75  
CYS C   O    doub N N 76  
CYS C   OXT  sing N N 77  
CYS CB  SG   sing N N 78  
CYS CB  HB2  sing N N 79  
CYS CB  HB3  sing N N 80  
CYS SG  HG   sing N N 81  
CYS OXT HXT  sing N N 82  
GLN N   CA   sing N N 83  
GLN N   H    sing N N 84  
GLN N   H2   sing N N 85  
GLN CA  C    sing N N 86  
GLN CA  CB   sing N N 87  
GLN CA  HA   sing N N 88  
GLN C   O    doub N N 89  
GLN C   OXT  sing N N 90  
GLN CB  CG   sing N N 91  
GLN CB  HB2  sing N N 92  
GLN CB  HB3  sing N N 93  
GLN CG  CD   sing N N 94  
GLN CG  HG2  sing N N 95  
GLN CG  HG3  sing N N 96  
GLN CD  OE1  doub N N 97  
GLN CD  NE2  sing N N 98  
GLN NE2 HE21 sing N N 99  
GLN NE2 HE22 sing N N 100 
GLN OXT HXT  sing N N 101 
GLU N   CA   sing N N 102 
GLU N   H    sing N N 103 
GLU N   H2   sing N N 104 
GLU CA  C    sing N N 105 
GLU CA  CB   sing N N 106 
GLU CA  HA   sing N N 107 
GLU C   O    doub N N 108 
GLU C   OXT  sing N N 109 
GLU CB  CG   sing N N 110 
GLU CB  HB2  sing N N 111 
GLU CB  HB3  sing N N 112 
GLU CG  CD   sing N N 113 
GLU CG  HG2  sing N N 114 
GLU CG  HG3  sing N N 115 
GLU CD  OE1  doub N N 116 
GLU CD  OE2  sing N N 117 
GLU OE2 HE2  sing N N 118 
GLU OXT HXT  sing N N 119 
GLY N   CA   sing N N 120 
GLY N   H    sing N N 121 
GLY N   H2   sing N N 122 
GLY CA  C    sing N N 123 
GLY CA  HA2  sing N N 124 
GLY CA  HA3  sing N N 125 
GLY C   O    doub N N 126 
GLY C   OXT  sing N N 127 
GLY OXT HXT  sing N N 128 
HIS N   CA   sing N N 129 
HIS N   H    sing N N 130 
HIS N   H2   sing N N 131 
HIS CA  C    sing N N 132 
HIS CA  CB   sing N N 133 
HIS CA  HA   sing N N 134 
HIS C   O    doub N N 135 
HIS C   OXT  sing N N 136 
HIS CB  CG   sing N N 137 
HIS CB  HB2  sing N N 138 
HIS CB  HB3  sing N N 139 
HIS CG  ND1  sing Y N 140 
HIS CG  CD2  doub Y N 141 
HIS ND1 CE1  doub Y N 142 
HIS ND1 HD1  sing N N 143 
HIS CD2 NE2  sing Y N 144 
HIS CD2 HD2  sing N N 145 
HIS CE1 NE2  sing Y N 146 
HIS CE1 HE1  sing N N 147 
HIS NE2 HE2  sing N N 148 
HIS OXT HXT  sing N N 149 
ILE N   CA   sing N N 150 
ILE N   H    sing N N 151 
ILE N   H2   sing N N 152 
ILE CA  C    sing N N 153 
ILE CA  CB   sing N N 154 
ILE CA  HA   sing N N 155 
ILE C   O    doub N N 156 
ILE C   OXT  sing N N 157 
ILE CB  CG1  sing N N 158 
ILE CB  CG2  sing N N 159 
ILE CB  HB   sing N N 160 
ILE CG1 CD1  sing N N 161 
ILE CG1 HG12 sing N N 162 
ILE CG1 HG13 sing N N 163 
ILE CG2 HG21 sing N N 164 
ILE CG2 HG22 sing N N 165 
ILE CG2 HG23 sing N N 166 
ILE CD1 HD11 sing N N 167 
ILE CD1 HD12 sing N N 168 
ILE CD1 HD13 sing N N 169 
ILE OXT HXT  sing N N 170 
LEU N   CA   sing N N 171 
LEU N   H    sing N N 172 
LEU N   H2   sing N N 173 
LEU CA  C    sing N N 174 
LEU CA  CB   sing N N 175 
LEU CA  HA   sing N N 176 
LEU C   O    doub N N 177 
LEU C   OXT  sing N N 178 
LEU CB  CG   sing N N 179 
LEU CB  HB2  sing N N 180 
LEU CB  HB3  sing N N 181 
LEU CG  CD1  sing N N 182 
LEU CG  CD2  sing N N 183 
LEU CG  HG   sing N N 184 
LEU CD1 HD11 sing N N 185 
LEU CD1 HD12 sing N N 186 
LEU CD1 HD13 sing N N 187 
LEU CD2 HD21 sing N N 188 
LEU CD2 HD22 sing N N 189 
LEU CD2 HD23 sing N N 190 
LEU OXT HXT  sing N N 191 
LYS N   CA   sing N N 192 
LYS N   H    sing N N 193 
LYS N   H2   sing N N 194 
LYS CA  C    sing N N 195 
LYS CA  CB   sing N N 196 
LYS CA  HA   sing N N 197 
LYS C   O    doub N N 198 
LYS C   OXT  sing N N 199 
LYS CB  CG   sing N N 200 
LYS CB  HB2  sing N N 201 
LYS CB  HB3  sing N N 202 
LYS CG  CD   sing N N 203 
LYS CG  HG2  sing N N 204 
LYS CG  HG3  sing N N 205 
LYS CD  CE   sing N N 206 
LYS CD  HD2  sing N N 207 
LYS CD  HD3  sing N N 208 
LYS CE  NZ   sing N N 209 
LYS CE  HE2  sing N N 210 
LYS CE  HE3  sing N N 211 
LYS NZ  HZ1  sing N N 212 
LYS NZ  HZ2  sing N N 213 
LYS NZ  HZ3  sing N N 214 
LYS OXT HXT  sing N N 215 
MET N   CA   sing N N 216 
MET N   H    sing N N 217 
MET N   H2   sing N N 218 
MET CA  C    sing N N 219 
MET CA  CB   sing N N 220 
MET CA  HA   sing N N 221 
MET C   O    doub N N 222 
MET C   OXT  sing N N 223 
MET CB  CG   sing N N 224 
MET CB  HB2  sing N N 225 
MET CB  HB3  sing N N 226 
MET CG  SD   sing N N 227 
MET CG  HG2  sing N N 228 
MET CG  HG3  sing N N 229 
MET SD  CE   sing N N 230 
MET CE  HE1  sing N N 231 
MET CE  HE2  sing N N 232 
MET CE  HE3  sing N N 233 
MET OXT HXT  sing N N 234 
PHE N   CA   sing N N 235 
PHE N   H    sing N N 236 
PHE N   H2   sing N N 237 
PHE CA  C    sing N N 238 
PHE CA  CB   sing N N 239 
PHE CA  HA   sing N N 240 
PHE C   O    doub N N 241 
PHE C   OXT  sing N N 242 
PHE CB  CG   sing N N 243 
PHE CB  HB2  sing N N 244 
PHE CB  HB3  sing N N 245 
PHE CG  CD1  doub Y N 246 
PHE CG  CD2  sing Y N 247 
PHE CD1 CE1  sing Y N 248 
PHE CD1 HD1  sing N N 249 
PHE CD2 CE2  doub Y N 250 
PHE CD2 HD2  sing N N 251 
PHE CE1 CZ   doub Y N 252 
PHE CE1 HE1  sing N N 253 
PHE CE2 CZ   sing Y N 254 
PHE CE2 HE2  sing N N 255 
PHE CZ  HZ   sing N N 256 
PHE OXT HXT  sing N N 257 
PRO N   CA   sing N N 258 
PRO N   CD   sing N N 259 
PRO N   H    sing N N 260 
PRO CA  C    sing N N 261 
PRO CA  CB   sing N N 262 
PRO CA  HA   sing N N 263 
PRO C   O    doub N N 264 
PRO C   OXT  sing N N 265 
PRO CB  CG   sing N N 266 
PRO CB  HB2  sing N N 267 
PRO CB  HB3  sing N N 268 
PRO CG  CD   sing N N 269 
PRO CG  HG2  sing N N 270 
PRO CG  HG3  sing N N 271 
PRO CD  HD2  sing N N 272 
PRO CD  HD3  sing N N 273 
PRO OXT HXT  sing N N 274 
SER N   CA   sing N N 275 
SER N   H    sing N N 276 
SER N   H2   sing N N 277 
SER CA  C    sing N N 278 
SER CA  CB   sing N N 279 
SER CA  HA   sing N N 280 
SER C   O    doub N N 281 
SER C   OXT  sing N N 282 
SER CB  OG   sing N N 283 
SER CB  HB2  sing N N 284 
SER CB  HB3  sing N N 285 
SER OG  HG   sing N N 286 
SER OXT HXT  sing N N 287 
THR N   CA   sing N N 288 
THR N   H    sing N N 289 
THR N   H2   sing N N 290 
THR CA  C    sing N N 291 
THR CA  CB   sing N N 292 
THR CA  HA   sing N N 293 
THR C   O    doub N N 294 
THR C   OXT  sing N N 295 
THR CB  OG1  sing N N 296 
THR CB  CG2  sing N N 297 
THR CB  HB   sing N N 298 
THR OG1 HG1  sing N N 299 
THR CG2 HG21 sing N N 300 
THR CG2 HG22 sing N N 301 
THR CG2 HG23 sing N N 302 
THR OXT HXT  sing N N 303 
TRP N   CA   sing N N 304 
TRP N   H    sing N N 305 
TRP N   H2   sing N N 306 
TRP CA  C    sing N N 307 
TRP CA  CB   sing N N 308 
TRP CA  HA   sing N N 309 
TRP C   O    doub N N 310 
TRP C   OXT  sing N N 311 
TRP CB  CG   sing N N 312 
TRP CB  HB2  sing N N 313 
TRP CB  HB3  sing N N 314 
TRP CG  CD1  doub Y N 315 
TRP CG  CD2  sing Y N 316 
TRP CD1 NE1  sing Y N 317 
TRP CD1 HD1  sing N N 318 
TRP CD2 CE2  doub Y N 319 
TRP CD2 CE3  sing Y N 320 
TRP NE1 CE2  sing Y N 321 
TRP NE1 HE1  sing N N 322 
TRP CE2 CZ2  sing Y N 323 
TRP CE3 CZ3  doub Y N 324 
TRP CE3 HE3  sing N N 325 
TRP CZ2 CH2  doub Y N 326 
TRP CZ2 HZ2  sing N N 327 
TRP CZ3 CH2  sing Y N 328 
TRP CZ3 HZ3  sing N N 329 
TRP CH2 HH2  sing N N 330 
TRP OXT HXT  sing N N 331 
TYR N   CA   sing N N 332 
TYR N   H    sing N N 333 
TYR N   H2   sing N N 334 
TYR CA  C    sing N N 335 
TYR CA  CB   sing N N 336 
TYR CA  HA   sing N N 337 
TYR C   O    doub N N 338 
TYR C   OXT  sing N N 339 
TYR CB  CG   sing N N 340 
TYR CB  HB2  sing N N 341 
TYR CB  HB3  sing N N 342 
TYR CG  CD1  doub Y N 343 
TYR CG  CD2  sing Y N 344 
TYR CD1 CE1  sing Y N 345 
TYR CD1 HD1  sing N N 346 
TYR CD2 CE2  doub Y N 347 
TYR CD2 HD2  sing N N 348 
TYR CE1 CZ   doub Y N 349 
TYR CE1 HE1  sing N N 350 
TYR CE2 CZ   sing Y N 351 
TYR CE2 HE2  sing N N 352 
TYR CZ  OH   sing N N 353 
TYR OH  HH   sing N N 354 
TYR OXT HXT  sing N N 355 
VAL N   CA   sing N N 356 
VAL N   H    sing N N 357 
VAL N   H2   sing N N 358 
VAL CA  C    sing N N 359 
VAL CA  CB   sing N N 360 
VAL CA  HA   sing N N 361 
VAL C   O    doub N N 362 
VAL C   OXT  sing N N 363 
VAL CB  CG1  sing N N 364 
VAL CB  CG2  sing N N 365 
VAL CB  HB   sing N N 366 
VAL CG1 HG11 sing N N 367 
VAL CG1 HG12 sing N N 368 
VAL CG1 HG13 sing N N 369 
VAL CG2 HG21 sing N N 370 
VAL CG2 HG22 sing N N 371 
VAL CG2 HG23 sing N N 372 
VAL OXT HXT  sing N N 373 
WY8 N37 C36  sing N N 374 
WY8 N37 C38  sing N N 375 
WY8 C36 N35  doub N N 376 
WY8 O39 C38  doub N N 377 
WY8 C38 C33  sing N N 378 
WY8 N35 C34  sing N N 379 
WY8 C33 C34  doub Y N 380 
WY8 C33 N32  sing Y N 381 
WY8 C34 N30  sing Y N 382 
WY8 N32 C31  doub Y N 383 
WY8 N30 C31  sing Y N 384 
WY8 N30 C29  sing N N 385 
WY8 C29 C28  sing N N 386 
WY8 C29 C40  sing N N 387 
WY8 C28 C3   sing N N 388 
WY8 F1  C1   sing N N 389 
WY8 O41 C40  sing N N 390 
WY8 O41 P42  sing N N 391 
WY8 C40 C1   sing N N 392 
WY8 N6  C6   sing N N 393 
WY8 C3  C1   sing N N 394 
WY8 C3  C7   sing N N 395 
WY8 O44 P42  doub N N 396 
WY8 P42 S43  sing N N 397 
WY8 P42 O11  sing N N 398 
WY8 N7  C5   sing Y N 399 
WY8 N7  C8   doub Y N 400 
WY8 C6  C5   doub Y N 401 
WY8 C6  N1   sing Y N 402 
WY8 C7  O5   sing N N 403 
WY8 C5  C4   sing Y N 404 
WY8 C8  N9   sing Y N 405 
WY8 O11 C10  sing N N 406 
WY8 N1  C2   doub Y N 407 
WY8 O5  P6   sing N N 408 
WY8 C4  N9   sing Y N 409 
WY8 C4  N3   doub Y N 410 
WY8 O27 P6   doub N N 411 
WY8 N9  C13  sing N N 412 
WY8 C2  N3   sing Y N 413 
WY8 C10 C9   sing N N 414 
WY8 P6  O7   sing N N 415 
WY8 P6  S26  sing N N 416 
WY8 C11 C9   sing N N 417 
WY8 C11 C24  sing N N 418 
WY8 C11 O7   sing N N 419 
WY8 C9  O12  sing N N 420 
WY8 C13 O12  sing N N 421 
WY8 C13 C24  sing N N 422 
WY8 C24 F25  sing N N 423 
WY8 C10 H1   sing N N 424 
WY8 C10 H4   sing N N 425 
WY8 C13 H3   sing N N 426 
WY8 C8  H8   sing N N 427 
WY8 C1  H5   sing N N 428 
WY8 C2  H2   sing N N 429 
WY8 C24 H7   sing N N 430 
WY8 C28 H6   sing N N 431 
WY8 C28 H9   sing N N 432 
WY8 C29 H10  sing N N 433 
WY8 C3  H11  sing N N 434 
WY8 C31 H12  sing N N 435 
WY8 C36 H13  sing N N 436 
WY8 C7  H14  sing N N 437 
WY8 C7  H15  sing N N 438 
WY8 C40 H16  sing N N 439 
WY8 C11 H17  sing N N 440 
WY8 C9  H18  sing N N 441 
WY8 N6  HN61 sing N N 442 
WY8 N6  HN62 sing N N 443 
WY8 N37 H21  sing N N 444 
WY8 S26 H22  sing N N 445 
WY8 S43 H23  sing N N 446 
# 
_pdbx_audit_support.funding_organization   'Not funded' 
_pdbx_audit_support.country                ? 
_pdbx_audit_support.grant_number           ? 
_pdbx_audit_support.ordinal                1 
# 
_pdbx_entity_instance_feature.ordinal        1 
_pdbx_entity_instance_feature.comp_id        WY8 
_pdbx_entity_instance_feature.asym_id        ? 
_pdbx_entity_instance_feature.seq_num        ? 
_pdbx_entity_instance_feature.auth_comp_id   WY8 
_pdbx_entity_instance_feature.auth_asym_id   ? 
_pdbx_entity_instance_feature.auth_seq_num   ? 
_pdbx_entity_instance_feature.feature_type   'SUBJECT OF INVESTIGATION' 
_pdbx_entity_instance_feature.details        ? 
# 
_pdbx_initial_refinement_model.id               1 
_pdbx_initial_refinement_model.entity_id_list   ? 
_pdbx_initial_refinement_model.type             'experimental model' 
_pdbx_initial_refinement_model.source_name      PDB 
_pdbx_initial_refinement_model.accession_code   8ORW 
_pdbx_initial_refinement_model.details          ? 
# 
_space_group.name_H-M_alt     'C 1 2 1' 
_space_group.name_Hall        'C 2y' 
_space_group.IT_number        5 
_space_group.crystal_system   monoclinic 
_space_group.id               1 
# 
_atom_sites.entry_id                    8P45 
_atom_sites.Cartn_transf_matrix[1][1]   ? 
_atom_sites.Cartn_transf_matrix[1][2]   ? 
_atom_sites.Cartn_transf_matrix[1][3]   ? 
_atom_sites.Cartn_transf_matrix[2][1]   ? 
_atom_sites.Cartn_transf_matrix[2][2]   ? 
_atom_sites.Cartn_transf_matrix[2][3]   ? 
_atom_sites.Cartn_transf_matrix[3][1]   ? 
_atom_sites.Cartn_transf_matrix[3][2]   ? 
_atom_sites.Cartn_transf_matrix[3][3]   ? 
_atom_sites.Cartn_transf_vector[1]      ? 
_atom_sites.Cartn_transf_vector[2]      ? 
_atom_sites.Cartn_transf_vector[3]      ? 
_atom_sites.fract_transf_matrix[1][1]   -0.00360821 
_atom_sites.fract_transf_matrix[1][2]   -0.00198497 
_atom_sites.fract_transf_matrix[1][3]   0.01049334 
_atom_sites.fract_transf_matrix[2][1]   0.00412167 
_atom_sites.fract_transf_matrix[2][2]   -0.01211210 
_atom_sites.fract_transf_matrix[2][3]   -0.00087392 
_atom_sites.fract_transf_matrix[3][1]   0.02395879 
_atom_sites.fract_transf_matrix[3][2]   0.00716953 
_atom_sites.fract_transf_matrix[3][3]   0.01363079 
_atom_sites.fract_transf_vector[1]      0.354577 
_atom_sites.fract_transf_vector[2]      0.373051 
_atom_sites.fract_transf_vector[3]      -0.018433 
_atom_sites.solution_primary            ? 
_atom_sites.solution_secondary          ? 
_atom_sites.solution_hydrogens          ? 
_atom_sites.special_details             ? 
# 
loop_
_atom_type.symbol 
_atom_type.scat_dispersion_real 
_atom_type.scat_dispersion_imag 
_atom_type.scat_Cromer_Mann_a1 
_atom_type.scat_Cromer_Mann_a2 
_atom_type.scat_Cromer_Mann_a3 
_atom_type.scat_Cromer_Mann_a4 
_atom_type.scat_Cromer_Mann_b1 
_atom_type.scat_Cromer_Mann_b2 
_atom_type.scat_Cromer_Mann_b3 
_atom_type.scat_Cromer_Mann_b4 
_atom_type.scat_Cromer_Mann_c 
_atom_type.scat_source 
_atom_type.scat_dispersion_source 
C ? ? 3.54356 2.42580 ? ? 25.62398 1.50364  ? ? 0.0 
;2-Gaussian fit: Grosse-Kunstleve RW, Sauter NK, Adams PD: Newsletter of the IUCr Commission on Crystallographic Computing 2004, 3, 22-31.
;
? 
F ? ? 8.95735 ?       ? ? 7.27484  ?        ? ? 0.0 
;1-Gaussian fit: Grosse-Kunstleve RW, Sauter NK, Adams PD: Newsletter of the IUCr Commission on Crystallographic Computing 2004, 3, 22-31.
;
? 
N ? ? 6.96715 ?       ? ? 11.43723 ?        ? ? 0.0 
;1-Gaussian fit: Grosse-Kunstleve RW, Sauter NK, Adams PD: Newsletter of the IUCr Commission on Crystallographic Computing 2004, 3, 22-31.
;
? 
O ? ? 7.96527 ?       ? ? 9.05267  ?        ? ? 0.0 
;1-Gaussian fit: Grosse-Kunstleve RW, Sauter NK, Adams PD: Newsletter of the IUCr Commission on Crystallographic Computing 2004, 3, 22-31.
;
? 
P ? ? 9.51135 5.44231 ? ? 1.42069  35.72801 ? ? 0.0 
;2-Gaussian fit: Grosse-Kunstleve RW, Sauter NK, Adams PD: Newsletter of the IUCr Commission on Crystallographic Computing 2004, 3, 22-31.
;
? 
S ? ? 9.55732 6.39887 ? ? 1.23737  29.19336 ? ? 0.0 
;2-Gaussian fit: Grosse-Kunstleve RW, Sauter NK, Adams PD: Newsletter of the IUCr Commission on Crystallographic Computing 2004, 3, 22-31.
;
? 
# 
loop_
_atom_site.group_PDB 
_atom_site.id 
_atom_site.type_symbol 
_atom_site.label_atom_id 
_atom_site.label_alt_id 
_atom_site.label_comp_id 
_atom_site.label_asym_id 
_atom_site.label_entity_id 
_atom_site.label_seq_id 
_atom_site.pdbx_PDB_ins_code 
_atom_site.Cartn_x 
_atom_site.Cartn_y 
_atom_site.Cartn_z 
_atom_site.occupancy 
_atom_site.B_iso_or_equiv 
_atom_site.pdbx_formal_charge 
_atom_site.auth_seq_id 
_atom_site.auth_comp_id 
_atom_site.auth_asym_id 
_atom_site.auth_atom_id 
_atom_site.pdbx_PDB_model_num 
ATOM   1    N N   . ASN A 1 15  ? -8.60713  17.46099  9.53899   1.000 85.45684  ? 154 ASN A N   1 
ATOM   2    C CA  . ASN A 1 15  ? -9.92016  16.92464  9.88486   1.000 90.72261  ? 154 ASN A CA  1 
ATOM   3    C C   . ASN A 1 15  ? -9.84627  15.39874  10.10413  1.000 95.53386  ? 154 ASN A C   1 
ATOM   4    O O   . ASN A 1 15  ? -8.90287  14.90312  10.72510  1.000 93.99569  ? 154 ASN A O   1 
ATOM   5    C CB  . ASN A 1 15  ? -10.92276 17.29907  8.78601   1.000 84.44873  ? 154 ASN A CB  1 
ATOM   6    C CG  . ASN A 1 15  ? -12.36930 17.29049  9.27282   1.000 107.56389 ? 154 ASN A CG  1 
ATOM   7    O OD1 . ASN A 1 15  ? -13.23401 16.66801  8.65658   1.000 105.68262 ? 154 ASN A OD1 1 
ATOM   8    N ND2 . ASN A 1 15  ? -12.63511 17.98551  10.37536  1.000 115.87394 ? 154 ASN A ND2 1 
ATOM   9    N N   . VAL A 1 16  ? -10.83943 14.65615  9.60759   1.000 93.77374  ? 155 VAL A N   1 
ATOM   10   C CA  . VAL A 1 16  ? -10.86477 13.20812  9.82034   1.000 85.02969  ? 155 VAL A CA  1 
ATOM   11   C C   . VAL A 1 16  ? -9.64857  12.55593  9.17283   1.000 80.55004  ? 155 VAL A C   1 
ATOM   12   O O   . VAL A 1 16  ? -9.03933  11.64017  9.74123   1.000 73.51713  ? 155 VAL A O   1 
ATOM   13   C CB  . VAL A 1 16  ? -12.18153 12.61470  9.28128   1.000 84.22122  ? 155 VAL A CB  1 
ATOM   14   C CG1 . VAL A 1 16  ? -12.16329 11.09049  9.36137   1.000 79.87985  ? 155 VAL A CG1 1 
ATOM   15   C CG2 . VAL A 1 16  ? -13.37083 13.18078  10.04591  1.000 82.86019  ? 155 VAL A CG2 1 
ATOM   16   N N   . ALA A 1 17  ? -9.27676  13.01451  7.97510   1.000 84.06545  ? 156 ALA A N   1 
ATOM   17   C CA  . ALA A 1 17  ? -8.14145  12.42331  7.27470   1.000 73.86478  ? 156 ALA A CA  1 
ATOM   18   C C   . ALA A 1 17  ? -6.84801  12.60512  8.05245   1.000 77.93555  ? 156 ALA A C   1 
ATOM   19   O O   . ALA A 1 17  ? -5.98047  11.72356  8.02974   1.000 72.24240  ? 156 ALA A O   1 
ATOM   20   C CB  . ALA A 1 17  ? -8.00643  13.03784  5.88043   1.000 68.50510  ? 156 ALA A CB  1 
ATOM   21   N N   . HIS A 1 18  ? -6.69707  13.73405  8.74585   1.000 73.27606  ? 157 HIS A N   1 
ATOM   22   C CA  . HIS A 1 18  ? -5.48310  13.96434  9.51867   1.000 69.14029  ? 157 HIS A CA  1 
ATOM   23   C C   . HIS A 1 18  ? -5.28513  12.86327  10.55432  1.000 76.67983  ? 157 HIS A C   1 
ATOM   24   O O   . HIS A 1 18  ? -4.20974  12.25682  10.63382  1.000 79.11371  ? 157 HIS A O   1 
ATOM   25   C CB  . HIS A 1 18  ? -5.55590  15.33674  10.18477  1.000 74.28459  ? 157 HIS A CB  1 
ATOM   26   C CG  . HIS A 1 18  ? -4.35833  15.67056  11.01554  1.000 88.30596  ? 157 HIS A CG  1 
ATOM   27   N ND1 . HIS A 1 18  ? -4.36776  15.59979  12.39201  1.000 91.00075  ? 157 HIS A ND1 1 
ATOM   28   C CD2 . HIS A 1 18  ? -3.11627  16.08028  10.66670  1.000 84.01471  ? 157 HIS A CD2 1 
ATOM   29   C CE1 . HIS A 1 18  ? -3.18136  15.94995  12.85562  1.000 93.56461  ? 157 HIS A CE1 1 
ATOM   30   N NE2 . HIS A 1 18  ? -2.40311  16.24541  11.82959  1.000 89.93556  ? 157 HIS A NE2 1 
ATOM   31   N N   . GLY A 1 19  ? -6.32822  12.56247  11.32985  1.000 78.93614  ? 158 GLY A N   1 
ATOM   32   C CA  . GLY A 1 19  ? -6.22382  11.49673  12.31497  1.000 64.32464  ? 158 GLY A CA  1 
ATOM   33   C C   . GLY A 1 19  ? -5.97356  10.13858  11.68677  1.000 61.70549  ? 158 GLY A C   1 
ATOM   34   O O   . GLY A 1 19  ? -5.21663  9.32604   12.22548  1.000 64.95822  ? 158 GLY A O   1 
ATOM   35   N N   . LEU A 1 20  ? -6.61580  9.86578   10.54571  1.000 71.71872  ? 159 LEU A N   1 
ATOM   36   C CA  . LEU A 1 20  ? -6.40732  8.59171   9.86105   1.000 64.00688  ? 159 LEU A CA  1 
ATOM   37   C C   . LEU A 1 20  ? -4.99891  8.50374   9.28517   1.000 69.02549  ? 159 LEU A C   1 
ATOM   38   O O   . LEU A 1 20  ? -4.39652  7.42381   9.26453   1.000 60.37438  ? 159 LEU A O   1 
ATOM   39   C CB  . LEU A 1 20  ? -7.44797  8.40108   8.75437   1.000 54.53869  ? 159 LEU A CB  1 
ATOM   40   C CG  . LEU A 1 20  ? -8.92387  8.39426   9.16648   1.000 60.63318  ? 159 LEU A CG  1 
ATOM   41   C CD1 . LEU A 1 20  ? -9.81708  8.07903   7.97277   1.000 61.63940  ? 159 LEU A CD1 1 
ATOM   42   C CD2 . LEU A 1 20  ? -9.18296  7.40882   10.28856  1.000 53.42942  ? 159 LEU A CD2 1 
ATOM   43   N N   . ALA A 1 21  ? -4.46529  9.62890   8.79810   1.000 74.79680  ? 160 ALA A N   1 
ATOM   44   C CA  . ALA A 1 21  ? -3.11771  9.63150   8.23555   1.000 64.69523  ? 160 ALA A CA  1 
ATOM   45   C C   . ALA A 1 21  ? -2.07993  9.30215   9.30106   1.000 62.33336  ? 160 ALA A C   1 
ATOM   46   O O   . ALA A 1 21  ? -1.19985  8.45966   9.08952   1.000 58.86324  ? 160 ALA A O   1 
ATOM   47   C CB  . ALA A 1 21  ? -2.82110  10.99160  7.60059   1.000 61.37806  ? 160 ALA A CB  1 
ATOM   48   N N   . TRP A 1 22  ? -2.17381  9.95401   10.46260  1.000 69.86374  ? 161 TRP A N   1 
ATOM   49   C CA  . TRP A 1 22  ? -1.27431  9.63010   11.56354  1.000 62.47587  ? 161 TRP A CA  1 
ATOM   50   C C   . TRP A 1 22  ? -1.50418  8.20853   12.05919  1.000 57.89841  ? 161 TRP A C   1 
ATOM   51   O O   . TRP A 1 22  ? -0.54755  7.49111   12.36821  1.000 55.66099  ? 161 TRP A O   1 
ATOM   52   C CB  . TRP A 1 22  ? -1.45114  10.64008  12.69714  1.000 56.29010  ? 161 TRP A CB  1 
ATOM   53   C CG  . TRP A 1 22  ? -0.62222  11.86528  12.49512  1.000 66.95427  ? 161 TRP A CG  1 
ATOM   54   C CD1 . TRP A 1 22  ? -1.02031  13.05161  11.94608  1.000 72.47502  ? 161 TRP A CD1 1 
ATOM   55   C CD2 . TRP A 1 22  ? 0.76056   12.01996  12.82293  1.000 69.11500  ? 161 TRP A CD2 1 
ATOM   56   N NE1 . TRP A 1 22  ? 0.03070   13.93744  11.91874  1.000 71.82559  ? 161 TRP A NE1 1 
ATOM   57   C CE2 . TRP A 1 22  ? 1.13594   13.32643  12.45177  1.000 67.56526  ? 161 TRP A CE2 1 
ATOM   58   C CE3 . TRP A 1 22  ? 1.71924   11.17923  13.39796  1.000 68.25495  ? 161 TRP A CE3 1 
ATOM   59   C CZ2 . TRP A 1 22  ? 2.42238   13.81225  12.63682  1.000 69.43393  ? 161 TRP A CZ2 1 
ATOM   60   C CZ3 . TRP A 1 22  ? 2.99606   11.66289  13.58227  1.000 73.00661  ? 161 TRP A CZ3 1 
ATOM   61   C CH2 . TRP A 1 22  ? 3.33826   12.96927  13.20260  1.000 75.12279  ? 161 TRP A CH2 1 
ATOM   62   N N   . SER A 1 23  ? -2.76784  7.77913   12.12411  1.000 63.41571  ? 162 SER A N   1 
ATOM   63   C CA  . SER A 1 23  ? -3.06129  6.40304   12.51118  1.000 61.29456  ? 162 SER A CA  1 
ATOM   64   C C   . SER A 1 23  ? -2.39482  5.41724   11.56153  1.000 64.87019  ? 162 SER A C   1 
ATOM   65   O O   . SER A 1 23  ? -1.93875  4.34680   11.98112  1.000 63.51122  ? 162 SER A O   1 
ATOM   66   C CB  . SER A 1 23  ? -4.57256  6.17625   12.53281  1.000 57.11491  ? 162 SER A CB  1 
ATOM   67   O OG  . SER A 1 23  ? -4.87904  4.82069   12.80870  1.000 69.30140  ? 162 SER A OG  1 
ATOM   68   N N   . TYR A 1 24  ? -2.34631  5.75545   10.27240  1.000 68.82877  ? 163 TYR A N   1 
ATOM   69   C CA  . TYR A 1 24  ? -1.67830  4.89776   9.30072   1.000 59.92979  ? 163 TYR A CA  1 
ATOM   70   C C   . TYR A 1 24  ? -0.18377  4.81679   9.57695   1.000 55.87457  ? 163 TYR A C   1 
ATOM   71   O O   . TYR A 1 24  ? 0.40331   3.72988   9.53674   1.000 60.44447  ? 163 TYR A O   1 
ATOM   72   C CB  . TYR A 1 24  ? -1.93836  5.42671   7.88947   1.000 63.92546  ? 163 TYR A CB  1 
ATOM   73   C CG  . TYR A 1 24  ? -1.67245  4.44053   6.77274   1.000 62.94833  ? 163 TYR A CG  1 
ATOM   74   C CD1 . TYR A 1 24  ? -2.25726  3.18329   6.77987   1.000 64.03171  ? 163 TYR A CD1 1 
ATOM   75   C CD2 . TYR A 1 24  ? -0.86013  4.78099   5.69451   1.000 61.59621  ? 163 TYR A CD2 1 
ATOM   76   C CE1 . TYR A 1 24  ? -2.02761  2.28360   5.76079   1.000 58.40257  ? 163 TYR A CE1 1 
ATOM   77   C CE2 . TYR A 1 24  ? -0.62583  3.88671   4.66649   1.000 52.41680  ? 163 TYR A CE2 1 
ATOM   78   C CZ  . TYR A 1 24  ? -1.21692  2.63869   4.70699   1.000 49.51897  ? 163 TYR A CZ  1 
ATOM   79   O OH  . TYR A 1 24  ? -1.00157  1.73143   3.69612   1.000 52.46620  ? 163 TYR A OH  1 
ATOM   80   N N   . TYR A 1 25  ? 0.45331   5.95374   9.85464   1.000 60.19879  ? 164 TYR A N   1 
ATOM   81   C CA  . TYR A 1 25  ? 1.88848   5.94250   10.11706  1.000 57.16762  ? 164 TYR A CA  1 
ATOM   82   C C   . TYR A 1 25  ? 2.20050   5.24128   11.43146  1.000 64.29529  ? 164 TYR A C   1 
ATOM   83   O O   . TYR A 1 25  ? 3.02781   4.32415   11.47729  1.000 74.01155  ? 164 TYR A O   1 
ATOM   84   C CB  . TYR A 1 25  ? 2.42945   7.37137   10.13640  1.000 55.26043  ? 164 TYR A CB  1 
ATOM   85   C CG  . TYR A 1 25  ? 3.82099   7.49436   10.70996  1.000 54.64681  ? 164 TYR A CG  1 
ATOM   86   C CD1 . TYR A 1 25  ? 4.91668   6.94241   10.05646  1.000 66.75424  ? 164 TYR A CD1 1 
ATOM   87   C CD2 . TYR A 1 25  ? 4.04114   8.17290   11.89684  1.000 61.46819  ? 164 TYR A CD2 1 
ATOM   88   C CE1 . TYR A 1 25  ? 6.19809   7.05949   10.57387  1.000 70.16057  ? 164 TYR A CE1 1 
ATOM   89   C CE2 . TYR A 1 25  ? 5.31527   8.29620   12.42586  1.000 74.83573  ? 164 TYR A CE2 1 
ATOM   90   C CZ  . TYR A 1 25  ? 6.39246   7.73872   11.76183  1.000 75.40057  ? 164 TYR A CZ  1 
ATOM   91   O OH  . TYR A 1 25  ? 7.65956   7.86584   12.29284  1.000 63.07472  ? 164 TYR A OH  1 
ATOM   92   N N   . ILE A 1 26  ? 1.52206   5.64218   12.50711  1.000 62.90180  ? 165 ILE A N   1 
ATOM   93   C CA  . ILE A 1 26  ? 1.88196   5.16268   13.83596  1.000 53.61281  ? 165 ILE A CA  1 
ATOM   94   C C   . ILE A 1 26  ? 1.56658   3.68326   13.98159  1.000 56.84521  ? 165 ILE A C   1 
ATOM   95   O O   . ILE A 1 26  ? 2.28956   2.94530   14.66194  1.000 70.74473  ? 165 ILE A O   1 
ATOM   96   C CB  . ILE A 1 26  ? 1.16342   5.99914   14.90764  1.000 46.33006  ? 165 ILE A CB  1 
ATOM   97   C CG1 . ILE A 1 26  ? 1.71702   7.42613   14.90996  1.000 58.99514  ? 165 ILE A CG1 1 
ATOM   98   C CG2 . ILE A 1 26  ? 1.30910   5.34540   16.26167  1.000 43.36412  ? 165 ILE A CG2 1 
ATOM   99   C CD1 . ILE A 1 26  ? 0.82246   8.43608   15.62305  1.000 68.59638  ? 165 ILE A CD1 1 
ATOM   100  N N   . GLY A 1 27  ? 0.48645   3.22465   13.36526  1.000 50.10485  ? 166 GLY A N   1 
ATOM   101  C CA  . GLY A 1 27  ? 0.04724   1.86243   13.57704  1.000 50.97192  ? 166 GLY A CA  1 
ATOM   102  C C   . GLY A 1 27  ? 0.64366   0.83472   12.64302  1.000 61.68581  ? 166 GLY A C   1 
ATOM   103  O O   . GLY A 1 27  ? 0.78504   -0.33080  13.02844  1.000 76.11497  ? 166 GLY A O   1 
ATOM   104  N N   . TYR A 1 28  ? 0.95545   1.22827   11.40322  1.000 66.29767  ? 167 TYR A N   1 
ATOM   105  C CA  . TYR A 1 28  ? 1.45474   0.30114   10.39267  1.000 72.08194  ? 167 TYR A CA  1 
ATOM   106  C C   . TYR A 1 28  ? 2.80693   0.66417   9.80169   1.000 72.72173  ? 167 TYR A C   1 
ATOM   107  O O   . TYR A 1 28  ? 3.71882   -0.17586  9.80874   1.000 69.07791  ? 167 TYR A O   1 
ATOM   108  C CB  . TYR A 1 28  ? 0.38916   0.22466   9.28858   1.000 63.02325  ? 167 TYR A CB  1 
ATOM   109  C CG  . TYR A 1 28  ? 0.64219   -0.73728  8.17129   1.000 62.56326  ? 167 TYR A CG  1 
ATOM   110  C CD1 . TYR A 1 28  ? 0.70343   -2.09196  8.40844   1.000 60.60715  ? 167 TYR A CD1 1 
ATOM   111  C CD2 . TYR A 1 28  ? 0.76201   -0.29192  6.86347   1.000 61.33887  ? 167 TYR A CD2 1 
ATOM   112  C CE1 . TYR A 1 28  ? 0.90666   -2.98043  7.38809   1.000 63.05920  ? 167 TYR A CE1 1 
ATOM   113  C CE2 . TYR A 1 28  ? 0.96936   -1.17682  5.82774   1.000 59.51993  ? 167 TYR A CE2 1 
ATOM   114  C CZ  . TYR A 1 28  ? 1.03768   -2.51972  6.09638   1.000 59.40487  ? 167 TYR A CZ  1 
ATOM   115  O OH  . TYR A 1 28  ? 1.24284   -3.40143  5.06491   1.000 63.66286  ? 167 TYR A OH  1 
ATOM   116  N N   . LEU A 1 29  ? 2.99127   1.89962   9.32307   1.000 60.53013  ? 168 LEU A N   1 
ATOM   117  C CA  . LEU A 1 29  ? 4.19337   2.20851   8.55422   1.000 53.21528  ? 168 LEU A CA  1 
ATOM   118  C C   . LEU A 1 29  ? 5.40576   2.31716   9.46484   1.000 65.23980  ? 168 LEU A C   1 
ATOM   119  O O   . LEU A 1 29  ? 6.48748   1.81872   9.13373   1.000 78.17306  ? 168 LEU A O   1 
ATOM   120  C CB  . LEU A 1 29  ? 4.00175   3.49985   7.75839   1.000 49.36140  ? 168 LEU A CB  1 
ATOM   121  C CG  . LEU A 1 29  ? 3.04611   3.41419   6.56618   1.000 49.95871  ? 168 LEU A CG  1 
ATOM   122  C CD1 . LEU A 1 29  ? 2.92529   4.77046   5.86459   1.000 51.58813  ? 168 LEU A CD1 1 
ATOM   123  C CD2 . LEU A 1 29  ? 3.49352   2.35131   5.57823   1.000 52.35113  ? 168 LEU A CD2 1 
ATOM   124  N N   . ARG A 1 30  ? 5.23793   2.94156   10.62872  1.000 69.78701  ? 169 ARG A N   1 
ATOM   125  C CA  . ARG A 1 30  ? 6.34391   3.07994   11.56447  1.000 73.78777  ? 169 ARG A CA  1 
ATOM   126  C C   . ARG A 1 30  ? 6.87051   1.72900   12.02227  1.000 70.32849  ? 169 ARG A C   1 
ATOM   127  O O   . ARG A 1 30  ? 8.01618   1.64236   12.47796  1.000 78.15144  ? 169 ARG A O   1 
ATOM   128  C CB  . ARG A 1 30  ? 5.89406   3.90378   12.77229  1.000 66.19879  ? 169 ARG A CB  1 
ATOM   129  C CG  . ARG A 1 30  ? 7.01564   4.32837   13.68888  1.000 79.04827  ? 169 ARG A CG  1 
ATOM   130  C CD  . ARG A 1 30  ? 6.47710   5.10595   14.87005  1.000 71.52038  ? 169 ARG A CD  1 
ATOM   131  N NE  . ARG A 1 30  ? 5.63368   4.27876   15.72404  1.000 69.55427  ? 169 ARG A NE  1 
ATOM   132  C CZ  . ARG A 1 30  ? 4.93964   4.73779   16.75684  1.000 83.95397  ? 169 ARG A CZ  1 
ATOM   133  N NH1 . ARG A 1 30  ? 4.93066   6.02649   17.06434  1.000 73.42459  ? 169 ARG A NH1 1 
ATOM   134  N NH2 . ARG A 1 30  ? 4.23873   3.88455   17.49942  1.000 80.08432  ? 169 ARG A NH2 1 
ATOM   135  N N   . LEU A 1 31  ? 6.06595   0.67327   11.89802  1.000 66.22782  ? 170 LEU A N   1 
ATOM   136  C CA  . LEU A 1 31  ? 6.38475   -0.60677  12.50616  1.000 65.52831  ? 170 LEU A CA  1 
ATOM   137  C C   . LEU A 1 31  ? 6.81697   -1.67451  11.51404  1.000 66.01140  ? 170 LEU A C   1 
ATOM   138  O O   . LEU A 1 31  ? 7.45240   -2.64771  11.93081  1.000 71.96983  ? 170 LEU A O   1 
ATOM   139  C CB  . LEU A 1 31  ? 5.17520   -1.12354  13.30341  1.000 75.80174  ? 170 LEU A CB  1 
ATOM   140  C CG  . LEU A 1 31  ? 4.58212   -0.14230  14.32497  1.000 75.51820  ? 170 LEU A CG  1 
ATOM   141  C CD1 . LEU A 1 31  ? 3.43291   -0.77315  15.09497  1.000 64.25129  ? 170 LEU A CD1 1 
ATOM   142  C CD2 . LEU A 1 31  ? 5.64302   0.37231   15.29252  1.000 83.17988  ? 170 LEU A CD2 1 
ATOM   143  N N   . ILE A 1 32  ? 6.50956   -1.52312  10.22581  1.000 68.52564  ? 171 ILE A N   1 
ATOM   144  C CA  . ILE A 1 32  ? 6.91004   -2.50975  9.23636   1.000 79.84593  ? 171 ILE A CA  1 
ATOM   145  C C   . ILE A 1 32  ? 7.93989   -1.97045  8.24790   1.000 83.56584  ? 171 ILE A C   1 
ATOM   146  O O   . ILE A 1 32  ? 8.72041   -2.75795  7.69974   1.000 81.31352  ? 171 ILE A O   1 
ATOM   147  C CB  . ILE A 1 32  ? 5.68310   -3.07639  8.48564   1.000 69.66572  ? 171 ILE A CB  1 
ATOM   148  C CG1 . ILE A 1 32  ? 5.16852   -2.11301  7.41028   1.000 57.60013  ? 171 ILE A CG1 1 
ATOM   149  C CG2 . ILE A 1 32  ? 4.55798   -3.39138  9.46717   1.000 69.48766  ? 171 ILE A CG2 1 
ATOM   150  C CD1 . ILE A 1 32  ? 4.40782   -2.82249  6.30383   1.000 69.23173  ? 171 ILE A CD1 1 
ATOM   151  N N   . LEU A 1 33  ? 7.95562   -0.66202  7.98756   1.000 68.59058  ? 172 LEU A N   1 
ATOM   152  C CA  . LEU A 1 33  ? 8.95675   -0.11387  7.07835   1.000 64.04320  ? 172 LEU A CA  1 
ATOM   153  C C   . LEU A 1 33  ? 10.37616  -0.33004  7.58281   1.000 71.37039  ? 172 LEU A C   1 
ATOM   154  O O   . LEU A 1 33  ? 11.23398  -0.72624  6.77446   1.000 89.52993  ? 172 LEU A O   1 
ATOM   155  C CB  . LEU A 1 33  ? 8.68565   1.37577   6.82776   1.000 63.10686  ? 172 LEU A CB  1 
ATOM   156  C CG  . LEU A 1 33  ? 7.46120   1.73427   5.97471   1.000 60.15768  ? 172 LEU A CG  1 
ATOM   157  C CD1 . LEU A 1 33  ? 7.45590   3.22790   5.63094   1.000 57.36218  ? 172 LEU A CD1 1 
ATOM   158  C CD2 . LEU A 1 33  ? 7.37881   0.90236   4.70160   1.000 65.07285  ? 172 LEU A CD2 1 
ATOM   159  N N   . PRO A 1 34  ? 10.69737  -0.10097  8.85771   1.000 66.31575  ? 173 PRO A N   1 
ATOM   160  C CA  . PRO A 1 34  ? 12.09034  -0.29274  9.29551   1.000 76.91439  ? 173 PRO A CA  1 
ATOM   161  C C   . PRO A 1 34  ? 12.60110  -1.69967  9.07509   1.000 68.82641  ? 173 PRO A C   1 
ATOM   162  O O   . PRO A 1 34  ? 13.81314  -1.88911  8.90610   1.000 79.64776  ? 173 PRO A O   1 
ATOM   163  C CB  . PRO A 1 34  ? 12.04235  0.06073   10.78827  1.000 64.33142  ? 173 PRO A CB  1 
ATOM   164  C CG  . PRO A 1 34  ? 10.87746  0.96132   10.92032  1.000 74.91508  ? 173 PRO A CG  1 
ATOM   165  C CD  . PRO A 1 34  ? 9.86114   0.46146   9.92935   1.000 71.29022  ? 173 PRO A CD  1 
ATOM   166  N N   . GLU A 1 35  ? 11.71801  -2.69416  9.06710   1.000 63.51953  ? 174 GLU A N   1 
ATOM   167  C CA  . GLU A 1 35  ? 12.11128  -4.09024  8.92002   1.000 78.81895  ? 174 GLU A CA  1 
ATOM   168  C C   . GLU A 1 35  ? 11.42514  -4.74478  7.72677   1.000 80.65622  ? 174 GLU A C   1 
ATOM   169  O O   . GLU A 1 35  ? 11.09606  -5.93212  7.76584   1.000 81.42979  ? 174 GLU A O   1 
ATOM   170  C CB  . GLU A 1 35  ? 11.81686  -4.86230  10.20510  1.000 73.38301  ? 174 GLU A CB  1 
ATOM   171  C CG  . GLU A 1 35  ? 12.55213  -4.30761  11.41467  1.000 71.68767  ? 174 GLU A CG  1 
ATOM   172  C CD  . GLU A 1 35  ? 12.09057  -4.92049  12.71338  1.000 84.90054  ? 174 GLU A CD  1 
ATOM   173  O OE1 . GLU A 1 35  ? 11.41720  -5.97155  12.67369  1.000 103.34617 ? 174 GLU A OE1 1 
ATOM   174  O OE2 . GLU A 1 35  ? 12.39792  -4.34205  13.77665  1.000 84.66096  ? 174 GLU A OE2 1 
ATOM   175  N N   . LEU A 1 36  ? 11.18470  -3.97397  6.66576   1.000 84.09263  ? 175 LEU A N   1 
ATOM   176  C CA  . LEU A 1 36  ? 10.62299  -4.51568  5.43473   1.000 85.22506  ? 175 LEU A CA  1 
ATOM   177  C C   . LEU A 1 36  ? 11.69568  -4.99115  4.46383   1.000 84.62706  ? 175 LEU A C   1 
ATOM   178  O O   . LEU A 1 36  ? 11.49300  -5.98657  3.75979   1.000 82.26775  ? 175 LEU A O   1 
ATOM   179  C CB  . LEU A 1 36  ? 9.74640   -3.46321  4.74822   1.000 74.11590  ? 175 LEU A CB  1 
ATOM   180  C CG  . LEU A 1 36  ? 9.22035   -3.81908  3.35469   1.000 73.56134  ? 175 LEU A CG  1 
ATOM   181  C CD1 . LEU A 1 36  ? 8.16876   -4.92139  3.43004   1.000 79.53274  ? 175 LEU A CD1 1 
ATOM   182  C CD2 . LEU A 1 36  ? 8.66308   -2.58074  2.66943   1.000 70.71723  ? 175 LEU A CD2 1 
ATOM   183  N N   . GLN A 1 37  ? 12.83329  -4.29359  4.40211   1.000 88.93590  ? 176 GLN A N   1 
ATOM   184  C CA  . GLN A 1 37  ? 13.87970  -4.67631  3.45995   1.000 89.98837  ? 176 GLN A CA  1 
ATOM   185  C C   . GLN A 1 37  ? 14.38955  -6.08009  3.74932   1.000 83.05244  ? 176 GLN A C   1 
ATOM   186  O O   . GLN A 1 37  ? 14.62530  -6.86593  2.82470   1.000 80.45595  ? 176 GLN A O   1 
ATOM   187  C CB  . GLN A 1 37  ? 15.02732  -3.66629  3.50256   1.000 95.67551  ? 176 GLN A CB  1 
ATOM   188  C CG  . GLN A 1 37  ? 14.67188  -2.30437  2.90739   1.000 97.97030  ? 176 GLN A CG  1 
ATOM   189  C CD  . GLN A 1 37  ? 15.88007  -1.39894  2.74810   1.000 108.57185 ? 176 GLN A CD  1 
ATOM   190  O OE1 . GLN A 1 37  ? 16.99608  -1.76119  3.12715   1.000 112.17560 ? 176 GLN A OE1 1 
ATOM   191  N NE2 . GLN A 1 37  ? 15.66336  -0.21220  2.18302   1.000 90.99461  ? 176 GLN A NE2 1 
ATOM   192  N N   . ALA A 1 38  ? 14.55875  -6.41470  5.03208   1.000 84.12841  ? 177 ALA A N   1 
ATOM   193  C CA  . ALA A 1 38  ? 15.05863  -7.73713  5.39438   1.000 92.61343  ? 177 ALA A CA  1 
ATOM   194  C C   . ALA A 1 38  ? 14.09999  -8.83261  4.94754   1.000 87.56983  ? 177 ALA A C   1 
ATOM   195  O O   . ALA A 1 38  ? 14.53178  -9.90294  4.50291   1.000 92.80617  ? 177 ALA A O   1 
ATOM   196  C CB  . ALA A 1 38  ? 15.28921  -7.81622  6.90292   1.000 97.12527  ? 177 ALA A CB  1 
ATOM   197  N N   . ARG A 1 39  ? 12.79519  -8.59438  5.07422   1.000 81.82594  ? 178 ARG A N   1 
ATOM   198  C CA  . ARG A 1 39  ? 11.82395  -9.58465  4.62136   1.000 78.04016  ? 178 ARG A CA  1 
ATOM   199  C C   . ARG A 1 39  ? 11.89280  -9.76572  3.11200   1.000 79.04547  ? 178 ARG A C   1 
ATOM   200  O O   . ARG A 1 39  ? 11.75804  -10.88579 2.60698   1.000 85.50751  ? 178 ARG A O   1 
ATOM   201  C CB  . ARG A 1 39  ? 10.41772  -9.16938  5.04422   1.000 81.81974  ? 178 ARG A CB  1 
ATOM   202  C CG  . ARG A 1 39  ? 10.22593  -9.07449  6.55170   1.000 77.15382  ? 178 ARG A CG  1 
ATOM   203  C CD  . ARG A 1 39  ? 9.02307   -8.21651  6.88992   1.000 75.37276  ? 178 ARG A CD  1 
ATOM   204  N NE  . ARG A 1 39  ? 7.80775   -8.71804  6.26006   1.000 85.37782  ? 178 ARG A NE  1 
ATOM   205  C CZ  . ARG A 1 39  ? 6.73490   -7.98225  5.99940   1.000 80.12299  ? 178 ARG A CZ  1 
ATOM   206  N NH1 . ARG A 1 39  ? 6.69224   -6.69090  6.28739   1.000 76.56850  ? 178 ARG A NH1 1 
ATOM   207  N NH2 . ARG A 1 39  ? 5.67915   -8.55778  5.43096   1.000 72.42596  ? 178 ARG A NH2 1 
ATOM   208  N N   . ILE A 1 40  ? 12.08012  -8.67056  2.37598   1.000 76.20717  ? 179 ILE A N   1 
ATOM   209  C CA  . ILE A 1 40  ? 12.22821  -8.77300  0.92837   1.000 83.48793  ? 179 ILE A CA  1 
ATOM   210  C C   . ILE A 1 40  ? 13.50532  -9.52728  0.57436   1.000 90.01467  ? 179 ILE A C   1 
ATOM   211  O O   . ILE A 1 40  ? 13.50774  -10.38092 -0.32030  1.000 93.30776  ? 179 ILE A O   1 
ATOM   212  C CB  . ILE A 1 40  ? 12.18885  -7.37067  0.29548   1.000 93.38258  ? 179 ILE A CB  1 
ATOM   213  C CG1 . ILE A 1 40  ? 10.79274  -6.76265  0.47172   1.000 75.67713  ? 179 ILE A CG1 1 
ATOM   214  C CG2 . ILE A 1 40  ? 12.56904  -7.43988  -1.17846  1.000 95.11500  ? 179 ILE A CG2 1 
ATOM   215  C CD1 . ILE A 1 40  ? 10.71787  -5.28645  0.17371   1.000 74.90717  ? 179 ILE A CD1 1 
ATOM   216  N N   . ARG A 1 41  ? 14.60776  -9.23187  1.26865   1.000 89.81561  ? 180 ARG A N   1 
ATOM   217  C CA  . ARG A 1 41  ? 15.83714  -9.98824  1.05605   1.000 78.37815  ? 180 ARG A CA  1 
ATOM   218  C C   . ARG A 1 41  ? 15.60627  -11.47499 1.29102   1.000 82.51464  ? 180 ARG A C   1 
ATOM   219  O O   . ARG A 1 41  ? 15.99830  -12.31489 0.47327   1.000 90.16327  ? 180 ARG A O   1 
ATOM   220  C CB  . ARG A 1 41  ? 16.93464  -9.48746  1.99161   1.000 79.22445  ? 180 ARG A CB  1 
ATOM   221  C CG  . ARG A 1 41  ? 17.48197  -8.10605  1.68625   1.000 85.58140  ? 180 ARG A CG  1 
ATOM   222  C CD  . ARG A 1 41  ? 18.17220  -7.54023  2.92525   1.000 96.26313  ? 180 ARG A CD  1 
ATOM   223  N NE  . ARG A 1 41  ? 18.69707  -8.60354  3.77598   1.000 110.14488 ? 180 ARG A NE  1 
ATOM   224  C CZ  . ARG A 1 41  ? 18.93865  -8.48266  5.07433   1.000 116.34173 ? 180 ARG A CZ  1 
ATOM   225  N NH1 . ARG A 1 41  ? 18.75661  -7.33571  5.70834   1.000 119.13156 ? 180 ARG A NH1 1 
ATOM   226  N NH2 . ARG A 1 41  ? 19.36890  -9.54168  5.75688   1.000 118.01156 ? 180 ARG A NH2 1 
ATOM   227  N N   . THR A 1 42  ? 14.95601  -11.81687 2.40486   1.000 74.00631  ? 181 THR A N   1 
ATOM   228  C CA  . THR A 1 42  ? 14.68966  -13.22006 2.69376   1.000 74.14743  ? 181 THR A CA  1 
ATOM   229  C C   . THR A 1 42  ? 13.82734  -13.83630 1.60615   1.000 85.56729  ? 181 THR A C   1 
ATOM   230  O O   . THR A 1 42  ? 14.06536  -14.97298 1.18178   1.000 92.73412  ? 181 THR A O   1 
ATOM   231  C CB  . THR A 1 42  ? 14.01117  -13.35954 4.05372   1.000 71.84914  ? 181 THR A CB  1 
ATOM   232  O OG1 . THR A 1 42  ? 14.86028  -12.79691 5.05902   1.000 79.05939  ? 181 THR A OG1 1 
ATOM   233  C CG2 . THR A 1 42  ? 13.74160  -14.82546 4.37502   1.000 71.63228  ? 181 THR A CG2 1 
ATOM   234  N N   . TYR A 1 43  ? 12.82585  -13.10000 1.13203   1.000 83.51195  ? 182 TYR A N   1 
ATOM   235  C CA  . TYR A 1 43  ? 11.97006  -13.66101 0.10210   1.000 82.74113  ? 182 TYR A CA  1 
ATOM   236  C C   . TYR A 1 43  ? 12.70325  -13.81349 -1.22343  1.000 87.43079  ? 182 TYR A C   1 
ATOM   237  O O   . TYR A 1 43  ? 12.41278  -14.74279 -1.98139  1.000 88.98441  ? 182 TYR A O   1 
ATOM   238  C CB  . TYR A 1 43  ? 10.72339  -12.81219 -0.09426  1.000 74.27958  ? 182 TYR A CB  1 
ATOM   239  C CG  . TYR A 1 43  ? 9.88466   -13.32044 -1.23208  1.000 79.87516  ? 182 TYR A CG  1 
ATOM   240  C CD1 . TYR A 1 43  ? 8.98215   -14.34790 -1.03605  1.000 79.54799  ? 182 TYR A CD1 1 
ATOM   241  C CD2 . TYR A 1 43  ? 10.01156  -12.78923 -2.50767  1.000 81.62971  ? 182 TYR A CD2 1 
ATOM   242  C CE1 . TYR A 1 43  ? 8.21607   -14.82742 -2.06801  1.000 76.53569  ? 182 TYR A CE1 1 
ATOM   243  C CE2 . TYR A 1 43  ? 9.25122   -13.26502 -3.54960  1.000 81.34060  ? 182 TYR A CE2 1 
ATOM   244  C CZ  . TYR A 1 43  ? 8.35349   -14.28779 -3.32265  1.000 74.23214  ? 182 TYR A CZ  1 
ATOM   245  O OH  . TYR A 1 43  ? 7.57927   -14.77488 -4.34677  1.000 73.31205  ? 182 TYR A OH  1 
ATOM   246  N N   . ASN A 1 44  ? 13.64209  -12.91605 -1.52986  1.000 89.59565  ? 183 ASN A N   1 
ATOM   247  C CA  . ASN A 1 44  ? 14.35541  -12.99767 -2.80133  1.000 91.79040  ? 183 ASN A CA  1 
ATOM   248  C C   . ASN A 1 44  ? 15.38966  -14.11362 -2.78062  1.000 93.12383  ? 183 ASN A C   1 
ATOM   249  O O   . ASN A 1 44  ? 15.51331  -14.87313 -3.74772  1.000 92.32283  ? 183 ASN A O   1 
ATOM   250  C CB  . ASN A 1 44  ? 15.03405  -11.66393 -3.11809  1.000 96.75527  ? 183 ASN A CB  1 
ATOM   251  C CG  . ASN A 1 44  ? 14.07886  -10.63846 -3.69822  1.000 103.32245 ? 183 ASN A CG  1 
ATOM   252  O OD1 . ASN A 1 44  ? 13.03581  -10.98721 -4.25364  1.000 103.59114 ? 183 ASN A OD1 1 
ATOM   253  N ND2 . ASN A 1 44  ? 14.43788  -9.36341  -3.57904  1.000 97.23922  ? 183 ASN A ND2 1 
ATOM   254  N N   . GLN A 1 45  ? 16.12503  -14.23410 -1.67788  1.000 92.92370  ? 184 GLN A N   1 
ATOM   255  C CA  . GLN A 1 45  ? 17.23504  -15.17516 -1.62533  1.000 94.86856  ? 184 GLN A CA  1 
ATOM   256  C C   . GLN A 1 45  ? 16.75214  -16.59225 -1.34340  1.000 99.52350  ? 184 GLN A C   1 
ATOM   257  O O   . GLN A 1 45  ? 17.07464  -17.52583 -2.08578  1.000 105.59709 ? 184 GLN A O   1 
ATOM   258  C CB  . GLN A 1 45  ? 18.24145  -14.72837 -0.56185  1.000 92.27340  ? 184 GLN A CB  1 
ATOM   259  C CG  . GLN A 1 45  ? 18.84588  -13.36103 -0.82854  1.000 93.18566  ? 184 GLN A CG  1 
ATOM   260  C CD  . GLN A 1 45  ? 19.73216  -12.88376 0.30258   1.000 99.02179  ? 184 GLN A CD  1 
ATOM   261  O OE1 . GLN A 1 45  ? 20.09047  -13.65410 1.19378   1.000 112.13194 ? 184 GLN A OE1 1 
ATOM   262  N NE2 . GLN A 1 45  ? 20.08905  -11.60522 0.27532   1.000 93.85730  ? 184 GLN A NE2 1 
ATOM   263  N N   . HIS A 1 46  ? 15.97658  -16.76987 -0.27961  1.000 92.06076  ? 185 HIS A N   1 
ATOM   264  C CA  . HIS A 1 46  ? 15.62933  -18.10305 0.18362   1.000 92.95128  ? 185 HIS A CA  1 
ATOM   265  C C   . HIS A 1 46  ? 14.33406  -18.64595 -0.41141  1.000 100.09192 ? 185 HIS A C   1 
ATOM   266  O O   . HIS A 1 46  ? 14.12358  -19.86228 -0.36496  1.000 105.52881 ? 185 HIS A O   1 
ATOM   267  C CB  . HIS A 1 46  ? 15.53284  -18.10964 1.71281   1.000 89.75654  ? 185 HIS A CB  1 
ATOM   268  C CG  . HIS A 1 46  ? 16.79581  -17.69061 2.40470   1.000 97.54460  ? 185 HIS A CG  1 
ATOM   269  N ND1 . HIS A 1 46  ? 17.34994  -16.43668 2.25473   1.000 98.24796  ? 185 HIS A ND1 1 
ATOM   270  C CD2 . HIS A 1 46  ? 17.60803  -18.35889 3.25928   1.000 96.03849  ? 185 HIS A CD2 1 
ATOM   271  C CE1 . HIS A 1 46  ? 18.44920  -16.35130 2.98360   1.000 96.36385  ? 185 HIS A CE1 1 
ATOM   272  N NE2 . HIS A 1 46  ? 18.62898  -17.50472 3.60234   1.000 96.17371  ? 185 HIS A NE2 1 
ATOM   273  N N   . TYR A 1 47  ? 13.45925  -17.79243 -0.95881  1.000 95.72614  ? 186 TYR A N   1 
ATOM   274  C CA  . TYR A 1 47  ? 12.15245  -18.25425 -1.42578  1.000 100.08887 ? 186 TYR A CA  1 
ATOM   275  C C   . TYR A 1 47  ? 11.87528  -18.01525 -2.90518  1.000 112.19871 ? 186 TYR A C   1 
ATOM   276  O O   . TYR A 1 47  ? 11.34520  -18.91003 -3.56937  1.000 117.96253 ? 186 TYR A O   1 
ATOM   277  C CB  . TYR A 1 47  ? 11.03349  -17.58684 -0.60406  1.000 96.64304  ? 186 TYR A CB  1 
ATOM   278  C CG  . TYR A 1 47  ? 11.05124  -17.94218 0.86806   1.000 99.69437  ? 186 TYR A CG  1 
ATOM   279  C CD1 . TYR A 1 47  ? 10.81793  -19.24342 1.29393   1.000 99.18694  ? 186 TYR A CD1 1 
ATOM   280  C CD2 . TYR A 1 47  ? 11.29431  -16.97282 1.83034   1.000 96.11522  ? 186 TYR A CD2 1 
ATOM   281  C CE1 . TYR A 1 47  ? 10.83383  -19.56919 2.64089   1.000 93.68665  ? 186 TYR A CE1 1 
ATOM   282  C CE2 . TYR A 1 47  ? 11.31134  -17.28655 3.17734   1.000 95.83467  ? 186 TYR A CE2 1 
ATOM   283  C CZ  . TYR A 1 47  ? 11.08131  -18.58496 3.57924   1.000 101.92796 ? 186 TYR A CZ  1 
ATOM   284  O OH  . TYR A 1 47  ? 11.10038  -18.89031 4.92243   1.000 102.56221 ? 186 TYR A OH  1 
ATOM   285  N N   . ASN A 1 48  ? 12.22105  -16.84130 -3.44296  1.000 107.11182 ? 187 ASN A N   1 
ATOM   286  C CA  . ASN A 1 48  ? 11.83734  -16.49021 -4.80660  1.000 94.33409  ? 187 ASN A CA  1 
ATOM   287  C C   . ASN A 1 48  ? 12.36321  -17.51307 -5.80305  1.000 102.18158 ? 187 ASN A C   1 
ATOM   288  O O   . ASN A 1 48  ? 13.49291  -17.99311 -5.67865  1.000 104.37526 ? 187 ASN A O   1 
ATOM   289  C CB  . ASN A 1 48  ? 12.37587  -15.10554 -5.16925  1.000 85.66547  ? 187 ASN A CB  1 
ATOM   290  C CG  . ASN A 1 48  ? 11.63965  -14.48012 -6.33340  1.000 85.66884  ? 187 ASN A CG  1 
ATOM   291  O OD1 . ASN A 1 48  ? 11.01346  -15.16754 -7.14040  1.000 88.13926  ? 187 ASN A OD1 1 
ATOM   292  N ND2 . ASN A 1 48  ? 11.70961  -13.16038 -6.42128  1.000 83.81847  ? 187 ASN A ND2 1 
ATOM   293  N N   . ASN A 1 49  ? 11.52907  -17.85489 -6.78992  1.000 105.96325 ? 188 ASN A N   1 
ATOM   294  C CA  . ASN A 1 49  ? 11.95954  -18.72916 -7.87446  1.000 104.12199 ? 188 ASN A CA  1 
ATOM   295  C C   . ASN A 1 49  ? 13.34627  -18.30969 -8.33643  1.000 103.16188 ? 188 ASN A C   1 
ATOM   296  O O   . ASN A 1 49  ? 13.60484  -17.12443 -8.56182  1.000 104.50916 ? 188 ASN A O   1 
ATOM   297  C CB  . ASN A 1 49  ? 10.97992  -18.67253 -9.05339  1.000 106.25390 ? 188 ASN A CB  1 
ATOM   298  C CG  . ASN A 1 49  ? 11.17372  -19.82848 -10.03556 1.000 104.29132 ? 188 ASN A CG  1 
ATOM   299  O OD1 . ASN A 1 49  ? 12.10847  -20.61884 -9.90465  1.000 102.54890 ? 188 ASN A OD1 1 
ATOM   300  N ND2 . ASN A 1 49  ? 10.29032  -19.92316 -11.02613 1.000 110.14819 ? 188 ASN A ND2 1 
ATOM   301  N N   . LEU A 1 50  ? 14.23583  -19.29128 -8.48313  1.000 104.14524 ? 189 LEU A N   1 
ATOM   302  C CA  . LEU A 1 50  ? 15.61872  -18.99740 -8.83679  1.000 92.70606  ? 189 LEU A CA  1 
ATOM   303  C C   . LEU A 1 50  ? 15.73682  -18.21324 -10.13800 1.000 102.31307 ? 189 LEU A C   1 
ATOM   304  O O   . LEU A 1 50  ? 16.79345  -17.62521 -10.39887 1.000 105.27319 ? 189 LEU A O   1 
ATOM   305  C CB  . LEU A 1 50  ? 16.41526  -20.29810 -8.94675  1.000 88.59690  ? 189 LEU A CB  1 
ATOM   306  C CG  . LEU A 1 50  ? 17.02153  -20.84153 -7.65373  1.000 97.69322  ? 189 LEU A CG  1 
ATOM   307  C CD1 . LEU A 1 50  ? 17.61950  -22.21235 -7.90437  1.000 91.43395  ? 189 LEU A CD1 1 
ATOM   308  C CD2 . LEU A 1 50  ? 18.07756  -19.89367 -7.09358  1.000 104.61298 ? 189 LEU A CD2 1 
ATOM   309  N N   . LEU A 1 51  ? 14.68444  -18.18024 -10.95096 1.000 96.21167  ? 190 LEU A N   1 
ATOM   310  C CA  . LEU A 1 51  ? 14.74312  -17.64228 -12.30451 1.000 96.86834  ? 190 LEU A CA  1 
ATOM   311  C C   . LEU A 1 51  ? 13.60335  -16.66416 -12.57081 1.000 104.66558 ? 190 LEU A C   1 
ATOM   312  O O   . LEU A 1 51  ? 13.05009  -16.62152 -13.67269 1.000 102.41732 ? 190 LEU A O   1 
ATOM   313  C CB  . LEU A 1 51  ? 14.72642  -18.78026 -13.32524 1.000 100.36337 ? 190 LEU A CB  1 
ATOM   314  C CG  . LEU A 1 51  ? 13.72800  -19.91722 -13.07646 1.000 109.27029 ? 190 LEU A CG  1 
ATOM   315  C CD1 . LEU A 1 51  ? 12.32754  -19.56966 -13.58094 1.000 113.23706 ? 190 LEU A CD1 1 
ATOM   316  C CD2 . LEU A 1 51  ? 14.23321  -21.20351 -13.71834 1.000 86.49658  ? 190 LEU A CD2 1 
ATOM   317  N N   . ARG A 1 52  ? 13.23579  -15.84990 -11.57573 1.000 110.61587 ? 191 ARG A N   1 
ATOM   318  C CA  . ARG A 1 52  ? 12.12748  -14.90961 -11.72700 1.000 107.32581 ? 191 ARG A CA  1 
ATOM   319  C C   . ARG A 1 52  ? 12.49142  -13.51635 -11.22730 1.000 107.08012 ? 191 ARG A C   1 
ATOM   320  O O   . ARG A 1 52  ? 11.61751  -12.75257 -10.80550 1.000 110.94548 ? 191 ARG A O   1 
ATOM   321  C CB  . ARG A 1 52  ? 10.87695  -15.41770 -11.00856 1.000 109.15138 ? 191 ARG A CB  1 
ATOM   322  C CG  . ARG A 1 52  ? 10.22404  -16.62392 -11.67751 1.000 119.34156 ? 191 ARG A CG  1 
ATOM   323  C CD  . ARG A 1 52  ? 9.75492   -16.31671 -13.09988 1.000 109.02872 ? 191 ARG A CD  1 
ATOM   324  N NE  . ARG A 1 52  ? 9.14742   -17.47884 -13.74021 1.000 116.78227 ? 191 ARG A NE  1 
ATOM   325  C CZ  . ARG A 1 52  ? 7.86570   -17.81088 -13.64251 1.000 128.86051 ? 191 ARG A CZ  1 
ATOM   326  N NH1 . ARG A 1 52  ? 7.01291   -17.08473 -12.93714 1.000 127.88912 ? 191 ARG A NH1 1 
ATOM   327  N NH2 . ARG A 1 52  ? 7.42975   -18.90095 -14.26706 1.000 131.84396 ? 191 ARG A NH2 1 
ATOM   328  N N   . GLY A 1 53  ? 13.76602  -13.16103 -11.27039 1.000 104.00672 ? 192 GLY A N   1 
ATOM   329  C CA  . GLY A 1 53  ? 14.13527  -11.82150 -10.86669 1.000 106.33071 ? 192 GLY A CA  1 
ATOM   330  C C   . GLY A 1 53  ? 14.00188  -11.62494 -9.36280  1.000 107.91632 ? 192 GLY A C   1 
ATOM   331  O O   . GLY A 1 53  ? 13.87710  -12.57176 -8.58278  1.000 115.30537 ? 192 GLY A O   1 
ATOM   332  N N   . ALA A 1 54  ? 14.02218  -10.35517 -8.96307  1.000 85.74584  ? 193 ALA A N   1 
ATOM   333  C CA  . ALA A 1 54  ? 14.01595  -9.98126  -7.55658  1.000 91.54240  ? 193 ALA A CA  1 
ATOM   334  C C   . ALA A 1 54  ? 12.85852  -9.03613  -7.27300  1.000 98.41822  ? 193 ALA A C   1 
ATOM   335  O O   . ALA A 1 54  ? 12.55676  -8.14803  -8.07687  1.000 98.04875  ? 193 ALA A O   1 
ATOM   336  C CB  . ALA A 1 54  ? 15.33946  -9.31982  -7.15083  1.000 83.79223  ? 193 ALA A CB  1 
ATOM   337  N N   . VAL A 1 55  ? 12.20236  -9.24752  -6.13177  1.000 97.86420  ? 194 VAL A N   1 
ATOM   338  C CA  . VAL A 1 55  ? 11.18821  -8.31572  -5.66257  1.000 91.19272  ? 194 VAL A CA  1 
ATOM   339  C C   . VAL A 1 55  ? 11.85208  -6.99764  -5.28904  1.000 98.79742  ? 194 VAL A C   1 
ATOM   340  O O   . VAL A 1 55  ? 12.91746  -6.97294  -4.65676  1.000 99.17400  ? 194 VAL A O   1 
ATOM   341  C CB  . VAL A 1 55  ? 10.42288  -8.91210  -4.46966  1.000 86.35918  ? 194 VAL A CB  1 
ATOM   342  C CG1 . VAL A 1 55  ? 9.31776   -7.96759  -4.01860  1.000 88.00425  ? 194 VAL A CG1 1 
ATOM   343  C CG2 . VAL A 1 55  ? 9.85641   -10.27939 -4.83180  1.000 80.72833  ? 194 VAL A CG2 1 
ATOM   344  N N   . SER A 1 56  ? 11.22410  -5.89156  -5.67806  1.000 96.71598  ? 195 SER A N   1 
ATOM   345  C CA  . SER A 1 56  ? 11.78681  -4.58162  -5.38987  1.000 84.69075  ? 195 SER A CA  1 
ATOM   346  C C   . SER A 1 56  ? 11.87115  -4.36321  -3.88108  1.000 81.35445  ? 195 SER A C   1 
ATOM   347  O O   . SER A 1 56  ? 11.15146  -4.98248  -3.09483  1.000 92.54866  ? 195 SER A O   1 
ATOM   348  C CB  . SER A 1 56  ? 10.94109  -3.48646  -6.03818  1.000 101.89875 ? 195 SER A CB  1 
ATOM   349  O OG  . SER A 1 56  ? 9.61418   -3.50403  -5.53752  1.000 120.37156 ? 195 SER A OG  1 
ATOM   350  N N   . GLN A 1 57  ? 12.77285  -3.46572  -3.48286  1.000 82.65628  ? 196 GLN A N   1 
ATOM   351  C CA  . GLN A 1 57  ? 13.05346  -3.19848  -2.07727  1.000 90.48510  ? 196 GLN A CA  1 
ATOM   352  C C   . GLN A 1 57  ? 12.05617  -2.24665  -1.42466  1.000 84.84684  ? 196 GLN A C   1 
ATOM   353  O O   . GLN A 1 57  ? 12.18403  -1.97634  -0.22443  1.000 83.28817  ? 196 GLN A O   1 
ATOM   354  C CB  . GLN A 1 57  ? 14.46695  -2.62010  -1.93016  1.000 87.92335  ? 196 GLN A CB  1 
ATOM   355  C CG  . GLN A 1 57  ? 15.58042  -3.65320  -1.92094  1.000 77.34971  ? 196 GLN A CG  1 
ATOM   356  C CD  . GLN A 1 57  ? 15.79165  -4.27194  -0.55217  1.000 96.09911  ? 196 GLN A CD  1 
ATOM   357  O OE1 . GLN A 1 57  ? 14.85583  -4.39544  0.23830   1.000 100.39452 ? 196 GLN A OE1 1 
ATOM   358  N NE2 . GLN A 1 57  ? 17.02838  -4.65966  -0.26324  1.000 105.54341 ? 196 GLN A NE2 1 
ATOM   359  N N   . ARG A 1 58  ? 11.07208  -1.74159  -2.16295  1.000 88.21693  ? 197 ARG A N   1 
ATOM   360  C CA  . ARG A 1 58  ? 10.17638  -0.70881  -1.66882  1.000 85.76449  ? 197 ARG A CA  1 
ATOM   361  C C   . ARG A 1 58  ? 8.73703   -1.20396  -1.65334  1.000 85.92755  ? 197 ARG A C   1 
ATOM   362  O O   . ARG A 1 58  ? 8.31995   -1.99025  -2.51053  1.000 81.37173  ? 197 ARG A O   1 
ATOM   363  C CB  . ARG A 1 58  ? 10.27060  0.55728   -2.52752  1.000 92.22956  ? 197 ARG A CB  1 
ATOM   364  C CG  . ARG A 1 58  ? 11.61260  1.25673   -2.44383  1.000 101.23351 ? 197 ARG A CG  1 
ATOM   365  C CD  . ARG A 1 58  ? 11.66613  2.49359   -3.33894  1.000 116.41276 ? 197 ARG A CD  1 
ATOM   366  N NE  . ARG A 1 58  ? 12.94173  3.19442   -3.23536  1.000 120.77456 ? 197 ARG A NE  1 
ATOM   367  C CZ  . ARG A 1 58  ? 14.04272  2.85088   -3.89079  1.000 129.83191 ? 197 ARG A CZ  1 
ATOM   368  N NH1 . ARG A 1 58  ? 14.06295  1.81611   -4.71520  1.000 138.14151 ? 197 ARG A NH1 1 
ATOM   369  N NH2 . ARG A 1 58  ? 15.15393  3.56114   -3.71010  1.000 129.03758 ? 197 ARG A NH2 1 
ATOM   370  N N   . LEU A 1 59  ? 7.98766   -0.74227  -0.65424  1.000 78.83890  ? 198 LEU A N   1 
ATOM   371  C CA  . LEU A 1 59  ? 6.55353   -0.98659  -0.56882  1.000 73.16871  ? 198 LEU A CA  1 
ATOM   372  C C   . LEU A 1 59  ? 5.81879   0.12334   -1.30923  1.000 78.11109  ? 198 LEU A C   1 
ATOM   373  O O   . LEU A 1 59  ? 5.96920   1.30350   -0.97614  1.000 80.33435  ? 198 LEU A O   1 
ATOM   374  C CB  . LEU A 1 59  ? 6.09978   -1.04182  0.88883   1.000 82.50693  ? 198 LEU A CB  1 
ATOM   375  C CG  . LEU A 1 59  ? 4.58886   -1.03347  1.14556   1.000 85.02369  ? 198 LEU A CG  1 
ATOM   376  C CD1 . LEU A 1 59  ? 3.93475   -2.32042  0.65073   1.000 82.62597  ? 198 LEU A CD1 1 
ATOM   377  C CD2 . LEU A 1 59  ? 4.30017   -0.81522  2.62893   1.000 67.18500  ? 198 LEU A CD2 1 
ATOM   378  N N   . TYR A 1 60  ? 5.00651   -0.25597  -2.28971  1.000 76.67906  ? 199 TYR A N   1 
ATOM   379  C CA  . TYR A 1 60  ? 4.24612   0.69587   -3.08784  1.000 78.59604  ? 199 TYR A CA  1 
ATOM   380  C C   . TYR A 1 60  ? 2.80359   0.69931   -2.60186  1.000 79.69485  ? 199 TYR A C   1 
ATOM   381  O O   . TYR A 1 60  ? 2.16762   -0.35651  -2.51673  1.000 81.74885  ? 199 TYR A O   1 
ATOM   382  C CB  . TYR A 1 60  ? 4.31472   0.33512   -4.57327  1.000 80.64392  ? 199 TYR A CB  1 
ATOM   383  C CG  . TYR A 1 60  ? 5.71960   0.37122   -5.13925  1.000 91.83454  ? 199 TYR A CG  1 
ATOM   384  C CD1 . TYR A 1 60  ? 6.58108   -0.71231  -4.98864  1.000 90.13341  ? 199 TYR A CD1 1 
ATOM   385  C CD2 . TYR A 1 60  ? 6.18760   1.48913   -5.82060  1.000 92.64363  ? 199 TYR A CD2 1 
ATOM   386  C CE1 . TYR A 1 60  ? 7.86814   -0.68313  -5.50059  1.000 83.93616  ? 199 TYR A CE1 1 
ATOM   387  C CE2 . TYR A 1 60  ? 7.47342   1.52666   -6.33686  1.000 98.22296  ? 199 TYR A CE2 1 
ATOM   388  C CZ  . TYR A 1 60  ? 8.30720   0.43706   -6.17406  1.000 93.14261  ? 199 TYR A CZ  1 
ATOM   389  O OH  . TYR A 1 60  ? 9.58552   0.46513   -6.68262  1.000 97.41414  ? 199 TYR A OH  1 
ATOM   390  N N   . ILE A 1 61  ? 2.29511   1.88440   -2.27503  1.000 73.84126  ? 200 ILE A N   1 
ATOM   391  C CA  . ILE A 1 61  ? 0.97516   2.04210   -1.67609  1.000 69.73299  ? 200 ILE A CA  1 
ATOM   392  C C   . ILE A 1 61  ? 0.07810   2.76786   -2.67090  1.000 69.55919  ? 200 ILE A C   1 
ATOM   393  O O   . ILE A 1 61  ? 0.37623   3.89636   -3.08223  1.000 74.78237  ? 200 ILE A O   1 
ATOM   394  C CB  . ILE A 1 61  ? 1.05480   2.79642   -0.33852  1.000 62.07570  ? 200 ILE A CB  1 
ATOM   395  C CG1 . ILE A 1 61  ? 2.00920   2.06282   0.60977   1.000 50.01567  ? 200 ILE A CG1 1 
ATOM   396  C CG2 . ILE A 1 61  ? -0.33785  2.94945   0.27572   1.000 53.75236  ? 200 ILE A CG2 1 
ATOM   397  C CD1 . ILE A 1 61  ? 2.11728   2.68143   1.98127   1.000 47.66287  ? 200 ILE A CD1 1 
ATOM   398  N N   . LEU A 1 62  ? -1.02050  2.12296   -3.05231  1.000 64.43551  ? 201 LEU A N   1 
ATOM   399  C CA  . LEU A 1 62  ? -1.98989  2.73545   -3.94816  1.000 63.72103  ? 201 LEU A CA  1 
ATOM   400  C C   . LEU A 1 62  ? -2.91085  3.66497   -3.16935  1.000 64.92486  ? 201 LEU A C   1 
ATOM   401  O O   . LEU A 1 62  ? -3.32557  3.36022   -2.04607  1.000 60.14773  ? 201 LEU A O   1 
ATOM   402  C CB  . LEU A 1 62  ? -2.80030  1.66053   -4.67054  1.000 69.44308  ? 201 LEU A CB  1 
ATOM   403  C CG  . LEU A 1 62  ? -1.98967  0.76886   -5.61384  1.000 72.58450  ? 201 LEU A CG  1 
ATOM   404  C CD1 . LEU A 1 62  ? -2.81231  -0.43599  -6.04578  1.000 84.21341  ? 201 LEU A CD1 1 
ATOM   405  C CD2 . LEU A 1 62  ? -1.50347  1.55238   -6.82831  1.000 68.50823  ? 201 LEU A CD2 1 
ATOM   406  N N   . LEU A 1 63  ? -3.21238  4.81567   -3.76697  1.000 71.48936  ? 202 LEU A N   1 
ATOM   407  C CA  . LEU A 1 63  ? -4.04511  5.84512   -3.14983  1.000 65.68787  ? 202 LEU A CA  1 
ATOM   408  C C   . LEU A 1 63  ? -5.09123  6.32043   -4.15001  1.000 69.94472  ? 202 LEU A C   1 
ATOM   409  O O   . LEU A 1 63  ? -4.95958  7.40382   -4.73603  1.000 80.49683  ? 202 LEU A O   1 
ATOM   410  C CB  . LEU A 1 63  ? -3.18512  7.01435   -2.66452  1.000 54.94952  ? 202 LEU A CB  1 
ATOM   411  C CG  . LEU A 1 63  ? -2.32030  6.73007   -1.43988  1.000 54.06697  ? 202 LEU A CG  1 
ATOM   412  C CD1 . LEU A 1 63  ? -1.18740  7.72948   -1.36373  1.000 58.19676  ? 202 LEU A CD1 1 
ATOM   413  C CD2 . LEU A 1 63  ? -3.15896  6.77421   -0.16660  1.000 51.41160  ? 202 LEU A CD2 1 
ATOM   414  N N   . PRO A 1 64  ? -6.14722  5.53669   -4.37240  1.000 62.91711  ? 203 PRO A N   1 
ATOM   415  C CA  . PRO A 1 64  ? -7.22801  5.99439   -5.26268  1.000 68.11118  ? 203 PRO A CA  1 
ATOM   416  C C   . PRO A 1 64  ? -8.02227  7.11236   -4.60508  1.000 75.36611  ? 203 PRO A C   1 
ATOM   417  O O   . PRO A 1 64  ? -8.66789  6.91046   -3.57512  1.000 76.12213  ? 203 PRO A O   1 
ATOM   418  C CB  . PRO A 1 64  ? -8.07701  4.73606   -5.47387  1.000 78.62390  ? 203 PRO A CB  1 
ATOM   419  C CG  . PRO A 1 64  ? -7.79182  3.88167   -4.29084  1.000 78.88810  ? 203 PRO A CG  1 
ATOM   420  C CD  . PRO A 1 64  ? -6.36546  4.15881   -3.89928  1.000 73.79079  ? 203 PRO A CD  1 
ATOM   421  N N   . LEU A 1 65  ? -7.97633  8.29859   -5.21573  1.000 78.94476  ? 204 LEU A N   1 
ATOM   422  C CA  . LEU A 1 65  ? -8.58971  9.46705   -4.59547  1.000 80.22545  ? 204 LEU A CA  1 
ATOM   423  C C   . LEU A 1 65  ? -10.10121 9.32098   -4.49051  1.000 91.52412  ? 204 LEU A C   1 
ATOM   424  O O   . LEU A 1 65  ? -10.71814 9.90709   -3.59323  1.000 90.24128  ? 204 LEU A O   1 
ATOM   425  C CB  . LEU A 1 65  ? -8.21990  10.72495  -5.37636  1.000 77.92431  ? 204 LEU A CB  1 
ATOM   426  C CG  . LEU A 1 65  ? -6.73296  11.08380  -5.34738  1.000 84.26549  ? 204 LEU A CG  1 
ATOM   427  C CD1 . LEU A 1 65  ? -6.46824  12.29108  -6.23038  1.000 94.43801  ? 204 LEU A CD1 1 
ATOM   428  C CD2 . LEU A 1 65  ? -6.24261  11.33710  -3.91864  1.000 73.18602  ? 204 LEU A CD2 1 
ATOM   429  N N   . ASP A 1 66  ? -10.71380 8.54251   -5.38011  1.000 96.18249  ? 205 ASP A N   1 
ATOM   430  C CA  . ASP A 1 66  ? -12.14029 8.27219   -5.26519  1.000 97.04390  ? 205 ASP A CA  1 
ATOM   431  C C   . ASP A 1 66  ? -12.45747 7.29247   -4.14431  1.000 97.18900  ? 205 ASP A C   1 
ATOM   432  O O   . ASP A 1 66  ? -13.63718 6.99275   -3.92530  1.000 101.19482 ? 205 ASP A O   1 
ATOM   433  C CB  . ASP A 1 66  ? -12.67789 7.73273   -6.58993  1.000 96.59142  ? 205 ASP A CB  1 
ATOM   434  C CG  . ASP A 1 66  ? -11.96111 6.47495   -7.03987  1.000 98.41270  ? 205 ASP A CG  1 
ATOM   435  O OD1 . ASP A 1 66  ? -12.18551 5.40985   -6.42582  1.000 86.16307  ? 205 ASP A OD1 1 
ATOM   436  O OD2 . ASP A 1 66  ? -11.16866 6.55058   -8.00449  1.000 110.75684 ? 205 ASP A OD2 1 
ATOM   437  N N   . CYS A 1 67  ? -11.44031 6.79263   -3.43973  1.000 92.84882  ? 206 CYS A N   1 
ATOM   438  C CA  . CYS A 1 67  ? -11.59714 5.88347   -2.30557  1.000 96.85807  ? 206 CYS A CA  1 
ATOM   439  C C   . CYS A 1 67  ? -12.23999 4.56065   -2.70522  1.000 95.49003  ? 206 CYS A C   1 
ATOM   440  O O   . CYS A 1 67  ? -12.81603 3.86341   -1.86298  1.000 94.44274  ? 206 CYS A O   1 
ATOM   441  C CB  . CYS A 1 67  ? -12.39676 6.54201   -1.17543  1.000 99.44623  ? 206 CYS A CB  1 
ATOM   442  S SG  . CYS A 1 67  ? -11.52151 7.90507   -0.36962  1.000 76.76929  ? 206 CYS A SG  1 
ATOM   443  N N   . GLY A 1 68  ? -12.14066 4.19068   -3.97655  1.000 89.11350  ? 207 GLY A N   1 
ATOM   444  C CA  . GLY A 1 68  ? -12.57373 2.87375   -4.39279  1.000 97.55147  ? 207 GLY A CA  1 
ATOM   445  C C   . GLY A 1 68  ? -11.46439 1.86510   -4.18439  1.000 93.57871  ? 207 GLY A C   1 
ATOM   446  O O   . GLY A 1 68  ? -10.51136 1.81063   -4.96583  1.000 99.74845  ? 207 GLY A O   1 
ATOM   447  N N   . VAL A 1 69  ? -11.56875 1.07324   -3.12267  1.000 84.07018  ? 208 VAL A N   1 
ATOM   448  C CA  . VAL A 1 69  ? -10.50201 0.15337   -2.74610  1.000 84.82762  ? 208 VAL A CA  1 
ATOM   449  C C   . VAL A 1 69  ? -11.00169 -1.28515  -2.75982  1.000 86.87684  ? 208 VAL A C   1 
ATOM   450  O O   . VAL A 1 69  ? -11.51359 -1.77003  -1.74084  1.000 81.40351  ? 208 VAL A O   1 
ATOM   451  C CB  . VAL A 1 69  ? -9.94771  0.51715   -1.35833  1.000 85.05646  ? 208 VAL A CB  1 
ATOM   452  C CG1 . VAL A 1 69  ? -8.92612  -0.50784  -0.91187  1.000 81.62046  ? 208 VAL A CG1 1 
ATOM   453  C CG2 . VAL A 1 69  ? -9.34442  1.90868   -1.37872  1.000 83.27159  ? 208 VAL A CG2 1 
ATOM   454  N N   . PRO A 1 70  ? -10.88575 -2.00049  -3.87660  1.000 91.25526  ? 209 PRO A N   1 
ATOM   455  C CA  . PRO A 1 70  ? -11.26374 -3.41760  -3.87726  1.000 94.95361  ? 209 PRO A CA  1 
ATOM   456  C C   . PRO A 1 70  ? -10.31520 -4.24543  -3.03000  1.000 91.48335  ? 209 PRO A C   1 
ATOM   457  O O   . PRO A 1 70  ? -9.11977  -3.96016  -2.93053  1.000 93.32181  ? 209 PRO A O   1 
ATOM   458  C CB  . PRO A 1 70  ? -11.19898 -3.83132  -5.35109  1.000 104.80350 ? 209 PRO A CB  1 
ATOM   459  C CG  . PRO A 1 70  ? -10.23134 -2.87734  -5.96772  1.000 99.60959  ? 209 PRO A CG  1 
ATOM   460  C CD  . PRO A 1 70  ? -10.39831 -1.57727  -5.22761  1.000 86.29959  ? 209 PRO A CD  1 
ATOM   461  N N   . ASP A 1 71  ? -10.86343 -5.30124  -2.42836  1.000 90.33443  ? 210 ASP A N   1 
ATOM   462  C CA  . ASP A 1 71  ? -10.08279 -6.11820  -1.51109  1.000 77.43528  ? 210 ASP A CA  1 
ATOM   463  C C   . ASP A 1 71  ? -9.10869  -7.04155  -2.22775  1.000 87.92733  ? 210 ASP A C   1 
ATOM   464  O O   . ASP A 1 71  ? -8.14284  -7.49464  -1.60594  1.000 93.89564  ? 210 ASP A O   1 
ATOM   465  C CB  . ASP A 1 71  ? -11.01261 -6.94650  -0.62375  1.000 82.60946  ? 210 ASP A CB  1 
ATOM   466  C CG  . ASP A 1 71  ? -11.62711 -6.13054  0.48896   1.000 90.83527  ? 210 ASP A CG  1 
ATOM   467  O OD1 . ASP A 1 71  ? -10.98162 -5.15582  0.92704   1.000 94.62544  ? 210 ASP A OD1 1 
ATOM   468  O OD2 . ASP A 1 71  ? -12.74960 -6.45837  0.92723   1.000 89.09091  ? 210 ASP A OD2 1 
ATOM   469  N N   . ASN A 1 72  ? -9.33502  -7.33442  -3.50632  1.000 86.19765  ? 211 ASN A N   1 
ATOM   470  C CA  . ASN A 1 72  ? -8.44686  -8.18586  -4.28946  1.000 89.08861  ? 211 ASN A CA  1 
ATOM   471  C C   . ASN A 1 72  ? -7.86941  -7.36079  -5.42915  1.000 99.12385  ? 211 ASN A C   1 
ATOM   472  O O   . ASN A 1 72  ? -8.60472  -6.91379  -6.31718  1.000 99.26979  ? 211 ASN A O   1 
ATOM   473  C CB  . ASN A 1 72  ? -9.18808  -9.41987  -4.81364  1.000 102.94709 ? 211 ASN A CB  1 
ATOM   474  C CG  . ASN A 1 72  ? -8.25537  -10.44632 -5.44094  1.000 109.73584 ? 211 ASN A CG  1 
ATOM   475  O OD1 . ASN A 1 72  ? -8.56039  -11.01231 -6.48977  1.000 114.59062 ? 211 ASN A OD1 1 
ATOM   476  N ND2 . ASN A 1 72  ? -7.11294  -10.68702 -4.80241  1.000 100.64843 ? 211 ASN A ND2 1 
ATOM   477  N N   . LEU A 1 73  ? -6.55035  -7.15571  -5.39614  1.000 106.63365 ? 212 LEU A N   1 
ATOM   478  C CA  . LEU A 1 73  ? -5.89444  -6.35742  -6.42564  1.000 101.13780 ? 212 LEU A CA  1 
ATOM   479  C C   . LEU A 1 73  ? -6.02893  -6.99973  -7.79885  1.000 105.90485 ? 212 LEU A C   1 
ATOM   480  O O   . LEU A 1 73  ? -6.18858  -6.29954  -8.80592  1.000 106.48045 ? 212 LEU A O   1 
ATOM   481  C CB  . LEU A 1 73  ? -4.41942  -6.16247  -6.07428  1.000 94.29482  ? 212 LEU A CB  1 
ATOM   482  C CG  . LEU A 1 73  ? -4.06369  -4.90427  -5.28224  1.000 96.91835  ? 212 LEU A CG  1 
ATOM   483  C CD1 . LEU A 1 73  ? -2.64112  -4.98980  -4.75385  1.000 87.67584  ? 212 LEU A CD1 1 
ATOM   484  C CD2 . LEU A 1 73  ? -4.23127  -3.67077  -6.14634  1.000 101.56273 ? 212 LEU A CD2 1 
ATOM   485  N N   . SER A 1 74  ? -5.96776  -8.33376  -7.86290  1.000 108.70905 ? 213 SER A N   1 
ATOM   486  C CA  . SER A 1 74  ? -5.95923  -9.00716  -9.15771  1.000 105.05329 ? 213 SER A CA  1 
ATOM   487  C C   . SER A 1 74  ? -7.20631  -8.66406  -9.96289  1.000 107.16291 ? 213 SER A C   1 
ATOM   488  O O   . SER A 1 74  ? -7.12603  -8.41919  -11.17307 1.000 105.13511 ? 213 SER A O   1 
ATOM   489  C CB  . SER A 1 74  ? -5.84638  -10.52137 -8.96081  1.000 95.85692  ? 213 SER A CB  1 
ATOM   490  O OG  . SER A 1 74  ? -4.70819  -10.85088 -8.18245  1.000 95.27112  ? 213 SER A OG  1 
ATOM   491  N N   . MET A 1 75  ? -8.36598  -8.62106  -9.30743  1.000 111.81431 ? 214 MET A N   1 
ATOM   492  C CA  . MET A 1 75  ? -9.61273  -8.30654  -9.99368  1.000 118.02620 ? 214 MET A CA  1 
ATOM   493  C C   . MET A 1 75  ? -9.74318  -6.82640  -10.32977 1.000 108.60665 ? 214 MET A C   1 
ATOM   494  O O   . MET A 1 75  ? -10.63057 -6.45927  -11.10698 1.000 109.66245 ? 214 MET A O   1 
ATOM   495  C CB  . MET A 1 75  ? -10.80471 -8.75989  -9.14156  1.000 124.04305 ? 214 MET A CB  1 
ATOM   496  C CG  . MET A 1 75  ? -10.74705 -10.23907 -8.75116  1.000 125.48216 ? 214 MET A CG  1 
ATOM   497  S SD  . MET A 1 75  ? -10.63549 -11.34972 -10.17678 1.000 158.02035 ? 214 MET A SD  1 
ATOM   498  C CE  . MET A 1 75  ? -9.48352  -12.59213 -9.57978  1.000 106.03154 ? 214 MET A CE  1 
ATOM   499  N N   . ALA A 1 76  ? -8.89467  -5.96981  -9.76221  1.000 109.58976 ? 215 ALA A N   1 
ATOM   500  C CA  . ALA A 1 76  ? -8.89487  -4.56317  -10.13814 1.000 106.41939 ? 215 ALA A CA  1 
ATOM   501  C C   . ALA A 1 76  ? -8.11643  -4.29379  -11.41826 1.000 106.76613 ? 215 ALA A C   1 
ATOM   502  O O   . ALA A 1 76  ? -8.27034  -3.21648  -12.00481 1.000 93.64764  ? 215 ALA A O   1 
ATOM   503  C CB  . ALA A 1 76  ? -8.31191  -3.71916  -9.00528  1.000 109.90713 ? 215 ALA A CB  1 
ATOM   504  N N   . ASP A 1 77  ? -7.26409  -5.22560  -11.84332 1.000 118.04352 ? 216 ASP A N   1 
ATOM   505  C CA  . ASP A 1 77  ? -6.56876  -5.12870  -13.12065 1.000 110.83188 ? 216 ASP A CA  1 
ATOM   506  C C   . ASP A 1 77  ? -6.12263  -6.52023  -13.55109 1.000 106.05533 ? 216 ASP A C   1 
ATOM   507  O O   . ASP A 1 77  ? -5.41635  -7.20040  -12.79656 1.000 102.85229 ? 216 ASP A O   1 
ATOM   508  C CB  . ASP A 1 77  ? -5.36702  -4.18923  -13.01905 1.000 110.12898 ? 216 ASP A CB  1 
ATOM   509  C CG  . ASP A 1 77  ? -4.71614  -3.92007  -14.36944 1.000 115.74911 ? 216 ASP A CG  1 
ATOM   510  O OD1 . ASP A 1 77  ? -4.59523  -4.86453  -15.17803 1.000 114.25993 ? 216 ASP A OD1 1 
ATOM   511  O OD2 . ASP A 1 77  ? -4.32576  -2.76085  -14.62474 1.000 112.46228 ? 216 ASP A OD2 1 
ATOM   512  N N   . PRO A 1 78  ? -6.49727  -6.98076  -14.74615 1.000 109.74463 ? 217 PRO A N   1 
ATOM   513  C CA  . PRO A 1 78  ? -6.02465  -8.30470  -15.18140 1.000 112.69492 ? 217 PRO A CA  1 
ATOM   514  C C   . PRO A 1 78  ? -4.51497  -8.39490  -15.27799 1.000 111.91576 ? 217 PRO A C   1 
ATOM   515  O O   . PRO A 1 78  ? -3.95584  -9.48118  -15.07718 1.000 105.52518 ? 217 PRO A O   1 
ATOM   516  C CB  . PRO A 1 78  ? -6.69480  -8.48687  -16.55093 1.000 127.88156 ? 217 PRO A CB  1 
ATOM   517  C CG  . PRO A 1 78  ? -7.01608  -7.10705  -17.01286 1.000 132.81156 ? 217 PRO A CG  1 
ATOM   518  C CD  . PRO A 1 78  ? -7.31899  -6.31902  -15.77495 1.000 114.28604 ? 217 PRO A CD  1 
ATOM   519  N N   . ASN A 1 79  ? -3.83506  -7.28083  -15.56713 1.000 111.62957 ? 218 ASN A N   1 
ATOM   520  C CA  . ASN A 1 79  ? -2.37968  -7.28155  -15.66340 1.000 116.17081 ? 218 ASN A CA  1 
ATOM   521  C C   . ASN A 1 79  ? -1.69900  -7.35355  -14.30197 1.000 116.44950 ? 218 ASN A C   1 
ATOM   522  O O   . ASN A 1 79  ? -0.47205  -7.49355  -14.24944 1.000 110.36782 ? 218 ASN A O   1 
ATOM   523  C CB  . ASN A 1 79  ? -1.90025  -6.03325  -16.41043 1.000 110.39879 ? 218 ASN A CB  1 
ATOM   524  C CG  . ASN A 1 79  ? -2.29734  -6.04295  -17.87003 1.000 106.72812 ? 218 ASN A CG  1 
ATOM   525  O OD1 . ASN A 1 79  ? -2.58572  -7.09540  -18.43733 1.000 107.82452 ? 218 ASN A OD1 1 
ATOM   526  N ND2 . ASN A 1 79  ? -2.30862  -4.86818  -18.48901 1.000 107.92330 ? 218 ASN A ND2 1 
ATOM   527  N N   . ILE A 1 80  ? -2.45718  -7.25824  -13.21169 1.000 117.53095 ? 219 ILE A N   1 
ATOM   528  C CA  . ILE A 1 80  ? -1.94044  -7.40787  -11.85561 1.000 105.49202 ? 219 ILE A CA  1 
ATOM   529  C C   . ILE A 1 80  ? -2.49854  -8.70562  -11.29323 1.000 105.21849 ? 219 ILE A C   1 
ATOM   530  O O   . ILE A 1 80  ? -3.70679  -8.95671  -11.38397 1.000 115.35028 ? 219 ILE A O   1 
ATOM   531  C CB  . ILE A 1 80  ? -2.32552  -6.21174  -10.96790 1.000 98.55066  ? 219 ILE A CB  1 
ATOM   532  C CG1 . ILE A 1 80  ? -1.91473  -4.89992  -11.64232 1.000 102.94122 ? 219 ILE A CG1 1 
ATOM   533  C CG2 . ILE A 1 80  ? -1.67477  -6.33555  -9.60184  1.000 91.06991  ? 219 ILE A CG2 1 
ATOM   534  C CD1 . ILE A 1 80  ? -2.23029  -3.65838  -10.83593 1.000 87.74164  ? 219 ILE A CD1 1 
ATOM   535  N N   . ARG A 1 81  ? -1.62530  -9.53552  -10.72834 1.000 97.45903  ? 220 ARG A N   1 
ATOM   536  C CA  . ARG A 1 81  ? -2.04054  -10.83475 -10.21987 1.000 96.84312  ? 220 ARG A CA  1 
ATOM   537  C C   . ARG A 1 81  ? -1.13242  -11.24707 -9.07086  1.000 91.05219  ? 220 ARG A C   1 
ATOM   538  O O   . ARG A 1 81  ? 0.08058   -11.03207 -9.11784  1.000 88.22474  ? 220 ARG A O   1 
ATOM   539  C CB  . ARG A 1 81  ? -2.02847  -11.89053 -11.33441 1.000 104.75306 ? 220 ARG A CB  1 
ATOM   540  C CG  . ARG A 1 81  ? -3.08645  -11.65465 -12.41765 1.000 105.79222 ? 220 ARG A CG  1 
ATOM   541  C CD  . ARG A 1 81  ? -3.31998  -12.88698 -13.28554 1.000 109.80809 ? 220 ARG A CD  1 
ATOM   542  N NE  . ARG A 1 81  ? -2.30662  -13.05606 -14.32168 1.000 117.92293 ? 220 ARG A NE  1 
ATOM   543  C CZ  . ARG A 1 81  ? -1.16626  -13.71692 -14.16477 1.000 115.94494 ? 220 ARG A CZ  1 
ATOM   544  N NH1 . ARG A 1 81  ? -0.83767  -14.26467 -13.00617 1.000 121.14594 ? 220 ARG A NH1 1 
ATOM   545  N NH2 . ARG A 1 81  ? -0.33437  -13.83158 -15.19682 1.000 100.15303 ? 220 ARG A NH2 1 
ATOM   546  N N   . PHE A 1 82  ? -1.73709  -11.83223 -8.03875  1.000 93.82932  ? 221 PHE A N   1 
ATOM   547  C CA  . PHE A 1 82  ? -0.99547  -12.22483 -6.84775  1.000 85.92054  ? 221 PHE A CA  1 
ATOM   548  C C   . PHE A 1 82  ? 0.04780   -13.28349 -7.18229  1.000 80.73257  ? 221 PHE A C   1 
ATOM   549  O O   . PHE A 1 82  ? -0.19075  -14.18285 -7.99292  1.000 79.94341  ? 221 PHE A O   1 
ATOM   550  C CB  . PHE A 1 82  ? -1.96411  -12.74977 -5.78429  1.000 89.37804  ? 221 PHE A CB  1 
ATOM   551  C CG  . PHE A 1 82  ? -1.28765  -13.37703 -4.59772  1.000 89.95293  ? 221 PHE A CG  1 
ATOM   552  C CD1 . PHE A 1 82  ? -0.84056  -12.60001 -3.54393  1.000 86.59237  ? 221 PHE A CD1 1 
ATOM   553  C CD2 . PHE A 1 82  ? -1.10954  -14.74618 -4.53332  1.000 86.74905  ? 221 PHE A CD2 1 
ATOM   554  C CE1 . PHE A 1 82  ? -0.22221  -13.17536 -2.45596  1.000 75.16850  ? 221 PHE A CE1 1 
ATOM   555  C CE2 . PHE A 1 82  ? -0.49212  -15.32276 -3.44725  1.000 90.54880  ? 221 PHE A CE2 1 
ATOM   556  C CZ  . PHE A 1 82  ? -0.04752  -14.53391 -2.40784  1.000 80.83704  ? 221 PHE A CZ  1 
ATOM   557  N N   . LEU A 1 83  ? 1.22150   -13.15866 -6.56114  1.000 88.71779  ? 222 LEU A N   1 
ATOM   558  C CA  . LEU A 1 83  ? 2.31383   -14.10900 -6.72753  1.000 91.24010  ? 222 LEU A CA  1 
ATOM   559  C C   . LEU A 1 83  ? 2.65287   -14.86502 -5.45061  1.000 90.59180  ? 222 LEU A C   1 
ATOM   560  O O   . LEU A 1 83  ? 2.65406   -16.10051 -5.44643  1.000 85.44053  ? 222 LEU A O   1 
ATOM   561  C CB  . LEU A 1 83  ? 3.55573   -13.36259 -7.23856  1.000 88.28305  ? 222 LEU A CB  1 
ATOM   562  C CG  . LEU A 1 83  ? 4.66259   -14.19544 -7.87887  1.000 88.50545  ? 222 LEU A CG  1 
ATOM   563  C CD1 . LEU A 1 83  ? 5.54232   -13.29116 -8.72022  1.000 96.68517  ? 222 LEU A CD1 1 
ATOM   564  C CD2 . LEU A 1 83  ? 5.49698   -14.93090 -6.83985  1.000 83.47291  ? 222 LEU A CD2 1 
ATOM   565  N N   . ASP A 1 84  ? 2.93259   -14.15613 -4.35932  1.000 91.18478  ? 223 ASP A N   1 
ATOM   566  C CA  . ASP A 1 84  ? 3.34378   -14.77897 -3.10583  1.000 88.17487  ? 223 ASP A CA  1 
ATOM   567  C C   . ASP A 1 84  ? 3.13827   -13.77759 -1.97371  1.000 81.50778  ? 223 ASP A C   1 
ATOM   568  O O   . ASP A 1 84  ? 2.72935   -12.63450 -2.19471  1.000 84.28747  ? 223 ASP A O   1 
ATOM   569  C CB  . ASP A 1 84  ? 4.80537   -15.24209 -3.16204  1.000 84.29796  ? 223 ASP A CB  1 
ATOM   570  C CG  . ASP A 1 84  ? 4.94430   -16.74276 -3.29391  1.000 87.25431  ? 223 ASP A CG  1 
ATOM   571  O OD1 . ASP A 1 84  ? 3.92251   -17.43582 -3.48201  1.000 105.78841 ? 223 ASP A OD1 1 
ATOM   572  O OD2 . ASP A 1 84  ? 6.08914   -17.22928 -3.19897  1.000 77.28865  ? 223 ASP A OD2 1 
ATOM   573  N N   . LYS A 1 85  ? 3.41987   -14.22410 -0.75234  1.000 76.23515  ? 224 LYS A N   1 
ATOM   574  C CA  . LYS A 1 85  ? 3.42300   -13.36879 0.42421   1.000 71.83892  ? 224 LYS A CA  1 
ATOM   575  C C   . LYS A 1 85  ? 4.82720   -13.33682 1.01294   1.000 77.12812  ? 224 LYS A C   1 
ATOM   576  O O   . LYS A 1 85  ? 5.53734   -14.34771 0.99851   1.000 84.84110  ? 224 LYS A O   1 
ATOM   577  C CB  . LYS A 1 85  ? 2.44344   -13.86585 1.49011   1.000 75.71401  ? 224 LYS A CB  1 
ATOM   578  C CG  . LYS A 1 85  ? 1.09791   -14.33708 0.97080   1.000 80.38619  ? 224 LYS A CG  1 
ATOM   579  C CD  . LYS A 1 85  ? 0.29636   -14.99574 2.09300   1.000 84.03074  ? 224 LYS A CD  1 
ATOM   580  C CE  . LYS A 1 85  ? -0.97016  -15.66380 1.57802   1.000 90.23460  ? 224 LYS A CE  1 
ATOM   581  N NZ  . LYS A 1 85  ? -1.71159  -16.35613 2.67285   1.000 82.51582  ? 224 LYS A NZ  1 
ATOM   582  N N   . LEU A 1 86  ? 5.22658   -12.17587 1.52447   1.000 74.68379  ? 225 LEU A N   1 
ATOM   583  C CA  . LEU A 1 86  ? 6.47598   -12.08529 2.25835   1.000 74.82400  ? 225 LEU A CA  1 
ATOM   584  C C   . LEU A 1 86  ? 6.35709   -12.83744 3.58174   1.000 83.85120  ? 225 LEU A C   1 
ATOM   585  O O   . LEU A 1 86  ? 5.25203   -13.07739 4.07271   1.000 86.44799  ? 225 LEU A O   1 
ATOM   586  C CB  . LEU A 1 86  ? 6.83640   -10.62948 2.53492   1.000 67.76636  ? 225 LEU A CB  1 
ATOM   587  C CG  . LEU A 1 86  ? 7.38853   -9.78622  1.39046   1.000 72.33329  ? 225 LEU A CG  1 
ATOM   588  C CD1 . LEU A 1 86  ? 7.61315   -8.35832  1.86815   1.000 78.73935  ? 225 LEU A CD1 1 
ATOM   589  C CD2 . LEU A 1 86  ? 8.67836   -10.38137 0.85725   1.000 88.92063  ? 225 LEU A CD2 1 
ATOM   590  N N   . PRO A 1 87  ? 7.48616   -13.23103 4.17790   1.000 80.80031  ? 226 PRO A N   1 
ATOM   591  C CA  . PRO A 1 87  ? 7.43186   -13.76529 5.54480   1.000 71.83577  ? 226 PRO A CA  1 
ATOM   592  C C   . PRO A 1 87  ? 6.70784   -12.79583 6.46421   1.000 76.77205  ? 226 PRO A C   1 
ATOM   593  O O   . PRO A 1 87  ? 7.08723   -11.62394 6.55378   1.000 85.37765  ? 226 PRO A O   1 
ATOM   594  C CB  . PRO A 1 87  ? 8.90892   -13.92109 5.92453   1.000 70.66364  ? 226 PRO A CB  1 
ATOM   595  C CG  . PRO A 1 87  ? 9.61635   -14.06659 4.63015   1.000 73.82758  ? 226 PRO A CG  1 
ATOM   596  C CD  . PRO A 1 87  ? 8.85897   -13.22906 3.64030   1.000 82.86316  ? 226 PRO A CD  1 
ATOM   597  N N   . GLN A 1 88  ? 5.66610   -13.25764 7.14446   1.000 75.54840  ? 227 GLN A N   1 
ATOM   598  C CA  . GLN A 1 88  ? 4.84459   -12.34739 7.92576   1.000 75.26071  ? 227 GLN A CA  1 
ATOM   599  C C   . GLN A 1 88  ? 5.62974   -11.78310 9.10531   1.000 70.21879  ? 227 GLN A C   1 
ATOM   600  O O   . GLN A 1 88  ? 6.52569   -12.42948 9.65493   1.000 70.29855  ? 227 GLN A O   1 
ATOM   601  C CB  . GLN A 1 88  ? 3.58646   -13.05374 8.42126   1.000 66.12547  ? 227 GLN A CB  1 
ATOM   602  C CG  . GLN A 1 88  ? 3.85114   -14.19112 9.37963   1.000 68.24290  ? 227 GLN A CG  1 
ATOM   603  C CD  . GLN A 1 88  ? 2.58491   -14.92628 9.73735   1.000 80.93246  ? 227 GLN A CD  1 
ATOM   604  O OE1 . GLN A 1 88  ? 1.61390   -14.90561 8.98012   1.000 74.18273  ? 227 GLN A OE1 1 
ATOM   605  N NE2 . GLN A 1 88  ? 2.57834   -15.57545 10.89691  1.000 89.55696  ? 227 GLN A NE2 1 
ATOM   606  N N   . GLN A 1 89  ? 5.28855   -10.55192 9.47952   1.000 65.13942  ? 228 GLN A N   1 
ATOM   607  C CA  . GLN A 1 89  ? 5.86902   -9.88081  10.63456  1.000 59.37642  ? 228 GLN A CA  1 
ATOM   608  C C   . GLN A 1 89  ? 4.90470   -10.00989 11.80820  1.000 72.63306  ? 228 GLN A C   1 
ATOM   609  O O   . GLN A 1 89  ? 3.69868   -9.78866  11.65315  1.000 79.81384  ? 228 GLN A O   1 
ATOM   610  C CB  . GLN A 1 89  ? 6.15103   -8.40885  10.31748  1.000 47.98251  ? 228 GLN A CB  1 
ATOM   611  C CG  . GLN A 1 89  ? 6.77320   -7.62659  11.46406  1.000 46.66282  ? 228 GLN A CG  1 
ATOM   612  C CD  . GLN A 1 89  ? 7.25236   -6.24863  11.04631  1.000 70.98137  ? 228 GLN A CD  1 
ATOM   613  O OE1 . GLN A 1 89  ? 7.28164   -5.91690  9.85917   1.000 79.15014  ? 228 GLN A OE1 1 
ATOM   614  N NE2 . GLN A 1 89  ? 7.63409   -5.43861  12.02419  1.000 75.05322  ? 228 GLN A NE2 1 
ATOM   615  N N   . THR A 1 90  ? 5.42883   -10.39279 12.96891  1.000 67.29114  ? 229 THR A N   1 
ATOM   616  C CA  . THR A 1 90  ? 4.62379   -10.53124 14.17258  1.000 60.97198  ? 229 THR A CA  1 
ATOM   617  C C   . THR A 1 90  ? 5.15953   -9.61222  15.26124  1.000 65.40346  ? 229 THR A C   1 
ATOM   618  O O   . THR A 1 90  ? 6.36492   -9.36535  15.35296  1.000 57.59550  ? 229 THR A O   1 
ATOM   619  C CB  . THR A 1 90  ? 4.61186   -11.97598 14.68180  1.000 62.12259  ? 229 THR A CB  1 
ATOM   620  O OG1 . THR A 1 90  ? 5.90734   -12.31922 15.18885  1.000 61.99528  ? 229 THR A OG1 1 
ATOM   621  C CG2 . THR A 1 90  ? 4.22532   -12.92407 13.55515  1.000 61.91028  ? 229 THR A CG2 1 
ATOM   622  N N   . GLY A 1 91  ? 4.24588   -9.10698  16.08529  1.000 76.49522  ? 230 GLY A N   1 
ATOM   623  C CA  . GLY A 1 91  ? 4.61099   -8.24401  17.18990  1.000 68.30856  ? 230 GLY A CA  1 
ATOM   624  C C   . GLY A 1 91  ? 3.49910   -8.13367  18.20863  1.000 75.21240  ? 230 GLY A C   1 
ATOM   625  O O   . GLY A 1 91  ? 2.32840   -8.00272  17.84258  1.000 77.68470  ? 230 GLY A O   1 
ATOM   626  N N   . ASP A 1 92  ? 3.84728   -8.20093  19.49170  1.000 87.46041  ? 231 ASP A N   1 
ATOM   627  C CA  . ASP A 1 92  ? 2.86367   -7.98060  20.54471  1.000 87.59809  ? 231 ASP A CA  1 
ATOM   628  C C   . ASP A 1 92  ? 2.37463   -6.54322  20.47482  1.000 89.44361  ? 231 ASP A C   1 
ATOM   629  O O   . ASP A 1 92  ? 3.15931   -5.60438  20.64326  1.000 93.23236  ? 231 ASP A O   1 
ATOM   630  C CB  . ASP A 1 92  ? 3.47167   -8.27488  21.91466  1.000 91.08920  ? 231 ASP A CB  1 
ATOM   631  C CG  . ASP A 1 92  ? 3.82006   -9.73625  22.09395  1.000 98.15436  ? 231 ASP A CG  1 
ATOM   632  O OD1 . ASP A 1 92  ? 3.46105   -10.54322 21.21034  1.000 97.58726  ? 231 ASP A OD1 1 
ATOM   633  O OD2 . ASP A 1 92  ? 4.45424   -10.07795 23.11477  1.000 102.88469 ? 231 ASP A OD2 1 
ATOM   634  N N   . ARG A 1 93  ? 1.07865   -6.36873  20.22040  1.000 80.53286  ? 232 ARG A N   1 
ATOM   635  C CA  . ARG A 1 93  ? 0.50259   -5.05168  19.96975  1.000 73.01890  ? 232 ARG A CA  1 
ATOM   636  C C   . ARG A 1 93  ? -0.78104  -4.90568  20.77011  1.000 73.81574  ? 232 ARG A C   1 
ATOM   637  O O   . ARG A 1 93  ? -1.76153  -5.61265  20.51464  1.000 69.48497  ? 232 ARG A O   1 
ATOM   638  C CB  . ARG A 1 93  ? 0.22589   -4.85192  18.47883  1.000 71.17553  ? 232 ARG A CB  1 
ATOM   639  C CG  . ARG A 1 93  ? 1.47024   -4.72315  17.60300  1.000 85.68208  ? 232 ARG A CG  1 
ATOM   640  C CD  . ARG A 1 93  ? 2.31756   -3.50019  17.95904  1.000 81.12125  ? 232 ARG A CD  1 
ATOM   641  N NE  . ARG A 1 93  ? 1.50782   -2.37203  18.40236  1.000 78.44001  ? 232 ARG A NE  1 
ATOM   642  C CZ  . ARG A 1 93  ? 0.72163   -1.64988  17.61369  1.000 84.13600  ? 232 ARG A CZ  1 
ATOM   643  N NH1 . ARG A 1 93  ? 0.60660   -1.91130  16.32145  1.000 69.92489  ? 232 ARG A NH1 1 
ATOM   644  N NH2 . ARG A 1 93  ? 0.02575   -0.64451  18.13878  1.000 86.85087  ? 232 ARG A NH2 1 
ATOM   645  N N   . ALA A 1 94  ? -0.77044  -3.98374  21.73341  1.000 80.37530  ? 233 ALA A N   1 
ATOM   646  C CA  . ALA A 1 94  ? -1.97035  -3.58856  22.46867  1.000 79.37384  ? 233 ALA A CA  1 
ATOM   647  C C   . ALA A 1 94  ? -2.69388  -4.79043  23.06453  1.000 69.46740  ? 233 ALA A C   1 
ATOM   648  O O   . ALA A 1 94  ? -3.91952  -4.89807  23.00204  1.000 62.16206  ? 233 ALA A O   1 
ATOM   649  C CB  . ALA A 1 94  ? -2.91683  -2.78946  21.57439  1.000 82.19122  ? 233 ALA A CB  1 
ATOM   650  N N   . GLY A 1 95  ? -1.92537  -5.70803  23.64649  1.000 79.60170  ? 234 GLY A N   1 
ATOM   651  C CA  . GLY A 1 95  ? -2.48500  -6.85443  24.32000  1.000 72.65258  ? 234 GLY A CA  1 
ATOM   652  C C   . GLY A 1 95  ? -2.66396  -8.08586  23.46230  1.000 72.71274  ? 234 GLY A C   1 
ATOM   653  O O   . GLY A 1 95  ? -2.96187  -9.15620  24.00772  1.000 79.58906  ? 234 GLY A O   1 
ATOM   654  N N   . ILE A 1 96  ? -2.50394  -7.97995  22.14742  1.000 73.75701  ? 235 ILE A N   1 
ATOM   655  C CA  . ILE A 1 96  ? -2.58465  -9.14035  21.26770  1.000 72.12056  ? 235 ILE A CA  1 
ATOM   656  C C   . ILE A 1 96  ? -1.18549  -9.71875  21.12068  1.000 79.69179  ? 235 ILE A C   1 
ATOM   657  O O   . ILE A 1 96  ? -0.24858  -9.01189  20.73191  1.000 84.70623  ? 235 ILE A O   1 
ATOM   658  C CB  . ILE A 1 96  ? -3.17725  -8.77412  19.89761  1.000 68.02615  ? 235 ILE A CB  1 
ATOM   659  C CG1 . ILE A 1 96  ? -4.61383  -8.26941  20.06766  1.000 72.11785  ? 235 ILE A CG1 1 
ATOM   660  C CG2 . ILE A 1 96  ? -3.12590  -9.98577  18.95690  1.000 64.36742  ? 235 ILE A CG2 1 
ATOM   661  C CD1 . ILE A 1 96  ? -5.31984  -7.92762  18.76557  1.000 68.08343  ? 235 ILE A CD1 1 
ATOM   662  N N   . LYS A 1 97  ? -1.04558  -11.00435 21.43185  1.000 79.27335  ? 236 LYS A N   1 
ATOM   663  C CA  . LYS A 1 97  ? 0.24175   -11.67844 21.33530  1.000 75.53988  ? 236 LYS A CA  1 
ATOM   664  C C   . LYS A 1 97  ? 0.47088   -12.12563 19.89734  1.000 76.62132  ? 236 LYS A C   1 
ATOM   665  O O   . LYS A 1 97  ? -0.32250  -12.89677 19.34465  1.000 70.22991  ? 236 LYS A O   1 
ATOM   666  C CB  . LYS A 1 97  ? 0.29525   -12.86831 22.28919  1.000 76.64264  ? 236 LYS A CB  1 
ATOM   667  C CG  . LYS A 1 97  ? 1.65372   -13.54945 22.33251  1.000 86.55351  ? 236 LYS A CG  1 
ATOM   668  C CD  . LYS A 1 97  ? 1.71307   -14.61364 23.40644  1.000 85.49875  ? 236 LYS A CD  1 
ATOM   669  C CE  . LYS A 1 97  ? 3.08439   -15.26668 23.45835  1.000 96.39834  ? 236 LYS A CE  1 
ATOM   670  N NZ  . LYS A 1 97  ? 3.16719   -16.30438 24.52518  1.000 113.17688 ? 236 LYS A NZ  1 
ATOM   671  N N   . ASP A 1 98  ? 1.55745   -11.64469 19.29539  1.000 85.12137  ? 237 ASP A N   1 
ATOM   672  C CA  . ASP A 1 98  ? 1.93254   -12.00944 17.93154  1.000 89.20923  ? 237 ASP A CA  1 
ATOM   673  C C   . ASP A 1 98  ? 0.85272   -11.58698 16.93272  1.000 85.43130  ? 237 ASP A C   1 
ATOM   674  O O   . ASP A 1 98  ? 0.31164   -12.39514 16.17544  1.000 82.67218  ? 237 ASP A O   1 
ATOM   675  C CB  . ASP A 1 98  ? 2.21567   -13.51407 17.83037  1.000 89.39606  ? 237 ASP A CB  1 
ATOM   676  C CG  . ASP A 1 98  ? 3.35051   -13.95872 18.73579  1.000 89.66985  ? 237 ASP A CG  1 
ATOM   677  O OD1 . ASP A 1 98  ? 4.35827   -13.22815 18.83687  1.000 87.85499  ? 237 ASP A OD1 1 
ATOM   678  O OD2 . ASP A 1 98  ? 3.23162   -15.03983 19.35041  1.000 86.02550  ? 237 ASP A OD2 1 
ATOM   679  N N   . ARG A 1 99  ? 0.53239   -10.29464 16.95393  1.000 85.10255  ? 238 ARG A N   1 
ATOM   680  C CA  . ARG A 1 99  ? -0.31737  -9.73552  15.90930  1.000 76.06341  ? 238 ARG A CA  1 
ATOM   681  C C   . ARG A 1 99  ? 0.44798   -9.79847  14.59507  1.000 67.37284  ? 238 ARG A C   1 
ATOM   682  O O   . ARG A 1 99  ? 1.62864   -9.44007  14.53577  1.000 66.06050  ? 238 ARG A O   1 
ATOM   683  C CB  . ARG A 1 99  ? -0.72105  -8.29949  16.24591  1.000 66.31114  ? 238 ARG A CB  1 
ATOM   684  C CG  . ARG A 1 99  ? -1.66585  -7.65511  15.22946  1.000 64.98293  ? 238 ARG A CG  1 
ATOM   685  C CD  . ARG A 1 99  ? -2.04206  -6.23260  15.63356  1.000 61.52831  ? 238 ARG A CD  1 
ATOM   686  N NE  . ARG A 1 99  ? -2.71346  -5.50583  14.55918  1.000 58.07365  ? 238 ARG A NE  1 
ATOM   687  C CZ  . ARG A 1 99  ? -3.07149  -4.22818  14.62095  1.000 60.29259  ? 238 ARG A CZ  1 
ATOM   688  N NH1 . ARG A 1 99  ? -2.87001  -3.50119  15.70858  1.000 60.35407  ? 238 ARG A NH1 1 
ATOM   689  N NH2 . ARG A 1 99  ? -3.64047  -3.66249  13.56202  1.000 60.02695  ? 238 ARG A NH2 1 
ATOM   690  N N   . VAL A 1 100 ? -0.21112  -10.27521 13.54495  1.000 69.02678  ? 239 VAL A N   1 
ATOM   691  C CA  . VAL A 1 100 ? 0.46101   -10.62261 12.29972  1.000 75.19705  ? 239 VAL A CA  1 
ATOM   692  C C   . VAL A 1 100 ? 0.25692   -9.49746  11.29768  1.000 78.51045  ? 239 VAL A C   1 
ATOM   693  O O   . VAL A 1 100 ? -0.87887  -9.18413  10.91643  1.000 79.66140  ? 239 VAL A O   1 
ATOM   694  C CB  . VAL A 1 100 ? -0.05151  -11.95587 11.73498  1.000 72.63592  ? 239 VAL A CB  1 
ATOM   695  C CG1 . VAL A 1 100 ? 0.53664   -12.20102 10.36417  1.000 68.34269  ? 239 VAL A CG1 1 
ATOM   696  C CG2 . VAL A 1 100 ? 0.29881   -13.09534 12.67140  1.000 76.15253  ? 239 VAL A CG2 1 
ATOM   697  N N   . TYR A 1 101 ? 1.36170   -8.90007  10.86993  1.000 70.56194  ? 240 TYR A N   1 
ATOM   698  C CA  . TYR A 1 101 ? 1.37709   -7.94942  9.77033   1.000 65.89510  ? 240 TYR A CA  1 
ATOM   699  C C   . TYR A 1 101 ? 1.87082   -8.67961  8.52807   1.000 68.24717  ? 240 TYR A C   1 
ATOM   700  O O   . TYR A 1 101 ? 3.00397   -9.17106  8.50407   1.000 70.05799  ? 240 TYR A O   1 
ATOM   701  C CB  . TYR A 1 101 ? 2.27848   -6.76339  10.10092  1.000 52.79881  ? 240 TYR A CB  1 
ATOM   702  C CG  . TYR A 1 101 ? 1.81642   -5.97002  11.29190  1.000 54.30274  ? 240 TYR A CG  1 
ATOM   703  C CD1 . TYR A 1 101 ? 2.12886   -6.36835  12.57790  1.000 54.22840  ? 240 TYR A CD1 1 
ATOM   704  C CD2 . TYR A 1 101 ? 1.06740   -4.81658  11.12834  1.000 66.40873  ? 240 TYR A CD2 1 
ATOM   705  C CE1 . TYR A 1 101 ? 1.70578   -5.63232  13.67618  1.000 62.78719  ? 240 TYR A CE1 1 
ATOM   706  C CE2 . TYR A 1 101 ? 0.64016   -4.07770  12.21153  1.000 65.52844  ? 240 TYR A CE2 1 
ATOM   707  C CZ  . TYR A 1 101 ? 0.96119   -4.48585  13.48343  1.000 62.46057  ? 240 TYR A CZ  1 
ATOM   708  O OH  . TYR A 1 101 ? 0.52825   -3.73858  14.55553  1.000 63.92030  ? 240 TYR A OH  1 
ATOM   709  N N   . SER A 1 102 ? 1.02779   -8.74838  7.50098   1.000 69.20473  ? 241 SER A N   1 
ATOM   710  C CA  . SER A 1 102 ? 1.33144   -9.50476  6.29735   1.000 80.53731  ? 241 SER A CA  1 
ATOM   711  C C   . SER A 1 102 ? 1.27308   -8.59988  5.07353   1.000 86.69039  ? 241 SER A C   1 
ATOM   712  O O   . SER A 1 102 ? 0.59006   -7.57204  5.06897   1.000 78.91614  ? 241 SER A O   1 
ATOM   713  C CB  . SER A 1 102 ? 0.35859   -10.67845 6.11930   1.000 83.70542  ? 241 SER A CB  1 
ATOM   714  O OG  . SER A 1 102 ? 0.76972   -11.52171 5.05662   1.000 92.04836  ? 241 SER A OG  1 
ATOM   715  N N   . ASN A 1 103 ? 2.01109   -8.99289  4.03737   1.000 84.14719  ? 242 ASN A N   1 
ATOM   716  C CA  . ASN A 1 103 ? 2.05241   -8.25924  2.78066   1.000 84.77761  ? 242 ASN A CA  1 
ATOM   717  C C   . ASN A 1 103 ? 2.05465   -9.25204  1.62730   1.000 92.82827  ? 242 ASN A C   1 
ATOM   718  O O   . ASN A 1 103 ? 2.51468   -10.38807 1.77144   1.000 95.99444  ? 242 ASN A O   1 
ATOM   719  C CB  . ASN A 1 103 ? 3.28312   -7.34866  2.71490   1.000 80.76713  ? 242 ASN A CB  1 
ATOM   720  C CG  . ASN A 1 103 ? 3.31618   -6.33069  3.84731   1.000 74.07524  ? 242 ASN A CG  1 
ATOM   721  O OD1 . ASN A 1 103 ? 3.71894   -6.64192  4.96844   1.000 67.37844  ? 242 ASN A OD1 1 
ATOM   722  N ND2 . ASN A 1 103 ? 2.89016   -5.10788  3.55594   1.000 71.00265  ? 242 ASN A ND2 1 
ATOM   723  N N   . SER A 1 104 ? 1.54463   -8.81007  0.47757   1.000 87.31512  ? 243 SER A N   1 
ATOM   724  C CA  . SER A 1 104 ? 1.38566   -9.66502  -0.69063  1.000 83.76506  ? 243 SER A CA  1 
ATOM   725  C C   . SER A 1 104 ? 2.21507   -9.13073  -1.85069  1.000 79.94687  ? 243 SER A C   1 
ATOM   726  O O   . SER A 1 104 ? 2.23184   -7.92447  -2.11345  1.000 78.59982  ? 243 SER A O   1 
ATOM   727  C CB  . SER A 1 104 ? -0.09071  -9.76488  -1.10426  1.000 81.19826  ? 243 SER A CB  1 
ATOM   728  O OG  . SER A 1 104 ? -0.86135  -10.41169 -0.10321  1.000 77.08409  ? 243 SER A OG  1 
ATOM   729  N N   . ILE A 1 105 ? 2.88992   -10.04305 -2.54657  1.000 85.68680  ? 244 ILE A N   1 
ATOM   730  C CA  . ILE A 1 105 ? 3.75193   -9.71792  -3.67691  1.000 75.88236  ? 244 ILE A CA  1 
ATOM   731  C C   . ILE A 1 105 ? 2.95598   -9.91986  -4.95492  1.000 79.66580  ? 244 ILE A C   1 
ATOM   732  O O   . ILE A 1 105 ? 2.29806   -10.95401 -5.12678  1.000 75.71499  ? 244 ILE A O   1 
ATOM   733  C CB  . ILE A 1 105 ? 5.01670   -10.59133 -3.68539  1.000 77.47552  ? 244 ILE A CB  1 
ATOM   734  C CG1 . ILE A 1 105 ? 5.68107   -10.58744 -2.30805  1.000 74.78438  ? 244 ILE A CG1 1 
ATOM   735  C CG2 . ILE A 1 105 ? 5.98346   -10.10866 -4.75884  1.000 84.16988  ? 244 ILE A CG2 1 
ATOM   736  C CD1 . ILE A 1 105 ? 6.84941   -11.53285 -2.19902  1.000 76.04864  ? 244 ILE A CD1 1 
ATOM   737  N N   . TYR A 1 106 ? 3.02319   -8.94696  -5.85434  1.000 83.64159  ? 245 TYR A N   1 
ATOM   738  C CA  . TYR A 1 106 ? 2.25726   -8.97139  -7.08832  1.000 84.67263  ? 245 TYR A CA  1 
ATOM   739  C C   . TYR A 1 106 ? 3.17924   -8.81463  -8.28775  1.000 96.40672  ? 245 TYR A C   1 
ATOM   740  O O   . TYR A 1 106 ? 4.23007   -8.17194  -8.20361  1.000 99.59368  ? 245 TYR A O   1 
ATOM   741  C CB  . TYR A 1 106 ? 1.21026   -7.86007  -7.10506  1.000 81.43585  ? 245 TYR A CB  1 
ATOM   742  C CG  . TYR A 1 106 ? 0.04663   -8.10856  -6.18488  1.000 84.94908  ? 245 TYR A CG  1 
ATOM   743  C CD1 . TYR A 1 106 ? 0.12739   -7.80702  -4.83260  1.000 87.97294  ? 245 TYR A CD1 1 
ATOM   744  C CD2 . TYR A 1 106 ? -1.13839  -8.64109  -6.66780  1.000 90.13724  ? 245 TYR A CD2 1 
ATOM   745  C CE1 . TYR A 1 106 ? -0.93984  -8.03337  -3.98484  1.000 82.91186  ? 245 TYR A CE1 1 
ATOM   746  C CE2 . TYR A 1 106 ? -2.21151  -8.86967  -5.83151  1.000 98.99289  ? 245 TYR A CE2 1 
ATOM   747  C CZ  . TYR A 1 106 ? -2.10772  -8.56370  -4.49071  1.000 89.25426  ? 245 TYR A CZ  1 
ATOM   748  O OH  . TYR A 1 106 ? -3.17645  -8.78952  -3.65729  1.000 94.24294  ? 245 TYR A OH  1 
ATOM   749  N N   . GLU A 1 107 ? 2.77986   -9.42397  -9.40076  1.000 102.50378 ? 246 GLU A N   1 
ATOM   750  C CA  . GLU A 1 107 ? 3.45039   -9.24650  -10.67898 1.000 106.20712 ? 246 GLU A CA  1 
ATOM   751  C C   . GLU A 1 107 ? 2.63521   -8.31125  -11.56431 1.000 102.66212 ? 246 GLU A C   1 
ATOM   752  O O   . GLU A 1 107 ? 1.40209   -8.29120  -11.50947 1.000 96.85101  ? 246 GLU A O   1 
ATOM   753  C CB  . GLU A 1 107 ? 3.65914   -10.58868 -11.38678 1.000 103.10911 ? 246 GLU A CB  1 
ATOM   754  C CG  . GLU A 1 107 ? 2.38257   -11.28959 -11.83128 1.000 99.74198  ? 246 GLU A CG  1 
ATOM   755  C CD  . GLU A 1 107 ? 2.64420   -12.35630 -12.87933 1.000 101.14872 ? 246 GLU A CD  1 
ATOM   756  O OE1 . GLU A 1 107 ? 3.82773   -12.67032 -13.12908 1.000 99.16416  ? 246 GLU A OE1 1 
ATOM   757  O OE2 . GLU A 1 107 ? 1.66593   -12.87185 -13.45878 1.000 101.21894 ? 246 GLU A OE2 1 
ATOM   758  N N   . LEU A 1 108 ? 3.33902   -7.53618  -12.38370 1.000 103.61567 ? 247 LEU A N   1 
ATOM   759  C CA  . LEU A 1 108 ? 2.72462   -6.59628  -13.31096 1.000 104.04691 ? 247 LEU A CA  1 
ATOM   760  C C   . LEU A 1 108 ? 3.02174   -7.03919  -14.73696 1.000 107.66042 ? 247 LEU A C   1 
ATOM   761  O O   . LEU A 1 108 ? 4.18042   -7.28780  -15.08610 1.000 111.37776 ? 247 LEU A O   1 
ATOM   762  C CB  . LEU A 1 108 ? 3.24148   -5.17923  -13.06541 1.000 100.01921 ? 247 LEU A CB  1 
ATOM   763  C CG  . LEU A 1 108 ? 3.14904   -4.70790  -11.61085 1.000 98.78024  ? 247 LEU A CG  1 
ATOM   764  C CD1 . LEU A 1 108 ? 3.65666   -3.28687  -11.47860 1.000 115.53156 ? 247 LEU A CD1 1 
ATOM   765  C CD2 . LEU A 1 108 ? 1.72590   -4.80588  -11.09514 1.000 95.66235  ? 247 LEU A CD2 1 
ATOM   766  N N   . LEU A 1 109 ? 1.97732   -7.13112  -15.55668 1.000 107.23618 ? 248 LEU A N   1 
ATOM   767  C CA  . LEU A 1 109 ? 2.05963   -7.72841  -16.88330 1.000 108.16504 ? 248 LEU A CA  1 
ATOM   768  C C   . LEU A 1 109 ? 1.94652   -6.63736  -17.93747 1.000 112.21030 ? 248 LEU A C   1 
ATOM   769  O O   . LEU A 1 109 ? 0.96896   -5.88082  -17.94816 1.000 112.60624 ? 248 LEU A O   1 
ATOM   770  C CB  . LEU A 1 109 ? 0.95814   -8.77123  -17.07540 1.000 107.55840 ? 248 LEU A CB  1 
ATOM   771  C CG  . LEU A 1 109 ? 0.92402   -9.88447  -16.02661 1.000 108.34274 ? 248 LEU A CG  1 
ATOM   772  C CD1 . LEU A 1 109 ? -0.39193  -10.64452 -16.07199 1.000 105.18361 ? 248 LEU A CD1 1 
ATOM   773  C CD2 . LEU A 1 109 ? 2.09601   -10.83525 -16.22206 1.000 112.53773 ? 248 LEU A CD2 1 
ATOM   774  N N   . GLU A 1 110 ? 2.94917   -6.55389  -18.81178 1.000 120.19844 ? 249 GLU A N   1 
ATOM   775  C CA  . GLU A 1 110 ? 2.92912   -5.66025  -19.96330 1.000 123.92824 ? 249 GLU A CA  1 
ATOM   776  C C   . GLU A 1 110 ? 3.07319   -6.50741  -21.21898 1.000 132.74159 ? 249 GLU A C   1 
ATOM   777  O O   . GLU A 1 110 ? 4.08790   -7.18995  -21.39817 1.000 130.22554 ? 249 GLU A O   1 
ATOM   778  C CB  . GLU A 1 110 ? 4.04683   -4.61744  -19.88537 1.000 111.31612 ? 249 GLU A CB  1 
ATOM   779  C CG  . GLU A 1 110 ? 3.73017   -3.35040  -20.65551 1.000 110.66692 ? 249 GLU A CG  1 
ATOM   780  C CD  . GLU A 1 110 ? 4.90233   -2.39956  -20.71893 1.000 119.34455 ? 249 GLU A CD  1 
ATOM   781  O OE1 . GLU A 1 110 ? 5.99474   -2.82929  -21.14467 1.000 123.72465 ? 249 GLU A OE1 1 
ATOM   782  O OE2 . GLU A 1 110 ? 4.73309   -1.22285  -20.33413 1.000 118.17517 ? 249 GLU A OE2 1 
ATOM   783  N N   . ASN A 1 111 ? 2.05962   -6.46169  -22.08385 1.000 137.48832 ? 250 ASN A N   1 
ATOM   784  C CA  . ASN A 1 111 ? 1.98781   -7.27335  -23.29427 1.000 137.75427 ? 250 ASN A CA  1 
ATOM   785  C C   . ASN A 1 111 ? 1.88460   -8.76313  -22.98747 1.000 120.73829 ? 250 ASN A C   1 
ATOM   786  O O   . ASN A 1 111 ? 2.18789   -9.59852  -23.84594 1.000 122.26838 ? 250 ASN A O   1 
ATOM   787  C CB  . ASN A 1 111 ? 3.19408   -7.02016  -24.21041 1.000 145.02774 ? 250 ASN A CB  1 
ATOM   788  C CG  . ASN A 1 111 ? 3.51827   -5.54354  -24.36377 1.000 139.54450 ? 250 ASN A CG  1 
ATOM   789  O OD1 . ASN A 1 111 ? 4.60602   -5.09717  -23.99678 1.000 132.64652 ? 250 ASN A OD1 1 
ATOM   790  N ND2 . ASN A 1 111 ? 2.57993   -4.78128  -24.91449 1.000 138.40190 ? 250 ASN A ND2 1 
ATOM   791  N N   . GLY A 1 112 ? 1.45331   -9.11680  -21.77799 1.000 109.02268 ? 251 GLY A N   1 
ATOM   792  C CA  . GLY A 1 112 ? 1.31021   -10.49827 -21.38492 1.000 117.33008 ? 251 GLY A CA  1 
ATOM   793  C C   . GLY A 1 112 ? 2.54607   -11.12424 -20.77692 1.000 123.27311 ? 251 GLY A C   1 
ATOM   794  O O   . GLY A 1 112 ? 2.47374   -12.26862 -20.31322 1.000 122.73449 ? 251 GLY A O   1 
ATOM   795  N N   . GLN A 1 113 ? 3.67217   -10.41763 -20.75420 1.000 126.31427 ? 252 GLN A N   1 
ATOM   796  C CA  . GLN A 1 113 ? 4.89612   -10.89938 -20.13217 1.000 128.07018 ? 252 GLN A CA  1 
ATOM   797  C C   . GLN A 1 113 ? 5.13326   -10.13410 -18.83482 1.000 125.95569 ? 252 GLN A C   1 
ATOM   798  O O   . GLN A 1 113 ? 4.80798   -8.95012  -18.72911 1.000 125.88458 ? 252 GLN A O   1 
ATOM   799  C CB  . GLN A 1 113 ? 6.09422   -10.73902 -21.07705 1.000 124.56054 ? 252 GLN A CB  1 
ATOM   800  C CG  . GLN A 1 113 ? 7.38503   -11.37086 -20.56881 1.000 125.51582 ? 252 GLN A CG  1 
ATOM   801  C CD  . GLN A 1 113 ? 8.50159   -11.32766 -21.59502 1.000 128.91663 ? 252 GLN A CD  1 
ATOM   802  O OE1 . GLN A 1 113 ? 8.29536   -10.91211 -22.73615 1.000 128.83336 ? 252 GLN A OE1 1 
ATOM   803  N NE2 . GLN A 1 113 ? 9.69436   -11.75748 -21.19414 1.000 130.02179 ? 252 GLN A NE2 1 
ATOM   804  N N   . ARG A 1 114 ? 5.68409   -10.82640 -17.83829 1.000 114.20585 ? 253 ARG A N   1 
ATOM   805  C CA  . ARG A 1 114 ? 5.92946   -10.20869 -16.54045 1.000 107.73214 ? 253 ARG A CA  1 
ATOM   806  C C   . ARG A 1 114 ? 6.89431   -9.03833  -16.67676 1.000 106.74543 ? 253 ARG A C   1 
ATOM   807  O O   . ARG A 1 114 ? 8.06468   -9.22369  -17.02539 1.000 105.42933 ? 253 ARG A O   1 
ATOM   808  C CB  . ARG A 1 114 ? 6.48654   -11.24043 -15.56443 1.000 113.10356 ? 253 ARG A CB  1 
ATOM   809  C CG  . ARG A 1 114 ? 6.91254   -10.65301 -14.22758 1.000 106.15185 ? 253 ARG A CG  1 
ATOM   810  C CD  . ARG A 1 114 ? 7.47601   -11.71577 -13.30499 1.000 103.29156 ? 253 ARG A CD  1 
ATOM   811  N NE  . ARG A 1 114 ? 6.48659   -12.73544 -12.98119 1.000 95.55157  ? 253 ARG A NE  1 
ATOM   812  C CZ  . ARG A 1 114 ? 6.69867   -13.74212 -12.14537 1.000 102.68035 ? 253 ARG A CZ  1 
ATOM   813  N NH1 . ARG A 1 114 ? 7.85887   -13.89572 -11.52955 1.000 100.60789 ? 253 ARG A NH1 1 
ATOM   814  N NH2 . ARG A 1 114 ? 5.72128   -14.61399 -11.92045 1.000 111.92146 ? 253 ARG A NH2 1 
ATOM   815  N N   . ALA A 1 115 ? 6.40747   -7.83424  -16.37915 1.000 106.38460 ? 254 ALA A N   1 
ATOM   816  C CA  . ALA A 1 115 ? 7.21800   -6.62817  -16.47611 1.000 105.33883 ? 254 ALA A CA  1 
ATOM   817  C C   . ALA A 1 115 ? 7.82838   -6.19957  -15.14995 1.000 101.19091 ? 254 ALA A C   1 
ATOM   818  O O   . ALA A 1 115 ? 8.94411   -5.66908  -15.14174 1.000 105.69843 ? 254 ALA A O   1 
ATOM   819  C CB  . ALA A 1 115 ? 6.37726   -5.47034  -17.03031 1.000 104.25154 ? 254 ALA A CB  1 
ATOM   820  N N   . GLY A 1 116 ? 7.14340   -6.42231  -14.03149 1.000 103.54856 ? 255 GLY A N   1 
ATOM   821  C CA  . GLY A 1 116 ? 7.65444   -5.98855  -12.74657 1.000 106.80511 ? 255 GLY A CA  1 
ATOM   822  C C   . GLY A 1 116 ? 7.02121   -6.75298  -11.60968 1.000 108.70440 ? 255 GLY A C   1 
ATOM   823  O O   . GLY A 1 116 ? 5.84963   -7.13970  -11.67264 1.000 103.89786 ? 255 GLY A O   1 
ATOM   824  N N   . THR A 1 117 ? 7.80466   -6.96190  -10.55121 1.000 104.06395 ? 256 THR A N   1 
ATOM   825  C CA  . THR A 1 117 ? 7.35399   -7.63869  -9.34248  1.000 90.63239  ? 256 THR A CA  1 
ATOM   826  C C   . THR A 1 117 ? 7.65099   -6.74056  -8.15127  1.000 98.64029  ? 256 THR A C   1 
ATOM   827  O O   . THR A 1 117 ? 8.76021   -6.20739  -8.03483  1.000 97.65828  ? 256 THR A O   1 
ATOM   828  C CB  . THR A 1 117 ? 8.04643   -8.99605  -9.17282  1.000 86.40398  ? 256 THR A CB  1 
ATOM   829  O OG1 . THR A 1 117 ? 7.70624   -9.85101  -10.27112 1.000 103.63601 ? 256 THR A OG1 1 
ATOM   830  C CG2 . THR A 1 117 ? 7.62446   -9.65840  -7.86752  1.000 93.13867  ? 256 THR A CG2 1 
ATOM   831  N N   . CYS A 1 118 ? 6.66289   -6.56946  -7.27344  1.000 103.56389 ? 257 CYS A N   1 
ATOM   832  C CA  . CYS A 1 118 ? 6.79374   -5.65429  -6.14809  1.000 92.67414  ? 257 CYS A CA  1 
ATOM   833  C C   . CYS A 1 118 ? 5.75325   -5.99354  -5.09153  1.000 90.88829  ? 257 CYS A C   1 
ATOM   834  O O   . CYS A 1 118 ? 4.82060   -6.76609  -5.32763  1.000 86.34036  ? 257 CYS A O   1 
ATOM   835  C CB  . CYS A 1 118 ? 6.62024   -4.20217  -6.59228  1.000 84.49482  ? 257 CYS A CB  1 
ATOM   836  S SG  . CYS A 1 118 ? 4.92930   -3.83604  -7.12462  1.000 82.26339  ? 257 CYS A SG  1 
ATOM   837  N N   . VAL A 1 119 ? 5.91732   -5.38031  -3.92426  1.000 85.11062  ? 258 VAL A N   1 
ATOM   838  C CA  . VAL A 1 119 ? 4.95711   -5.49672  -2.83348  1.000 82.66696  ? 258 VAL A CA  1 
ATOM   839  C C   . VAL A 1 119 ? 3.95496   -4.35702  -2.98787  1.000 85.75151  ? 258 VAL A C   1 
ATOM   840  O O   . VAL A 1 119 ? 4.28689   -3.19276  -2.75236  1.000 88.16576  ? 258 VAL A O   1 
ATOM   841  C CB  . VAL A 1 119 ? 5.64991   -5.44852  -1.46673  1.000 82.93305  ? 258 VAL A CB  1 
ATOM   842  C CG1 . VAL A 1 119 ? 4.67048   -5.82019  -0.36253  1.000 84.04453  ? 258 VAL A CG1 1 
ATOM   843  C CG2 . VAL A 1 119 ? 6.86927   -6.36694  -1.44694  1.000 89.41377  ? 258 VAL A CG2 1 
ATOM   844  N N   . LEU A 1 120 ? 2.72551   -4.68940  -3.37262  1.000 81.29157  ? 259 LEU A N   1 
ATOM   845  C CA  . LEU A 1 120 ? 1.71582   -3.69698  -3.70793  1.000 71.83019  ? 259 LEU A CA  1 
ATOM   846  C C   . LEU A 1 120 ? 0.46885   -3.91210  -2.86565  1.000 70.07136  ? 259 LEU A C   1 
ATOM   847  O O   . LEU A 1 120 ? 0.05268   -5.05068  -2.63647  1.000 79.92019  ? 259 LEU A O   1 
ATOM   848  C CB  . LEU A 1 120 ? 1.35163   -3.76790  -5.19107  1.000 77.93032  ? 259 LEU A CB  1 
ATOM   849  C CG  . LEU A 1 120 ? 0.48170   -2.62645  -5.71460  1.000 82.03776  ? 259 LEU A CG  1 
ATOM   850  C CD1 . LEU A 1 120 ? 1.25563   -1.31487  -5.70034  1.000 79.21631  ? 259 LEU A CD1 1 
ATOM   851  C CD2 . LEU A 1 120 ? -0.02001  -2.94187  -7.11369  1.000 94.34265  ? 259 LEU A CD2 1 
ATOM   852  N N   . GLU A 1 121 ? -0.11583  -2.80946  -2.40122  1.000 75.47340  ? 260 GLU A N   1 
ATOM   853  C CA  . GLU A 1 121 ? -1.33919  -2.86437  -1.61367  1.000 71.02388  ? 260 GLU A CA  1 
ATOM   854  C C   . GLU A 1 121 ? -2.02490  -1.50685  -1.66571  1.000 68.73429  ? 260 GLU A C   1 
ATOM   855  O O   . GLU A 1 121 ? -1.41315  -0.49306  -2.01632  1.000 69.81656  ? 260 GLU A O   1 
ATOM   856  C CB  . GLU A 1 121 ? -1.05283  -3.26857  -0.16383  1.000 63.31665  ? 260 GLU A CB  1 
ATOM   857  C CG  . GLU A 1 121 ? -0.36981  -2.19092  0.65357   1.000 59.02861  ? 260 GLU A CG  1 
ATOM   858  C CD  . GLU A 1 121 ? 0.23517   -2.71768  1.94425   1.000 65.62557  ? 260 GLU A CD  1 
ATOM   859  O OE1 . GLU A 1 121 ? 0.78121   -3.84214  1.93742   1.000 70.14650  ? 260 GLU A OE1 1 
ATOM   860  O OE2 . GLU A 1 121 ? 0.16941   -2.00187  2.96840   1.000 62.21582  ? 260 GLU A OE2 1 
ATOM   861  N N   . TYR A 1 122 ? -3.31184  -1.50565  -1.32458  1.000 68.04644  ? 261 TYR A N   1 
ATOM   862  C CA  . TYR A 1 122 ? -4.05476  -0.26756  -1.15055  1.000 60.61925  ? 261 TYR A CA  1 
ATOM   863  C C   . TYR A 1 122 ? -3.80825  0.29444   0.24979   1.000 57.11172  ? 261 TYR A C   1 
ATOM   864  O O   . TYR A 1 122 ? -3.22153  -0.35530  1.11906   1.000 55.51817  ? 261 TYR A O   1 
ATOM   865  C CB  . TYR A 1 122 ? -5.55703  -0.48737  -1.37408  1.000 69.26320  ? 261 TYR A CB  1 
ATOM   866  C CG  . TYR A 1 122 ? -5.96719  -0.62245  -2.83042  1.000 78.59823  ? 261 TYR A CG  1 
ATOM   867  C CD1 . TYR A 1 122 ? -5.96510  0.47606   -3.67935  1.000 84.33350  ? 261 TYR A CD1 1 
ATOM   868  C CD2 . TYR A 1 122 ? -6.36428  -1.84660  -3.35035  1.000 87.52950  ? 261 TYR A CD2 1 
ATOM   869  C CE1 . TYR A 1 122 ? -6.33439  0.35600   -5.00440  1.000 87.00339  ? 261 TYR A CE1 1 
ATOM   870  C CE2 . TYR A 1 122 ? -6.73548  -1.97371  -4.67461  1.000 95.60968  ? 261 TYR A CE2 1 
ATOM   871  C CZ  . TYR A 1 122 ? -6.71892  -0.86801  -5.49634  1.000 92.57114  ? 261 TYR A CZ  1 
ATOM   872  O OH  . TYR A 1 122 ? -7.08575  -0.98342  -6.81561  1.000 91.99867  ? 261 TYR A OH  1 
ATOM   873  N N   . ALA A 1 123 ? -4.25540  1.53131   0.45622   1.000 62.80645  ? 262 ALA A N   1 
ATOM   874  C CA  . ALA A 1 123 ? -4.19772  2.18973   1.75746   1.000 59.40279  ? 262 ALA A CA  1 
ATOM   875  C C   . ALA A 1 123 ? -5.55356  2.01883   2.42724   1.000 65.43329  ? 262 ALA A C   1 
ATOM   876  O O   . ALA A 1 123 ? -6.52367  2.69430   2.06370   1.000 81.62447  ? 262 ALA A O   1 
ATOM   877  C CB  . ALA A 1 123 ? -3.84521  3.66706   1.61035   1.000 63.48312  ? 262 ALA A CB  1 
ATOM   878  N N   . THR A 1 124 ? -5.61732  1.12671   3.41183   1.000 60.70908  ? 263 THR A N   1 
ATOM   879  C CA  . THR A 1 124 ? -6.90733  0.77001   3.98840   1.000 69.69666  ? 263 THR A CA  1 
ATOM   880  C C   . THR A 1 124 ? -7.66084  1.95196   4.59713   1.000 64.26246  ? 263 THR A C   1 
ATOM   881  O O   . THR A 1 124 ? -8.90134  1.94700   4.52347   1.000 64.74254  ? 263 THR A O   1 
ATOM   882  C CB  . THR A 1 124 ? -6.71441  -0.34499  5.03189   1.000 78.83715  ? 263 THR A CB  1 
ATOM   883  O OG1 . THR A 1 124 ? -5.84318  0.10245   6.07979   1.000 77.76791  ? 263 THR A OG1 1 
ATOM   884  C CG2 . THR A 1 124 ? -6.11644  -1.59123  4.38978   1.000 69.89474  ? 263 THR A CG2 1 
ATOM   885  N N   . PRO A 1 125 ? -7.01650  2.97851   5.16252   1.000 58.44829  ? 264 PRO A N   1 
ATOM   886  C CA  . PRO A 1 125 ? -7.79877  4.10369   5.70331   1.000 61.52896  ? 264 PRO A CA  1 
ATOM   887  C C   . PRO A 1 125 ? -8.70894  4.74493   4.67360   1.000 65.53443  ? 264 PRO A C   1 
ATOM   888  O O   . PRO A 1 125 ? -9.69828  5.38230   5.05555   1.000 64.31663  ? 264 PRO A O   1 
ATOM   889  C CB  . PRO A 1 125 ? -6.72156  5.08070   6.19419   1.000 59.71997  ? 264 PRO A CB  1 
ATOM   890  C CG  . PRO A 1 125 ? -5.55176  4.21844   6.49306   1.000 51.84568  ? 264 PRO A CG  1 
ATOM   891  C CD  . PRO A 1 125 ? -5.57932  3.12974   5.45713   1.000 54.87088  ? 264 PRO A CD  1 
ATOM   892  N N   . LEU A 1 126 ? -8.41177  4.59312   3.38068   1.000 59.56374  ? 265 LEU A N   1 
ATOM   893  C CA  . LEU A 1 126 ? -9.31336  5.09937   2.35466   1.000 62.08291  ? 265 LEU A CA  1 
ATOM   894  C C   . LEU A 1 126 ? -10.61375 4.30474   2.31895   1.000 76.31254  ? 265 LEU A C   1 
ATOM   895  O O   . LEU A 1 126 ? -11.67958 4.87146   2.05756   1.000 80.63694  ? 265 LEU A O   1 
ATOM   896  C CB  . LEU A 1 126 ? -8.62469  5.07289   0.99514   1.000 63.18334  ? 265 LEU A CB  1 
ATOM   897  C CG  . LEU A 1 126 ? -7.40230  5.98775   0.87488   1.000 64.00460  ? 265 LEU A CG  1 
ATOM   898  C CD1 . LEU A 1 126 ? -6.78295  5.88559   -0.51105  1.000 66.17423  ? 265 LEU A CD1 1 
ATOM   899  C CD2 . LEU A 1 126 ? -7.76549  7.43890   1.19297   1.000 59.29500  ? 265 LEU A CD2 1 
ATOM   900  N N   . GLN A 1 127 ? -10.55267 2.99307   2.57553   1.000 74.95318  ? 266 GLN A N   1 
ATOM   901  C CA  . GLN A 1 127 ? -11.78551 2.23165   2.75046   1.000 70.82458  ? 266 GLN A CA  1 
ATOM   902  C C   . GLN A 1 127 ? -12.60304 2.80554   3.89812   1.000 72.01366  ? 266 GLN A C   1 
ATOM   903  O O   . GLN A 1 127 ? -13.81282 3.02337   3.77237   1.000 77.91477  ? 266 GLN A O   1 
ATOM   904  C CB  . GLN A 1 127 ? -11.47314 0.75845   3.01181   1.000 79.88271  ? 266 GLN A CB  1 
ATOM   905  C CG  . GLN A 1 127 ? -11.23284 -0.07227  1.76220   1.000 95.54260  ? 266 GLN A CG  1 
ATOM   906  C CD  . GLN A 1 127 ? -11.02477 -1.55275  2.07279   1.000 96.60622  ? 266 GLN A CD  1 
ATOM   907  O OE1 . GLN A 1 127 ? -10.86822 -1.94197  3.23100   1.000 91.09311  ? 266 GLN A OE1 1 
ATOM   908  N NE2 . GLN A 1 127 ? -11.02371 -2.38162  1.03378   1.000 91.60843  ? 266 GLN A NE2 1 
ATOM   909  N N   . THR A 1 128 ? -11.94706 3.07118   5.02715   1.000 67.51128  ? 267 THR A N   1 
ATOM   910  C CA  . THR A 1 128 ? -12.65200 3.61740   6.17952   1.000 71.17403  ? 267 THR A CA  1 
ATOM   911  C C   . THR A 1 128 ? -13.35457 4.92671   5.83560   1.000 71.92223  ? 267 THR A C   1 
ATOM   912  O O   . THR A 1 128 ? -14.49033 5.15802   6.26848   1.000 74.68677  ? 267 THR A O   1 
ATOM   913  C CB  . THR A 1 128 ? -11.66780 3.80781   7.33121   1.000 73.82820  ? 267 THR A CB  1 
ATOM   914  O OG1 . THR A 1 128 ? -11.30787 2.52432   7.85842   1.000 67.21250  ? 267 THR A OG1 1 
ATOM   915  C CG2 . THR A 1 128 ? -12.26861 4.67697   8.43157   1.000 72.96333  ? 267 THR A CG2 1 
ATOM   916  N N   . LEU A 1 129 ? -12.69962 5.79944   5.06118   1.000 67.13046  ? 268 LEU A N   1 
ATOM   917  C CA  . LEU A 1 129 ? -13.35433 7.03277   4.63132   1.000 70.30696  ? 268 LEU A CA  1 
ATOM   918  C C   . LEU A 1 129 ? -14.56617 6.73210   3.75805   1.000 73.92071  ? 268 LEU A C   1 
ATOM   919  O O   . LEU A 1 129 ? -15.62743 7.34611   3.91929   1.000 77.94860  ? 268 LEU A O   1 
ATOM   920  C CB  . LEU A 1 129 ? -12.37872 7.93226   3.86843   1.000 67.64961  ? 268 LEU A CB  1 
ATOM   921  C CG  . LEU A 1 129 ? -11.41373 8.81108   4.66256   1.000 59.20689  ? 268 LEU A CG  1 
ATOM   922  C CD1 . LEU A 1 129 ? -10.58006 9.61920   3.68946   1.000 51.11539  ? 268 LEU A CD1 1 
ATOM   923  C CD2 . LEU A 1 129 ? -12.12827 9.73217   5.63670   1.000 75.15284  ? 268 LEU A CD2 1 
ATOM   924  N N   . PHE A 1 130 ? -14.42904 5.78716   2.82718   1.000 70.68556  ? 269 PHE A N   1 
ATOM   925  C CA  . PHE A 1 130 ? -15.54535 5.46861   1.94793   1.000 69.48453  ? 269 PHE A CA  1 
ATOM   926  C C   . PHE A 1 130 ? -16.74073 4.97633   2.75127   1.000 70.38077  ? 269 PHE A C   1 
ATOM   927  O O   . PHE A 1 130 ? -17.87377 5.41494   2.52498   1.000 75.61878  ? 269 PHE A O   1 
ATOM   928  C CB  . PHE A 1 130 ? -15.11913 4.42231   0.92374   1.000 67.99251  ? 269 PHE A CB  1 
ATOM   929  C CG  . PHE A 1 130 ? -16.05680 4.29461   -0.23197  1.000 79.16739  ? 269 PHE A CG  1 
ATOM   930  C CD1 . PHE A 1 130 ? -17.12972 3.42156   -0.17703  1.000 75.39110  ? 269 PHE A CD1 1 
ATOM   931  C CD2 . PHE A 1 130 ? -15.86432 5.04624   -1.37728  1.000 92.30101  ? 269 PHE A CD2 1 
ATOM   932  C CE1 . PHE A 1 130 ? -17.99463 3.30078   -1.24696  1.000 92.34534  ? 269 PHE A CE1 1 
ATOM   933  C CE2 . PHE A 1 130 ? -16.72454 4.93152   -2.45027  1.000 102.43731 ? 269 PHE A CE2 1 
ATOM   934  C CZ  . PHE A 1 130 ? -17.79102 4.05783   -2.38543  1.000 99.58438  ? 269 PHE A CZ  1 
ATOM   935  N N   . ALA A 1 131 ? -16.50284 4.08570   3.71472   1.000 67.16425  ? 270 ALA A N   1 
ATOM   936  C CA  . ALA A 1 131 ? -17.60274 3.54847   4.50553   1.000 64.61423  ? 270 ALA A CA  1 
ATOM   937  C C   . ALA A 1 131 ? -18.27099 4.63449   5.33454   1.000 63.04934  ? 270 ALA A C   1 
ATOM   938  O O   . ALA A 1 131 ? -19.49872 4.64758   5.48176   1.000 69.48461  ? 270 ALA A O   1 
ATOM   939  C CB  . ALA A 1 131 ? -17.09580 2.42866   5.40913   1.000 62.32552  ? 270 ALA A CB  1 
ATOM   940  N N   . MET A 1 132 ? -17.47837 5.55008   5.89199   1.000 63.65592  ? 271 MET A N   1 
ATOM   941  C CA  . MET A 1 132 ? -18.05079 6.62039   6.70084   1.000 69.86636  ? 271 MET A CA  1 
ATOM   942  C C   . MET A 1 132 ? -18.99860 7.48365   5.87962   1.000 78.56479  ? 271 MET A C   1 
ATOM   943  O O   . MET A 1 132 ? -20.02616 7.94949   6.38970   1.000 87.16373  ? 271 MET A O   1 
ATOM   944  C CB  . MET A 1 132 ? -16.93595 7.46838   7.30838   1.000 70.70212  ? 271 MET A CB  1 
ATOM   945  C CG  . MET A 1 132 ? -16.15013 6.75115   8.39392   1.000 78.12452  ? 271 MET A CG  1 
ATOM   946  S SD  . MET A 1 132 ? -14.72163 7.68380   8.96978   1.000 67.90997  ? 271 MET A SD  1 
ATOM   947  C CE  . MET A 1 132 ? -15.52294 9.05862   9.79093   1.000 69.05888  ? 271 MET A CE  1 
ATOM   948  N N   . SER A 1 133 ? -18.66945 7.72021   4.60830   1.000 70.80537  ? 272 SER A N   1 
ATOM   949  C CA  . SER A 1 133 ? -19.59312 8.43637   3.73846   1.000 74.08970  ? 272 SER A CA  1 
ATOM   950  C C   . SER A 1 133 ? -20.87727 7.65053   3.51075   1.000 81.59498  ? 272 SER A C   1 
ATOM   951  O O   . SER A 1 133 ? -21.91429 8.25089   3.21238   1.000 85.84063  ? 272 SER A O   1 
ATOM   952  C CB  . SER A 1 133 ? -18.92394 8.74808   2.39828   1.000 77.96735  ? 272 SER A CB  1 
ATOM   953  O OG  . SER A 1 133 ? -18.57080 7.56398   1.70666   1.000 86.77377  ? 272 SER A OG  1 
ATOM   954  N N   . GLN A 1 134 ? -20.83128 6.32411   3.65118   1.000 80.07290  ? 273 GLN A N   1 
ATOM   955  C CA  . GLN A 1 134 ? -21.99730 5.48641   3.42280   1.000 74.56096  ? 273 GLN A CA  1 
ATOM   956  C C   . GLN A 1 134 ? -22.85043 5.29692   4.66681   1.000 73.65553  ? 273 GLN A C   1 
ATOM   957  O O   . GLN A 1 134 ? -24.00323 4.87103   4.54547   1.000 79.54540  ? 273 GLN A O   1 
ATOM   958  C CB  . GLN A 1 134 ? -21.56658 4.10498   2.91175   1.000 81.95864  ? 273 GLN A CB  1 
ATOM   959  C CG  . GLN A 1 134 ? -20.77578 4.13444   1.61074   1.000 79.74638  ? 273 GLN A CG  1 
ATOM   960  C CD  . GLN A 1 134 ? -21.63271 4.51314   0.42079   1.000 102.92595 ? 273 GLN A CD  1 
ATOM   961  O OE1 . GLN A 1 134 ? -22.54560 3.77657   0.04326   1.000 119.24156 ? 273 GLN A OE1 1 
ATOM   962  N NE2 . GLN A 1 134 ? -21.35158 5.67232   -0.17322  1.000 94.09989  ? 273 GLN A NE2 1 
ATOM   963  N N   . TYR A 1 135 ? -22.32968 5.61446   5.84742   1.000 66.65163  ? 274 TYR A N   1 
ATOM   964  C CA  . TYR A 1 135 ? -23.04116 5.38375   7.09815   1.000 74.58987  ? 274 TYR A CA  1 
ATOM   965  C C   . TYR A 1 135 ? -23.70886 6.67168   7.56718   1.000 80.83154  ? 274 TYR A C   1 
ATOM   966  O O   . TYR A 1 135 ? -23.09464 7.74367   7.53683   1.000 81.94460  ? 274 TYR A O   1 
ATOM   967  C CB  . TYR A 1 135 ? -22.08870 4.85443   8.17015   1.000 64.32610  ? 274 TYR A CB  1 
ATOM   968  C CG  . TYR A 1 135 ? -21.90506 3.35115   8.13868   1.000 68.03005  ? 274 TYR A CG  1 
ATOM   969  C CD1 . TYR A 1 135 ? -22.85544 2.50272   8.69453   1.000 77.83456  ? 274 TYR A CD1 1 
ATOM   970  C CD2 . TYR A 1 135 ? -20.78062 2.78237   7.56052   1.000 70.33718  ? 274 TYR A CD2 1 
ATOM   971  C CE1 . TYR A 1 135 ? -22.68954 1.12934   8.67187   1.000 79.00459  ? 274 TYR A CE1 1 
ATOM   972  C CE2 . TYR A 1 135 ? -20.60448 1.40863   7.53258   1.000 62.20655  ? 274 TYR A CE2 1 
ATOM   973  C CZ  . TYR A 1 135 ? -21.55956 0.58841   8.08604   1.000 72.51045  ? 274 TYR A CZ  1 
ATOM   974  O OH  . TYR A 1 135 ? -21.37308 -0.77606  8.05177   1.000 70.84865  ? 274 TYR A OH  1 
ATOM   975  N N   . SER A 1 136 ? -24.97583 6.55869   7.98550   1.000 78.32666  ? 275 SER A N   1 
ATOM   976  C CA  . SER A 1 136 ? -25.73738 7.73511   8.39814   1.000 80.90806  ? 275 SER A CA  1 
ATOM   977  C C   . SER A 1 136 ? -25.15400 8.36914   9.65535   1.000 86.24809  ? 275 SER A C   1 
ATOM   978  O O   . SER A 1 136 ? -25.04272 9.59814   9.74317   1.000 87.45447  ? 275 SER A O   1 
ATOM   979  C CB  . SER A 1 136 ? -27.20294 7.36172   8.62759   1.000 90.33902  ? 275 SER A CB  1 
ATOM   980  O OG  . SER A 1 136 ? -27.85306 7.01839   7.41420   1.000 94.63429  ? 275 SER A OG  1 
ATOM   981  N N   . GLN A 1 137 ? -24.77993 7.54972   10.64079  1.000 83.30596  ? 276 GLN A N   1 
ATOM   982  C CA  . GLN A 1 137 ? -24.34174 8.08488   11.92311  1.000 85.32570  ? 276 GLN A CA  1 
ATOM   983  C C   . GLN A 1 137 ? -22.98231 8.76335   11.83676  1.000 76.90865  ? 276 GLN A C   1 
ATOM   984  O O   . GLN A 1 137 ? -22.63733 9.54809   12.72745  1.000 84.32946  ? 276 GLN A O   1 
ATOM   985  C CB  . GLN A 1 137 ? -24.29485 6.96966   12.97055  1.000 91.81253  ? 276 GLN A CB  1 
ATOM   986  C CG  . GLN A 1 137 ? -25.66348 6.48068   13.42474  1.000 100.04148 ? 276 GLN A CG  1 
ATOM   987  C CD  . GLN A 1 137 ? -26.39366 5.68809   12.35224  1.000 109.16045 ? 276 GLN A CD  1 
ATOM   988  O OE1 . GLN A 1 137 ? -25.77692 5.15912   11.42524  1.000 96.97176  ? 276 GLN A OE1 1 
ATOM   989  N NE2 . GLN A 1 137 ? -27.71611 5.60404   12.47467  1.000 108.43768 ? 276 GLN A NE2 1 
ATOM   990  N N   . ALA A 1 138 ? -22.19959 8.47903   10.79647  1.000 78.82342  ? 277 ALA A N   1 
ATOM   991  C CA  . ALA A 1 138 ? -20.88862 9.10233   10.67388  1.000 83.44296  ? 277 ALA A CA  1 
ATOM   992  C C   . ALA A 1 138 ? -20.98132 10.58227  10.32794  1.000 87.18145  ? 277 ALA A C   1 
ATOM   993  O O   . ALA A 1 138 ? -20.04792 11.33586  10.62496  1.000 96.42874  ? 277 ALA A O   1 
ATOM   994  C CB  . ALA A 1 138 ? -20.05680 8.37219   9.61672   1.000 75.73624  ? 277 ALA A CB  1 
ATOM   995  N N   . GLY A 1 139 ? -22.08063 11.02146  9.72444   1.000 79.41130  ? 278 GLY A N   1 
ATOM   996  C CA  . GLY A 1 139 ? -22.16665 12.41138  9.30755   1.000 88.46039  ? 278 GLY A CA  1 
ATOM   997  C C   . GLY A 1 139 ? -21.10266 12.79414  8.30172   1.000 82.04073  ? 278 GLY A C   1 
ATOM   998  O O   . GLY A 1 139 ? -20.51749 13.87877  8.39936   1.000 83.99554  ? 278 GLY A O   1 
ATOM   999  N N   . PHE A 1 140 ? -20.82857 11.91701  7.34101   1.000 80.67356  ? 279 PHE A N   1 
ATOM   1000 C CA  . PHE A 1 140 ? -19.78473 12.12158  6.34730   1.000 77.20325  ? 279 PHE A CA  1 
ATOM   1001 C C   . PHE A 1 140 ? -20.41917 12.13035  4.96503   1.000 82.13498  ? 279 PHE A C   1 
ATOM   1002 O O   . PHE A 1 140 ? -21.20698 11.23587  4.63667   1.000 86.39566  ? 279 PHE A O   1 
ATOM   1003 C CB  . PHE A 1 140 ? -18.72567 11.02211  6.46199   1.000 84.47410  ? 279 PHE A CB  1 
ATOM   1004 C CG  . PHE A 1 140 ? -17.38351 11.40732  5.91249   1.000 84.86734  ? 279 PHE A CG  1 
ATOM   1005 C CD1 . PHE A 1 140 ? -16.65345 12.43041  6.48993   1.000 81.71688  ? 279 PHE A CD1 1 
ATOM   1006 C CD2 . PHE A 1 140 ? -16.84371 10.73131  4.82613   1.000 86.38389  ? 279 PHE A CD2 1 
ATOM   1007 C CE1 . PHE A 1 140 ? -15.41748 12.78366  5.98508   1.000 95.80141  ? 279 PHE A CE1 1 
ATOM   1008 C CE2 . PHE A 1 140 ? -15.60886 11.07696  4.31889   1.000 79.01539  ? 279 PHE A CE2 1 
ATOM   1009 C CZ  . PHE A 1 140 ? -14.89418 12.10216  4.89719   1.000 90.24345  ? 279 PHE A CZ  1 
ATOM   1010 N N   . SER A 1 141 ? -20.08110 13.13743  4.16499   1.000 79.14920  ? 280 SER A N   1 
ATOM   1011 C CA  . SER A 1 141 ? -20.66567 13.33541  2.84627   1.000 90.96072  ? 280 SER A CA  1 
ATOM   1012 C C   . SER A 1 141 ? -19.70840 12.88935  1.74516   1.000 98.67498  ? 280 SER A C   1 
ATOM   1013 O O   . SER A 1 141 ? -18.48800 12.86538  1.91952   1.000 105.56061 ? 280 SER A O   1 
ATOM   1014 C CB  . SER A 1 141 ? -21.03762 14.80639  2.64275   1.000 100.90815 ? 280 SER A CB  1 
ATOM   1015 O OG  . SER A 1 141 ? -21.44027 15.04954  1.30650   1.000 109.40610 ? 280 SER A OG  1 
ATOM   1016 N N   . ARG A 1 142 ? -20.28635 12.54087  0.59151   1.000 102.53560 ? 281 ARG A N   1 
ATOM   1017 C CA  . ARG A 1 142 ? -19.47375 12.09415  -0.53707  1.000 106.98247 ? 281 ARG A CA  1 
ATOM   1018 C C   . ARG A 1 142 ? -18.56942 13.20938  -1.04573  1.000 113.37255 ? 281 ARG A C   1 
ATOM   1019 O O   . ARG A 1 142 ? -17.41627 12.96170  -1.41909  1.000 119.04221 ? 281 ARG A O   1 
ATOM   1020 C CB  . ARG A 1 142 ? -20.37243 11.57722  -1.66106  1.000 115.50462 ? 281 ARG A CB  1 
ATOM   1021 C CG  . ARG A 1 142 ? -20.63236 10.07630  -1.60158  1.000 116.12420 ? 281 ARG A CG  1 
ATOM   1022 C CD  . ARG A 1 142 ? -22.01160 9.71212   -2.13467  1.000 119.43551 ? 281 ARG A CD  1 
ATOM   1023 N NE  . ARG A 1 142 ? -22.31533 10.36926  -3.40076  1.000 122.29741 ? 281 ARG A NE  1 
ATOM   1024 C CZ  . ARG A 1 142 ? -23.37150 10.09161  -4.15231  1.000 115.58014 ? 281 ARG A CZ  1 
ATOM   1025 N NH1 . ARG A 1 142 ? -24.23113 9.14461   -3.81276  1.000 109.28303 ? 281 ARG A NH1 1 
ATOM   1026 N NH2 . ARG A 1 142 ? -23.56822 10.77894  -5.27342  1.000 122.99187 ? 281 ARG A NH2 1 
ATOM   1027 N N   . GLU A 1 143 ? -19.07354 14.44540  -1.08142  1.000 113.03714 ? 282 GLU A N   1 
ATOM   1028 C CA  . GLU A 1 143 ? -18.21652 15.56251  -1.45777  1.000 114.77318 ? 282 GLU A CA  1 
ATOM   1029 C C   . GLU A 1 143 ? -17.16605 15.83763  -0.38981  1.000 106.98031 ? 282 GLU A C   1 
ATOM   1030 O O   . GLU A 1 143 ? -16.04750 16.25227  -0.71429  1.000 105.30937 ? 282 GLU A O   1 
ATOM   1031 C CB  . GLU A 1 143 ? -19.05467 16.81271  -1.72451  1.000 112.63928 ? 282 GLU A CB  1 
ATOM   1032 C CG  . GLU A 1 143 ? -19.98308 17.21399  -0.60044  1.000 105.58437 ? 282 GLU A CG  1 
ATOM   1033 C CD  . GLU A 1 143 ? -20.73624 18.50218  -0.90491  1.000 126.03923 ? 282 GLU A CD  1 
ATOM   1034 O OE1 . GLU A 1 143 ? -20.34401 19.22264  -1.84999  1.000 104.90414 ? 282 GLU A OE1 1 
ATOM   1035 O OE2 . GLU A 1 143 ? -21.72505 18.79459  -0.20037  1.000 143.62933 ? 282 GLU A OE2 1 
ATOM   1036 N N   . ASP A 1 144 ? -17.50054 15.60980  0.88212   1.000 97.68470  ? 283 ASP A N   1 
ATOM   1037 C CA  . ASP A 1 144 ? -16.49421 15.70276  1.93334   1.000 102.20267 ? 283 ASP A CA  1 
ATOM   1038 C C   . ASP A 1 144 ? -15.39826 14.66282  1.73458   1.000 98.52100  ? 283 ASP A C   1 
ATOM   1039 O O   . ASP A 1 144 ? -14.21985 14.93325  1.98879   1.000 104.66843 ? 283 ASP A O   1 
ATOM   1040 C CB  . ASP A 1 144 ? -17.14329 15.52788  3.30622   1.000 111.62234 ? 283 ASP A CB  1 
ATOM   1041 C CG  . ASP A 1 144 ? -18.07111 16.66860  3.66421   1.000 118.98626 ? 283 ASP A CG  1 
ATOM   1042 O OD1 . ASP A 1 144 ? -18.17951 17.62018  2.86318   1.000 126.31171 ? 283 ASP A OD1 1 
ATOM   1043 O OD2 . ASP A 1 144 ? -18.69371 16.60951  4.74576   1.000 112.12264 ? 283 ASP A OD2 1 
ATOM   1044 N N   . ARG A 1 145 ? -15.76839 13.46704  1.27144   1.000 92.56292  ? 284 ARG A N   1 
ATOM   1045 C CA  . ARG A 1 145 ? -14.79412 12.39186  1.11911   1.000 87.57502  ? 284 ARG A CA  1 
ATOM   1046 C C   . ARG A 1 145 ? -13.66501 12.80425  0.18590   1.000 91.92871  ? 284 ARG A C   1 
ATOM   1047 O O   . ARG A 1 145 ? -12.48293 12.62143  0.50282   1.000 93.29938  ? 284 ARG A O   1 
ATOM   1048 C CB  . ARG A 1 145 ? -15.49797 11.13671  0.59468   1.000 86.19721  ? 284 ARG A CB  1 
ATOM   1049 C CG  . ARG A 1 145 ? -14.58140 10.02476  0.09296   1.000 94.34935  ? 284 ARG A CG  1 
ATOM   1050 C CD  . ARG A 1 145 ? -15.18209 9.34412   -1.12811  1.000 99.21889  ? 284 ARG A CD  1 
ATOM   1051 N NE  . ARG A 1 145 ? -16.47715 8.73849   -0.83799  1.000 106.90404 ? 284 ARG A NE  1 
ATOM   1052 C CZ  . ARG A 1 145 ? -17.29025 8.23254   -1.75461  1.000 105.85700 ? 284 ARG A CZ  1 
ATOM   1053 N NH1 . ARG A 1 145 ? -16.98206 8.25449   -3.04128  1.000 111.81499 ? 284 ARG A NH1 1 
ATOM   1054 N NH2 . ARG A 1 145 ? -18.44401 7.69153   -1.37073  1.000 94.25190  ? 284 ARG A NH2 1 
ATOM   1055 N N   . LEU A 1 146 ? -14.00962 13.37803  -0.96867  1.000 98.06806  ? 285 LEU A N   1 
ATOM   1056 C CA  . LEU A 1 146 ? -13.00205 13.63084  -1.99503  1.000 95.57414  ? 285 LEU A CA  1 
ATOM   1057 C C   . LEU A 1 146 ? -11.91762 14.57220  -1.48974  1.000 91.16697  ? 285 LEU A C   1 
ATOM   1058 O O   . LEU A 1 146 ? -10.74813 14.43215  -1.86901  1.000 88.75818  ? 285 LEU A O   1 
ATOM   1059 C CB  . LEU A 1 146 ? -13.67323 14.19273  -3.24844  1.000 100.90007 ? 285 LEU A CB  1 
ATOM   1060 C CG  . LEU A 1 146 ? -14.81667 13.32378  -3.78842  1.000 117.44715 ? 285 LEU A CG  1 
ATOM   1061 C CD1 . LEU A 1 146 ? -15.52620 14.00606  -4.95416  1.000 118.65222 ? 285 LEU A CD1 1 
ATOM   1062 C CD2 . LEU A 1 146 ? -14.31128 11.93591  -4.19539  1.000 107.82854 ? 285 LEU A CD2 1 
ATOM   1063 N N   . GLU A 1 147 ? -12.28097 15.53957  -0.64527  1.000 94.19052  ? 286 GLU A N   1 
ATOM   1064 C CA  . GLU A 1 147 ? -11.26802 16.39040  -0.02940  1.000 90.97713  ? 286 GLU A CA  1 
ATOM   1065 C C   . GLU A 1 147 ? -10.46742 15.62295  1.01481   1.000 80.61719  ? 286 GLU A C   1 
ATOM   1066 O O   . GLU A 1 147 ? -9.23725  15.73909  1.06904   1.000 80.46358  ? 286 GLU A O   1 
ATOM   1067 C CB  . GLU A 1 147 ? -11.91999 17.61998  0.60357   1.000 99.36599  ? 286 GLU A CB  1 
ATOM   1068 C CG  . GLU A 1 147 ? -10.92241 18.62245  1.17298   1.000 110.26558 ? 286 GLU A CG  1 
ATOM   1069 C CD  . GLU A 1 147 ? -11.58370 19.67553  2.03634   1.000 120.32897 ? 286 GLU A CD  1 
ATOM   1070 O OE1 . GLU A 1 147 ? -12.83031 19.68038  2.12079   1.000 119.90274 ? 286 GLU A OE1 1 
ATOM   1071 O OE2 . GLU A 1 147 ? -10.85538 20.49431  2.63446   1.000 123.52866 ? 286 GLU A OE2 1 
ATOM   1072 N N   . GLN A 1 148 ? -11.14534 14.83217  1.85128   1.000 82.49159  ? 287 GLN A N   1 
ATOM   1073 C CA  . GLN A 1 148 ? -10.44056 14.07852  2.88321   1.000 81.16576  ? 287 GLN A CA  1 
ATOM   1074 C C   . GLN A 1 148 ? -9.51490  13.03905  2.27098   1.000 75.38808  ? 287 GLN A C   1 
ATOM   1075 O O   . GLN A 1 148 ? -8.49190  12.69061  2.87103   1.000 74.20373  ? 287 GLN A O   1 
ATOM   1076 C CB  . GLN A 1 148 ? -11.43869 13.41217  3.83051   1.000 80.68857  ? 287 GLN A CB  1 
ATOM   1077 C CG  . GLN A 1 148 ? -12.19950 14.39818  4.71393   1.000 90.01975  ? 287 GLN A CG  1 
ATOM   1078 C CD  . GLN A 1 148 ? -11.31485 15.07008  5.75181   1.000 97.67243  ? 287 GLN A CD  1 
ATOM   1079 O OE1 . GLN A 1 148 ? -10.91180 14.44920  6.73442   1.000 97.81958  ? 287 GLN A OE1 1 
ATOM   1080 N NE2 . GLN A 1 148 ? -11.00519 16.34527  5.53351   1.000 102.65073 ? 287 GLN A NE2 1 
ATOM   1081 N N   . ALA A 1 149 ? -9.85576  12.52874  1.08869   1.000 66.44462  ? 288 ALA A N   1 
ATOM   1082 C CA  . ALA A 1 149 ? -8.93976  11.63833  0.38995   1.000 60.23047  ? 288 ALA A CA  1 
ATOM   1083 C C   . ALA A 1 149 ? -7.65625  12.36931  0.02495   1.000 68.11312  ? 288 ALA A C   1 
ATOM   1084 O O   . ALA A 1 149 ? -6.55272  11.85078  0.22188   1.000 70.24111  ? 288 ALA A O   1 
ATOM   1085 C CB  . ALA A 1 149 ? -9.61035  11.07577  -0.86021  1.000 63.30177  ? 288 ALA A CB  1 
ATOM   1086 N N   . LYS A 1 150 ? -7.78716  13.58502  -0.50766  1.000 77.32377  ? 289 LYS A N   1 
ATOM   1087 C CA  . LYS A 1 150 ? -6.60688  14.37574  -0.83756  1.000 77.85194  ? 289 LYS A CA  1 
ATOM   1088 C C   . LYS A 1 150 ? -5.85312  14.79020  0.42162   1.000 68.19753  ? 289 LYS A C   1 
ATOM   1089 O O   . LYS A 1 150 ? -4.61884  14.71020  0.46942   1.000 66.05268  ? 289 LYS A O   1 
ATOM   1090 C CB  . LYS A 1 150 ? -7.01384  15.59983  -1.65834  1.000 89.76048  ? 289 LYS A CB  1 
ATOM   1091 C CG  . LYS A 1 150 ? -7.28042  15.29898  -3.13361  1.000 93.34888  ? 289 LYS A CG  1 
ATOM   1092 C CD  . LYS A 1 150 ? -7.59684  16.56268  -3.92957  1.000 95.94687  ? 289 LYS A CD  1 
ATOM   1093 C CE  . LYS A 1 150 ? -8.96571  17.11811  -3.57086  1.000 102.14647 ? 289 LYS A CE  1 
ATOM   1094 N NZ  . LYS A 1 150 ? -9.33548  18.28746  -4.41150  1.000 110.31911 ? 289 LYS A NZ  1 
ATOM   1095 N N   . LEU A 1 151 ? -6.57554  15.21814  1.45796   1.000 63.76290  ? 290 LEU A N   1 
ATOM   1096 C CA  . LEU A 1 151 ? -5.91621  15.62554  2.69252   1.000 66.28599  ? 290 LEU A CA  1 
ATOM   1097 C C   . LEU A 1 151 ? -5.16458  14.45760  3.31881   1.000 70.47090  ? 290 LEU A C   1 
ATOM   1098 O O   . LEU A 1 151 ? -4.07110  14.63635  3.87084   1.000 70.31022  ? 290 LEU A O   1 
ATOM   1099 C CB  . LEU A 1 151 ? -6.94725  16.19091  3.67039   1.000 69.61206  ? 290 LEU A CB  1 
ATOM   1100 C CG  . LEU A 1 151 ? -6.42935  16.56010  5.06079   1.000 65.49432  ? 290 LEU A CG  1 
ATOM   1101 C CD1 . LEU A 1 151 ? -5.29951  17.57323  4.96167   1.000 71.49035  ? 290 LEU A CD1 1 
ATOM   1102 C CD2 . LEU A 1 151 ? -7.56254  17.09230  5.92851   1.000 71.95556  ? 290 LEU A CD2 1 
ATOM   1103 N N   . PHE A 1 152 ? -5.73229  13.25000  3.23217   1.000 71.66527  ? 291 PHE A N   1 
ATOM   1104 C CA  . PHE A 1 152 ? -5.06147  12.07233  3.77370   1.000 67.34189  ? 291 PHE A CA  1 
ATOM   1105 C C   . PHE A 1 152 ? -3.71780  11.84390  3.09295   1.000 62.22653  ? 291 PHE A C   1 
ATOM   1106 O O   . PHE A 1 152 ? -2.71614  11.55130  3.75756   1.000 61.37226  ? 291 PHE A O   1 
ATOM   1107 C CB  . PHE A 1 152 ? -5.95777  10.84181  3.61426   1.000 59.05786  ? 291 PHE A CB  1 
ATOM   1108 C CG  . PHE A 1 152 ? -5.26577  9.54481   3.92849   1.000 55.13558  ? 291 PHE A CG  1 
ATOM   1109 C CD1 . PHE A 1 152 ? -5.23589  9.05946   5.21991   1.000 51.08113  ? 291 PHE A CD1 1 
ATOM   1110 C CD2 . PHE A 1 152 ? -4.64025  8.81756   2.92946   1.000 56.48281  ? 291 PHE A CD2 1 
ATOM   1111 C CE1 . PHE A 1 152 ? -4.59709  7.87528   5.50979   1.000 56.16758  ? 291 PHE A CE1 1 
ATOM   1112 C CE2 . PHE A 1 152 ? -4.00172  7.63466   3.21495   1.000 50.74881  ? 291 PHE A CE2 1 
ATOM   1113 C CZ  . PHE A 1 152 ? -3.97928  7.16174   4.50454   1.000 50.84034  ? 291 PHE A CZ  1 
ATOM   1114 N N   . CYS A 1 153 ? -3.67721  11.96095  1.76483   1.000 51.42846  ? 292 CYS A N   1 
ATOM   1115 C CA  . CYS A 1 153 ? -2.41433  11.80457  1.05446   1.000 62.41475  ? 292 CYS A CA  1 
ATOM   1116 C C   . CYS A 1 153 ? -1.42926  12.90658  1.43262   1.000 75.25967  ? 292 CYS A C   1 
ATOM   1117 O O   . CYS A 1 153 ? -0.24087  12.63686  1.64833   1.000 80.14759  ? 292 CYS A O   1 
ATOM   1118 C CB  . CYS A 1 153 ? -2.66449  11.79331  -0.45361  1.000 77.43367  ? 292 CYS A CB  1 
ATOM   1119 S SG  . CYS A 1 153 ? -3.80398  10.49858  -1.03149  1.000 55.41543  ? 292 CYS A SG  1 
ATOM   1120 N N   . ARG A 1 154 ? -1.89929  14.15480  1.52076   1.000 70.78189  ? 293 ARG A N   1 
ATOM   1121 C CA  . ARG A 1 154 ? -1.00445  15.24770  1.89303   1.000 71.93171  ? 293 ARG A CA  1 
ATOM   1122 C C   . ARG A 1 154 ? -0.38292  15.00559  3.26401   1.000 66.08268  ? 293 ARG A C   1 
ATOM   1123 O O   . ARG A 1 154 ? 0.84402   15.02788  3.41508   1.000 69.14119  ? 293 ARG A O   1 
ATOM   1124 C CB  . ARG A 1 154 ? -1.75541  16.58059  1.87460   1.000 79.29201  ? 293 ARG A CB  1 
ATOM   1125 C CG  . ARG A 1 154 ? -1.80702  17.25741  0.51232   1.000 83.15351  ? 293 ARG A CG  1 
ATOM   1126 C CD  . ARG A 1 154 ? -2.27216  18.70676  0.62398   1.000 79.35607  ? 293 ARG A CD  1 
ATOM   1127 N NE  . ARG A 1 154 ? -3.61031  18.82636  1.19555   1.000 78.75457  ? 293 ARG A NE  1 
ATOM   1128 C CZ  . ARG A 1 154 ? -4.73581  18.68689  0.50572   1.000 84.69203  ? 293 ARG A CZ  1 
ATOM   1129 N NH1 . ARG A 1 154 ? -4.72366  18.41715  -0.79046  1.000 85.50927  ? 293 ARG A NH1 1 
ATOM   1130 N NH2 . ARG A 1 154 ? -5.90276  18.81628  1.13271   1.000 79.27187  ? 293 ARG A NH2 1 
ATOM   1131 N N   . THR A 1 155 ? -1.21612  14.74853  4.27658   1.000 63.41674  ? 294 THR A N   1 
ATOM   1132 C CA  . THR A 1 155 ? -0.68464  14.56328  5.62340   1.000 69.76980  ? 294 THR A CA  1 
ATOM   1133 C C   . THR A 1 155 ? 0.26458   13.37331  5.66741   1.000 76.47941  ? 294 THR A C   1 
ATOM   1134 O O   . THR A 1 155 ? 1.28705   13.40751  6.36177   1.000 75.21082  ? 294 THR A O   1 
ATOM   1135 C CB  . THR A 1 155 ? -1.82095  14.37919  6.63095   1.000 64.22692  ? 294 THR A CB  1 
ATOM   1136 O OG1 . THR A 1 155 ? -2.72602  15.48731  6.55029   1.000 68.56328  ? 294 THR A OG1 1 
ATOM   1137 C CG2 . THR A 1 155 ? -1.27235  14.30150  8.04991   1.000 71.29413  ? 294 THR A CG2 1 
ATOM   1138 N N   . LEU A 1 156 ? -0.05263  12.31324  4.92287   1.000 71.57103  ? 295 LEU A N   1 
ATOM   1139 C CA  . LEU A 1 156 ? 0.85528   11.17440  4.85588   1.000 72.94015  ? 295 LEU A CA  1 
ATOM   1140 C C   . LEU A 1 156 ? 2.18669   11.57605  4.23305   1.000 78.70966  ? 295 LEU A C   1 
ATOM   1141 O O   . LEU A 1 156 ? 3.25080   11.15574  4.70253   1.000 78.96384  ? 295 LEU A O   1 
ATOM   1142 C CB  . LEU A 1 156 ? 0.21180   10.03499  4.06835   1.000 62.56445  ? 295 LEU A CB  1 
ATOM   1143 C CG  . LEU A 1 156 ? 0.96525   8.70411   4.11478   1.000 62.14710  ? 295 LEU A CG  1 
ATOM   1144 C CD1 . LEU A 1 156 ? 1.04651   8.17584   5.53904   1.000 56.13363  ? 295 LEU A CD1 1 
ATOM   1145 C CD2 . LEU A 1 156 ? 0.30317   7.68238   3.20818   1.000 58.79406  ? 295 LEU A CD2 1 
ATOM   1146 N N   . GLU A 1 157 ? 2.14865   12.39320  3.17637   1.000 76.73444  ? 296 GLU A N   1 
ATOM   1147 C CA  . GLU A 1 157 ? 3.38864   12.87025  2.57429   1.000 72.00547  ? 296 GLU A CA  1 
ATOM   1148 C C   . GLU A 1 157 ? 4.20476   13.68274  3.57092   1.000 74.56932  ? 296 GLU A C   1 
ATOM   1149 O O   . GLU A 1 157 ? 5.42749   13.52606  3.65845   1.000 83.54945  ? 296 GLU A O   1 
ATOM   1150 C CB  . GLU A 1 157 ? 3.08819   13.70274  1.32928   1.000 73.06399  ? 296 GLU A CB  1 
ATOM   1151 C CG  . GLU A 1 157 ? 2.92326   12.89142  0.05669   1.000 80.24395  ? 296 GLU A CG  1 
ATOM   1152 C CD  . GLU A 1 157 ? 2.82992   13.76293  -1.19255  1.000 88.35290  ? 296 GLU A CD  1 
ATOM   1153 O OE1 . GLU A 1 157 ? 2.49296   14.96309  -1.07274  1.000 78.68411  ? 296 GLU A OE1 1 
ATOM   1154 O OE2 . GLU A 1 157 ? 3.09616   13.24628  -2.29982  1.000 87.92403  ? 296 GLU A OE2 1 
ATOM   1155 N N   . ASP A 1 158 ? 3.54526   14.55741  4.33273   1.000 71.36673  ? 297 ASP A N   1 
ATOM   1156 C CA  . ASP A 1 158 ? 4.26360   15.37096  5.30845   1.000 80.34765  ? 297 ASP A CA  1 
ATOM   1157 C C   . ASP A 1 158 ? 4.91628   14.50175  6.37573   1.000 81.98258  ? 297 ASP A C   1 
ATOM   1158 O O   . ASP A 1 158 ? 6.04777   14.76735  6.79853   1.000 80.91637  ? 297 ASP A O   1 
ATOM   1159 C CB  . ASP A 1 158 ? 3.31632   16.38295  5.95016   1.000 76.41890  ? 297 ASP A CB  1 
ATOM   1160 C CG  . ASP A 1 158 ? 2.68836   17.31293  4.93494   1.000 78.82581  ? 297 ASP A CG  1 
ATOM   1161 O OD1 . ASP A 1 158 ? 3.24021   17.42867  3.82049   1.000 66.57617  ? 297 ASP A OD1 1 
ATOM   1162 O OD2 . ASP A 1 158 ? 1.64632   17.92672  5.24847   1.000 78.40831  ? 297 ASP A OD2 1 
ATOM   1163 N N   . ILE A 1 159 ? 4.21452   13.46154  6.82948   1.000 79.66968  ? 298 ILE A N   1 
ATOM   1164 C CA  . ILE A 1 159 ? 4.75302   12.60239  7.87902   1.000 77.22723  ? 298 ILE A CA  1 
ATOM   1165 C C   . ILE A 1 159 ? 5.97058   11.83848  7.37773   1.000 75.40975  ? 298 ILE A C   1 
ATOM   1166 O O   . ILE A 1 159 ? 6.96854   11.69661  8.09285   1.000 79.39839  ? 298 ILE A O   1 
ATOM   1167 C CB  . ILE A 1 159 ? 3.66325   11.64296  8.39140   1.000 72.80259  ? 298 ILE A CB  1 
ATOM   1168 C CG1 . ILE A 1 159 ? 2.54349   12.43260  9.07085   1.000 70.80603  ? 298 ILE A CG1 1 
ATOM   1169 C CG2 . ILE A 1 159 ? 4.26890   10.62067  9.34813   1.000 61.92985  ? 298 ILE A CG2 1 
ATOM   1170 C CD1 . ILE A 1 159 ? 1.30294   11.61792  9.36047   1.000 68.41957  ? 298 ILE A CD1 1 
ATOM   1171 N N   . LEU A 1 160 ? 5.90062   11.31107  6.15454   1.000 77.94460  ? 299 LEU A N   1 
ATOM   1172 C CA  . LEU A 1 160 ? 7.01238   10.56050  5.58563   1.000 81.21536  ? 299 LEU A CA  1 
ATOM   1173 C C   . LEU A 1 160 ? 8.15910   11.45296  5.12537   1.000 87.36019  ? 299 LEU A C   1 
ATOM   1174 O O   . LEU A 1 160 ? 9.28009   10.95903  4.96108   1.000 89.28346  ? 299 LEU A O   1 
ATOM   1175 C CB  . LEU A 1 160 ? 6.52573   9.71327   4.40844   1.000 73.61969  ? 299 LEU A CB  1 
ATOM   1176 C CG  . LEU A 1 160 ? 5.49109   8.63105   4.72553   1.000 71.23988  ? 299 LEU A CG  1 
ATOM   1177 C CD1 . LEU A 1 160 ? 5.35557   7.67649   3.55181   1.000 68.41960  ? 299 LEU A CD1 1 
ATOM   1178 C CD2 . LEU A 1 160 ? 5.85386   7.85590   5.98335   1.000 73.81660  ? 299 LEU A CD2 1 
ATOM   1179 N N   . ALA A 1 161 ? 7.90279   12.74397  4.89476   1.000 91.17014  ? 300 ALA A N   1 
ATOM   1180 C CA  . ALA A 1 161 ? 8.95948   13.63324  4.42100   1.000 99.00431  ? 300 ALA A CA  1 
ATOM   1181 C C   . ALA A 1 161 ? 10.08456  13.74869  5.44182   1.000 103.49250 ? 300 ALA A C   1 
ATOM   1182 O O   . ALA A 1 161 ? 11.26595  13.77481  5.07541   1.000 118.24229 ? 300 ALA A O   1 
ATOM   1183 C CB  . ALA A 1 161 ? 8.38105   15.01249  4.10421   1.000 96.51266  ? 300 ALA A CB  1 
ATOM   1184 N N   . ASP A 1 162 ? 9.74128   13.81974  6.72663   1.000 88.24771  ? 301 ASP A N   1 
ATOM   1185 C CA  . ASP A 1 162 ? 10.71172  13.77373  7.81789   1.000 92.12403  ? 301 ASP A CA  1 
ATOM   1186 C C   . ASP A 1 162 ? 10.36628  12.53774  8.64474   1.000 97.12237  ? 301 ASP A C   1 
ATOM   1187 O O   . ASP A 1 162 ? 9.61242   12.61972  9.61742   1.000 109.18270 ? 301 ASP A O   1 
ATOM   1188 C CB  . ASP A 1 162 ? 10.68024  15.05162  8.66793   1.000 94.27393  ? 301 ASP A CB  1 
ATOM   1189 C CG  . ASP A 1 162 ? 11.25936  16.25387  7.94332   1.000 121.15485 ? 301 ASP A CG  1 
ATOM   1190 O OD1 . ASP A 1 162 ? 11.99468  16.06540  6.95059   1.000 124.63246 ? 301 ASP A OD1 1 
ATOM   1191 O OD2 . ASP A 1 162 ? 10.98462  17.39315  8.37864   1.000 126.84251 ? 301 ASP A OD2 1 
ATOM   1192 N N   . ALA A 1 163 ? 10.92619  11.39022  8.25998   1.000 92.11425  ? 302 ALA A N   1 
ATOM   1193 C CA  . ALA A 1 163 ? 10.62194  10.14685  8.92845   1.000 91.61855  ? 302 ALA A CA  1 
ATOM   1194 C C   . ALA A 1 163 ? 11.84738  9.24710   8.90893   1.000 100.59308 ? 302 ALA A C   1 
ATOM   1195 O O   . ALA A 1 163 ? 12.48933  9.12140   7.85297   1.000 96.75775  ? 302 ALA A O   1 
ATOM   1196 C CB  . ALA A 1 163 ? 9.44335   9.43266   8.26439   1.000 90.05505  ? 302 ALA A CB  1 
ATOM   1197 N N   . PRO A 1 164 ? 12.19324  8.61055   10.02956  1.000 103.71811 ? 303 PRO A N   1 
ATOM   1198 C CA  . PRO A 1 164 ? 13.33724  7.69308   10.04756  1.000 107.97743 ? 303 PRO A CA  1 
ATOM   1199 C C   . PRO A 1 164 ? 13.03283  6.28787   9.55399   1.000 101.28452 ? 303 PRO A C   1 
ATOM   1200 O O   . PRO A 1 164 ? 13.88124  5.40507   9.70768   1.000 101.97859 ? 303 PRO A O   1 
ATOM   1201 C CB  . PRO A 1 164 ? 13.71592  7.67433   11.53570  1.000 107.98119 ? 303 PRO A CB  1 
ATOM   1202 C CG  . PRO A 1 164 ? 12.41320  7.83384   12.23502  1.000 89.00894  ? 303 PRO A CG  1 
ATOM   1203 C CD  . PRO A 1 164 ? 11.58700  8.75335   11.36898  1.000 96.15862  ? 303 PRO A CD  1 
ATOM   1204 N N   . GLU A 1 165 ? 11.86155  6.05572   8.96414   1.000 102.09074 ? 304 GLU A N   1 
ATOM   1205 C CA  . GLU A 1 165 ? 11.50382  4.75211   8.42518   1.000 101.09585 ? 304 GLU A CA  1 
ATOM   1206 C C   . GLU A 1 165 ? 11.25203  4.77655   6.92834   1.000 98.45868  ? 304 GLU A C   1 
ATOM   1207 O O   . GLU A 1 165 ? 11.52539  3.78230   6.25201   1.000 98.98900  ? 304 GLU A O   1 
ATOM   1208 C CB  . GLU A 1 165 ? 10.24267  4.20395   9.12069   1.000 91.39865  ? 304 GLU A CB  1 
ATOM   1209 C CG  . GLU A 1 165 ? 10.23665  4.32168   10.64484  1.000 85.61801  ? 304 GLU A CG  1 
ATOM   1210 C CD  . GLU A 1 165 ? 9.70991   5.65832   11.14765  1.000 90.82889  ? 304 GLU A CD  1 
ATOM   1211 O OE1 . GLU A 1 165 ? 9.27646   6.49247   10.32361  1.000 94.92808  ? 304 GLU A OE1 1 
ATOM   1212 O OE2 . GLU A 1 165 ? 9.72705   5.87388   12.37906  1.000 86.53184  ? 304 GLU A OE2 1 
ATOM   1213 N N   . SER A 1 166 ? 10.74447  5.88121   6.39318   1.000 91.99601  ? 305 SER A N   1 
ATOM   1214 C CA  . SER A 1 166 ? 10.57028  6.03174   4.95273   1.000 100.43649 ? 305 SER A CA  1 
ATOM   1215 C C   . SER A 1 166 ? 11.78969  6.68432   4.31537   1.000 121.42077 ? 305 SER A C   1 
ATOM   1216 O O   . SER A 1 166 ? 11.68051  7.70426   3.63439   1.000 130.18537 ? 305 SER A O   1 
ATOM   1217 C CB  . SER A 1 166 ? 9.31374   6.83973   4.65937   1.000 107.40272 ? 305 SER A CB  1 
ATOM   1218 O OG  . SER A 1 166 ? 9.06788   6.88956   3.26413   1.000 115.58123 ? 305 SER A OG  1 
ATOM   1219 N N   . GLN A 1 167 ? 12.97369  6.11183   4.53926   1.000 120.83475 ? 306 GLN A N   1 
ATOM   1220 C CA  . GLN A 1 167 ? 14.16079  6.66065   3.89623   1.000 118.29404 ? 306 GLN A CA  1 
ATOM   1221 C C   . GLN A 1 167 ? 14.10503  6.40676   2.39765   1.000 114.80084 ? 306 GLN A C   1 
ATOM   1222 O O   . GLN A 1 167 ? 14.04797  7.34130   1.59059   1.000 120.67599 ? 306 GLN A O   1 
ATOM   1223 C CB  . GLN A 1 167 ? 15.43017  6.03681   4.48599   1.000 118.03127 ? 306 GLN A CB  1 
ATOM   1224 C CG  . GLN A 1 167 ? 15.43043  5.81576   5.99552   1.000 120.71492 ? 306 GLN A CG  1 
ATOM   1225 C CD  . GLN A 1 167 ? 15.43531  7.11083   6.79352   1.000 134.35156 ? 306 GLN A CD  1 
ATOM   1226 O OE1 . GLN A 1 167 ? 14.69495  8.04769   6.48835   1.000 133.05156 ? 306 GLN A OE1 1 
ATOM   1227 N NE2 . GLN A 1 167 ? 16.27514  7.16768   7.82414   1.000 112.85287 ? 306 GLN A NE2 1 
ATOM   1228 N N   . ASN A 1 168 ? 14.10991  5.13508   2.01110   1.000 107.51246 ? 307 ASN A N   1 
ATOM   1229 C CA  . ASN A 1 168 ? 13.84264  4.70734   0.64768   1.000 111.23310 ? 307 ASN A CA  1 
ATOM   1230 C C   . ASN A 1 168 ? 12.97289  3.45974   0.65952   1.000 114.52023 ? 307 ASN A C   1 
ATOM   1231 O O   . ASN A 1 168 ? 13.19477  2.52268   -0.11311  1.000 115.09083 ? 307 ASN A O   1 
ATOM   1232 C CB  . ASN A 1 168 ? 15.14299  4.47120   -0.11585  1.000 118.85170 ? 307 ASN A CB  1 
ATOM   1233 C CG  . ASN A 1 168 ? 15.89180  5.76012   -0.39028  1.000 131.60675 ? 307 ASN A CG  1 
ATOM   1234 O OD1 . ASN A 1 168 ? 15.31260  6.73941   -0.86104  1.000 134.68020 ? 307 ASN A OD1 1 
ATOM   1235 N ND2 . ASN A 1 168 ? 17.18451  5.77149   -0.08580  1.000 139.61853 ? 307 ASN A ND2 1 
ATOM   1236 N N   . ASN A 1 169 ? 11.98979  3.41141   1.56459   1.000 106.18222 ? 308 ASN A N   1 
ATOM   1237 C CA  . ASN A 1 169 ? 11.19345  2.20990   1.76795   1.000 83.88862  ? 308 ASN A CA  1 
ATOM   1238 C C   . ASN A 1 169 ? 9.77777   2.29800   1.22190   1.000 87.98760  ? 308 ASN A C   1 
ATOM   1239 O O   . ASN A 1 169 ? 9.16711   1.25205   0.98155   1.000 92.48581  ? 308 ASN A O   1 
ATOM   1240 C CB  . ASN A 1 169 ? 11.10663  1.87340   3.26349   1.000 72.60950  ? 308 ASN A CB  1 
ATOM   1241 C CG  . ASN A 1 169 ? 12.46087  1.78393   3.92034   1.000 91.73342  ? 308 ASN A CG  1 
ATOM   1242 O OD1 . ASN A 1 169 ? 13.02063  2.79261   4.34916   1.000 103.19816 ? 308 ASN A OD1 1 
ATOM   1243 N ND2 . ASN A 1 169 ? 12.99805  0.57122   4.00892   1.000 102.30723 ? 308 ASN A ND2 1 
ATOM   1244 N N   . CYS A 1 170 ? 9.24656   3.50147   1.01068   1.000 83.06000  ? 309 CYS A N   1 
ATOM   1245 C CA  . CYS A 1 170 ? 7.82279   3.67203   0.73638   1.000 75.57784  ? 309 CYS A CA  1 
ATOM   1246 C C   . CYS A 1 170 ? 7.61507   4.66849   -0.39218  1.000 78.71890  ? 309 CYS A C   1 
ATOM   1247 O O   . CYS A 1 170 ? 8.08251   5.80832   -0.30886  1.000 79.08681  ? 309 CYS A O   1 
ATOM   1248 C CB  . CYS A 1 170 ? 7.09330   4.13842   1.99895   1.000 71.61536  ? 309 CYS A CB  1 
ATOM   1249 S SG  . CYS A 1 170 ? 5.31195   4.01383   1.88365   1.000 110.23941 ? 309 CYS A SG  1 
ATOM   1250 N N   . ARG A 1 171 ? 6.89356   4.24381   -1.43104  1.000 75.36223  ? 310 ARG A N   1 
ATOM   1251 C CA  . ARG A 1 171 ? 6.52839   5.09252   -2.56035  1.000 71.22191  ? 310 ARG A CA  1 
ATOM   1252 C C   . ARG A 1 171 ? 5.01055   5.14066   -2.66759  1.000 70.91815  ? 310 ARG A C   1 
ATOM   1253 O O   . ARG A 1 171 ? 4.36403   4.09822   -2.81751  1.000 72.60250  ? 310 ARG A O   1 
ATOM   1254 C CB  . ARG A 1 171 ? 7.13686   4.56667   -3.86311  1.000 72.69959  ? 310 ARG A CB  1 
ATOM   1255 C CG  . ARG A 1 171 ? 6.83654   5.42329   -5.08967  1.000 87.70981  ? 310 ARG A CG  1 
ATOM   1256 C CD  . ARG A 1 171 ? 7.56569   6.76233   -5.03621  1.000 96.94336  ? 310 ARG A CD  1 
ATOM   1257 N NE  . ARG A 1 171 ? 7.15759   7.66346   -6.11138  1.000 102.17121 ? 310 ARG A NE  1 
ATOM   1258 C CZ  . ARG A 1 171 ? 6.26835   8.64268   -5.98908  1.000 104.93156 ? 310 ARG A CZ  1 
ATOM   1259 N NH1 . ARG A 1 171 ? 5.64899   8.88284   -4.84288  1.000 94.20881  ? 310 ARG A NH1 1 
ATOM   1260 N NH2 . ARG A 1 171 ? 5.99458   9.40390   -7.04497  1.000 98.19516  ? 310 ARG A NH2 1 
ATOM   1261 N N   . LEU A 1 172 ? 4.44957   6.34435   -2.61139  1.000 57.79282  ? 311 LEU A N   1 
ATOM   1262 C CA  . LEU A 1 172 ? 3.00949   6.53108   -2.70254  1.000 56.07014  ? 311 LEU A CA  1 
ATOM   1263 C C   . LEU A 1 172 ? 2.57139   6.64785   -4.15657  1.000 60.01112  ? 311 LEU A C   1 
ATOM   1264 O O   . LEU A 1 172 ? 3.22433   7.31470   -4.96337  1.000 75.07040  ? 311 LEU A O   1 
ATOM   1265 C CB  . LEU A 1 172 ? 2.58034   7.77905   -1.93389  1.000 51.50886  ? 311 LEU A CB  1 
ATOM   1266 C CG  . LEU A 1 172 ? 2.91858   7.81000   -0.44471  1.000 46.91544  ? 311 LEU A CG  1 
ATOM   1267 C CD1 . LEU A 1 172 ? 2.29382   9.03457   0.22455   1.000 56.03126  ? 311 LEU A CD1 1 
ATOM   1268 C CD2 . LEU A 1 172 ? 2.46167   6.53537   0.23062   1.000 50.91739  ? 311 LEU A CD2 1 
ATOM   1269 N N   . ILE A 1 173 ? 1.46132   5.99314   -4.48551  1.000 57.79669  ? 312 ILE A N   1 
ATOM   1270 C CA  . ILE A 1 173 ? 0.89681   6.00194   -5.83190  1.000 63.87683  ? 312 ILE A CA  1 
ATOM   1271 C C   . ILE A 1 173 ? -0.53135  6.51875   -5.71643  1.000 64.26731  ? 312 ILE A C   1 
ATOM   1272 O O   . ILE A 1 173 ? -1.44200  5.77213   -5.34248  1.000 61.62071  ? 312 ILE A O   1 
ATOM   1273 C CB  . ILE A 1 173 ? 0.93217   4.61592   -6.48562  1.000 66.10361  ? 312 ILE A CB  1 
ATOM   1274 C CG1 . ILE A 1 173 ? 2.37079   4.09242   -6.53239  1.000 69.72395  ? 312 ILE A CG1 1 
ATOM   1275 C CG2 . ILE A 1 173 ? 0.32470   4.67082   -7.88106  1.000 64.87026  ? 312 ILE A CG2 1 
ATOM   1276 C CD1 . ILE A 1 173 ? 2.48979   2.65557   -7.01175  1.000 76.70597  ? 312 ILE A CD1 1 
ATOM   1277 N N   . ALA A 1 174 ? -0.73142  7.79729   -6.02264  1.000 65.89611  ? 313 ALA A N   1 
ATOM   1278 C CA  . ALA A 1 174 ? -2.05338  8.40530   -6.05403  1.000 66.53581  ? 313 ALA A CA  1 
ATOM   1279 C C   . ALA A 1 174 ? -2.51358  8.56667   -7.49686  1.000 71.80787  ? 313 ALA A C   1 
ATOM   1280 O O   . ALA A 1 174 ? -1.70014  8.71997   -8.41176  1.000 76.64387  ? 313 ALA A O   1 
ATOM   1281 C CB  . ALA A 1 174 ? -2.05443  9.76242   -5.35140  1.000 60.60127  ? 313 ALA A CB  1 
ATOM   1282 N N   . TYR A 1 175 ? -3.82699  8.50282   -7.69977  1.000 80.26580  ? 314 TYR A N   1 
ATOM   1283 C CA  . TYR A 1 175 ? -4.37329  8.56985   -9.04819  1.000 86.46706  ? 314 TYR A CA  1 
ATOM   1284 C C   . TYR A 1 175 ? -5.86756  8.83909   -8.98301  1.000 87.20838  ? 314 TYR A C   1 
ATOM   1285 O O   . TYR A 1 175 ? -6.54477  8.43219   -8.03419  1.000 86.20603  ? 314 TYR A O   1 
ATOM   1286 C CB  . TYR A 1 175 ? -4.10267  7.26748   -9.81048  1.000 81.89930  ? 314 TYR A CB  1 
ATOM   1287 C CG  . TYR A 1 175 ? -4.58942  6.03606   -9.08243  1.000 79.87612  ? 314 TYR A CG  1 
ATOM   1288 C CD1 . TYR A 1 175 ? -3.80756  5.42648   -8.11340  1.000 76.30341  ? 314 TYR A CD1 1 
ATOM   1289 C CD2 . TYR A 1 175 ? -5.83033  5.48382   -9.36483  1.000 84.54570  ? 314 TYR A CD2 1 
ATOM   1290 C CE1 . TYR A 1 175 ? -4.24800  4.29995   -7.44671  1.000 75.37130  ? 314 TYR A CE1 1 
ATOM   1291 C CE2 . TYR A 1 175 ? -6.27811  4.35734   -8.70406  1.000 82.60853  ? 314 TYR A CE2 1 
ATOM   1292 C CZ  . TYR A 1 175 ? -5.48344  3.76986   -7.74619  1.000 79.40479  ? 314 TYR A CZ  1 
ATOM   1293 O OH  . TYR A 1 175 ? -5.92879  2.64739   -7.08553  1.000 78.12257  ? 314 TYR A OH  1 
ATOM   1294 N N   . GLN A 1 176 ? -6.36888  9.53312   -10.00479 1.000 89.28268  ? 315 GLN A N   1 
ATOM   1295 C CA  . GLN A 1 176 ? -7.79670  9.76165   -10.19173 1.000 104.83863 ? 315 GLN A CA  1 
ATOM   1296 C C   . GLN A 1 176 ? -8.21356  9.23023   -11.55737 1.000 117.38241 ? 315 GLN A C   1 
ATOM   1297 O O   . GLN A 1 176 ? -7.53237  9.47615   -12.56018 1.000 126.72440 ? 315 GLN A O   1 
ATOM   1298 C CB  . GLN A 1 176 ? -8.14379  11.25029  -10.06792 1.000 99.50353  ? 315 GLN A CB  1 
ATOM   1299 C CG  . GLN A 1 176 ? -9.63177  11.55571  -10.22507 1.000 104.98986 ? 315 GLN A CG  1 
ATOM   1300 C CD  . GLN A 1 176 ? -10.49494 10.81535  -9.21487  1.000 117.20614 ? 315 GLN A CD  1 
ATOM   1301 O OE1 . GLN A 1 176 ? -10.29385 10.93209  -8.00617  1.000 114.84216 ? 315 GLN A OE1 1 
ATOM   1302 N NE2 . GLN A 1 176 ? -11.45497 10.04153  -9.70934  1.000 119.58325 ? 315 GLN A NE2 1 
ATOM   1303 N N   . GLU A 1 177 ? -9.33824  8.51157   -11.59713 1.000 120.94504 ? 316 GLU A N   1 
ATOM   1304 C CA  . GLU A 1 177 ? -9.80074  7.86979   -12.82243 1.000 122.16121 ? 316 GLU A CA  1 
ATOM   1305 C C   . GLU A 1 177 ? -10.83417 8.74619   -13.51052 1.000 131.22452 ? 316 GLU A C   1 
ATOM   1306 O O   . GLU A 1 177 ? -11.87715 9.03678   -12.90415 1.000 135.36124 ? 316 GLU A O   1 
ATOM   1307 C CB  . GLU A 1 177 ? -10.39844 6.50259   -12.51124 1.000 118.28512 ? 316 GLU A CB  1 
ATOM   1308 C CG  . GLU A 1 177 ? -9.39179  5.50291   -11.97243 1.000 123.86651 ? 316 GLU A CG  1 
ATOM   1309 C CD  . GLU A 1 177 ? -10.02231 4.17260   -11.62295 1.000 120.47647 ? 316 GLU A CD  1 
ATOM   1310 O OE1 . GLU A 1 177 ? -11.25381 4.13544   -11.42803 1.000 126.58324 ? 316 GLU A OE1 1 
ATOM   1311 O OE2 . GLU A 1 177 ? -9.28686  3.16585   -11.54613 1.000 125.42647 ? 316 GLU A OE2 1 
ATOM   1312 N N   . PRO A 1 178 ? -10.60979 9.18609   -14.76315 1.000 132.71539 ? 317 PRO A N   1 
ATOM   1313 C CA  . PRO A 1 178 ? -11.60345 10.00932  -15.46600 1.000 128.76923 ? 317 PRO A CA  1 
ATOM   1314 C C   . PRO A 1 178 ? -12.97951 9.35370   -15.54004 1.000 137.74339 ? 317 PRO A C   1 
ATOM   1315 O O   . PRO A 1 178 ? -13.11596 8.32004   -16.19412 1.000 141.67026 ? 317 PRO A O   1 
ATOM   1316 C CB  . PRO A 1 178 ? -11.00395 10.16528  -16.86922 1.000 130.57844 ? 317 PRO A CB  1 
ATOM   1317 C CG  . PRO A 1 178 ? -9.54086  9.98048   -16.68163 1.000 138.24667 ? 317 PRO A CG  1 
ATOM   1318 C CD  . PRO A 1 178 ? -9.39475  8.97734   -15.57501 1.000 134.01523 ? 317 PRO A CD  1 
ATOM   1319 N N   . SER A 1 185 ? -4.98116  2.33285   -17.09850 1.000 83.13527  ? 324 SER A N   1 
ATOM   1320 C CA  . SER A 1 185 ? -4.31596  1.09014   -16.72394 1.000 96.06128  ? 324 SER A CA  1 
ATOM   1321 C C   . SER A 1 185 ? -3.57042  1.25532   -15.40903 1.000 102.64459 ? 324 SER A C   1 
ATOM   1322 O O   . SER A 1 185 ? -2.56070  1.95695   -15.33795 1.000 103.26830 ? 324 SER A O   1 
ATOM   1323 C CB  . SER A 1 185 ? -3.34268  0.63614   -17.81559 1.000 101.74117 ? 324 SER A CB  1 
ATOM   1324 O OG  . SER A 1 185 ? -2.64244  -0.52900  -17.41178 1.000 106.73931 ? 324 SER A OG  1 
ATOM   1325 N N   . LEU A 1 186 ? -4.07600  0.60432   -14.36185 1.000 107.34591 ? 325 LEU A N   1 
ATOM   1326 C CA  . LEU A 1 186 ? -3.39566  0.65494   -13.07268 1.000 98.94412  ? 325 LEU A CA  1 
ATOM   1327 C C   . LEU A 1 186 ? -2.03162  -0.01771  -13.15020 1.000 98.68950  ? 325 LEU A C   1 
ATOM   1328 O O   . LEU A 1 186 ? -1.05124  0.48848   -12.59252 1.000 92.39114  ? 325 LEU A O   1 
ATOM   1329 C CB  . LEU A 1 186 ? -4.25933  -0.00436  -11.99977 1.000 101.88328 ? 325 LEU A CB  1 
ATOM   1330 C CG  . LEU A 1 186 ? -3.73563  0.07237   -10.56393 1.000 89.68445  ? 325 LEU A CG  1 
ATOM   1331 C CD1 . LEU A 1 186 ? -3.66166  1.51590   -10.08876 1.000 71.27527  ? 325 LEU A CD1 1 
ATOM   1332 C CD2 . LEU A 1 186 ? -4.60880  -0.75684  -9.63153  1.000 102.95870 ? 325 LEU A CD2 1 
ATOM   1333 N N   . SER A 1 187 ? -1.94591  -1.15489  -13.84570 1.000 99.01014  ? 326 SER A N   1 
ATOM   1334 C CA  . SER A 1 187 ? -0.66369  -1.83761  -13.97886 1.000 100.07754 ? 326 SER A CA  1 
ATOM   1335 C C   . SER A 1 187 ? 0.36544   -0.93442  -14.64345 1.000 105.68196 ? 326 SER A C   1 
ATOM   1336 O O   . SER A 1 187 ? 1.52180   -0.86979  -14.20880 1.000 111.26156 ? 326 SER A O   1 
ATOM   1337 C CB  . SER A 1 187 ? -0.83512  -3.12905  -14.77647 1.000 105.98814 ? 326 SER A CB  1 
ATOM   1338 O OG  . SER A 1 187 ? -1.20644  -2.85385  -16.11570 1.000 117.45644 ? 326 SER A OG  1 
ATOM   1339 N N   . GLN A 1 188 ? -0.03596  -0.22202  -15.69798 1.000 106.08654 ? 327 GLN A N   1 
ATOM   1340 C CA  . GLN A 1 188 ? 0.86136   0.75204   -16.30814 1.000 107.23857 ? 327 GLN A CA  1 
ATOM   1341 C C   . GLN A 1 188 ? 1.17541   1.88719   -15.34259 1.000 104.09588 ? 327 GLN A C   1 
ATOM   1342 O O   . GLN A 1 188 ? 2.29634   2.41156   -15.34241 1.000 98.03350  ? 327 GLN A O   1 
ATOM   1343 C CB  . GLN A 1 188 ? 0.24261   1.29820   -17.59527 1.000 116.18107 ? 327 GLN A CB  1 
ATOM   1344 C CG  . GLN A 1 188 ? 1.21630   2.05631   -18.49146 1.000 121.57492 ? 327 GLN A CG  1 
ATOM   1345 C CD  . GLN A 1 188 ? 2.14092   1.13862   -19.28502 1.000 114.40553 ? 327 GLN A CD  1 
ATOM   1346 O OE1 . GLN A 1 188 ? 2.04912   -0.08670  -19.20007 1.000 101.59565 ? 327 GLN A OE1 1 
ATOM   1347 N NE2 . GLN A 1 188 ? 3.03276   1.73558   -20.06540 1.000 119.82938 ? 327 GLN A NE2 1 
ATOM   1348 N N   . GLU A 1 189 ? 0.20400   2.27599   -14.51249 1.000 108.35133 ? 328 GLU A N   1 
ATOM   1349 C CA  . GLU A 1 189 ? 0.43505   3.34014   -13.54132 1.000 102.05710 ? 328 GLU A CA  1 
ATOM   1350 C C   . GLU A 1 189 ? 1.48225   2.92574   -12.51449 1.000 95.57503  ? 328 GLU A C   1 
ATOM   1351 O O   . GLU A 1 189 ? 2.41125   3.68505   -12.21485 1.000 89.92968  ? 328 GLU A O   1 
ATOM   1352 C CB  . GLU A 1 189 ? -0.88267  3.70509   -12.85473 1.000 99.29758  ? 328 GLU A CB  1 
ATOM   1353 C CG  . GLU A 1 189 ? -0.76896  4.81585   -11.82094 1.000 101.86812 ? 328 GLU A CG  1 
ATOM   1354 C CD  . GLU A 1 189 ? -0.38504  6.15094   -12.43113 1.000 105.41362 ? 328 GLU A CD  1 
ATOM   1355 O OE1 . GLU A 1 189 ? -0.56752  6.32643   -13.65492 1.000 113.48423 ? 328 GLU A OE1 1 
ATOM   1356 O OE2 . GLU A 1 189 ? 0.10141   7.02705   -11.68460 1.000 100.51077 ? 328 GLU A OE2 1 
ATOM   1357 N N   . VAL A 1 190 ? 1.35001   1.71657   -11.96367 1.000 96.20282  ? 329 VAL A N   1 
ATOM   1358 C CA  . VAL A 1 190 ? 2.32976   1.23572   -10.99437 1.000 95.82887  ? 329 VAL A CA  1 
ATOM   1359 C C   . VAL A 1 190 ? 3.67725   1.01764   -11.66844 1.000 92.90994  ? 329 VAL A C   1 
ATOM   1360 O O   . VAL A 1 190 ? 4.72703   1.36793   -11.11731 1.000 94.78650  ? 329 VAL A O   1 
ATOM   1361 C CB  . VAL A 1 190 ? 1.82760   -0.04864  -10.30959 1.000 93.69331  ? 329 VAL A CB  1 
ATOM   1362 C CG1 . VAL A 1 190 ? 2.82907   -0.51625  -9.26005  1.000 93.43308  ? 329 VAL A CG1 1 
ATOM   1363 C CG2 . VAL A 1 190 ? 0.46474   0.17784   -9.67768  1.000 83.07689  ? 329 VAL A CG2 1 
ATOM   1364 N N   . LEU A 1 191 ? 3.67148   0.43306   -12.86783 1.000 92.71341  ? 330 LEU A N   1 
ATOM   1365 C CA  . LEU A 1 191 ? 4.91911   0.23137   -13.59441 1.000 94.20922  ? 330 LEU A CA  1 
ATOM   1366 C C   . LEU A 1 191 ? 5.65037   1.55204   -13.78993 1.000 98.96306  ? 330 LEU A C   1 
ATOM   1367 O O   . LEU A 1 191 ? 6.87724   1.62067   -13.65057 1.000 96.03066  ? 330 LEU A O   1 
ATOM   1368 C CB  . LEU A 1 191 ? 4.63484   -0.43639  -14.93963 1.000 93.94339  ? 330 LEU A CB  1 
ATOM   1369 C CG  . LEU A 1 191 ? 4.33962   -1.93858  -14.89685 1.000 97.18879  ? 330 LEU A CG  1 
ATOM   1370 C CD1 . LEU A 1 191 ? 3.74303   -2.42038  -16.21300 1.000 104.88054 ? 330 LEU A CD1 1 
ATOM   1371 C CD2 . LEU A 1 191 ? 5.60075   -2.72200  -14.57015 1.000 98.90156  ? 330 LEU A CD2 1 
ATOM   1372 N N   . ARG A 1 192 ? 4.90743   2.61815   -14.09376 1.000 100.36067 ? 331 ARG A N   1 
ATOM   1373 C CA  . ARG A 1 192 ? 5.52622   3.92472   -14.28687 1.000 102.08280 ? 331 ARG A CA  1 
ATOM   1374 C C   . ARG A 1 192 ? 6.36741   4.32395   -13.07932 1.000 100.45383 ? 331 ARG A C   1 
ATOM   1375 O O   . ARG A 1 192 ? 7.45180   4.89970   -13.22998 1.000 97.09141  ? 331 ARG A O   1 
ATOM   1376 C CB  . ARG A 1 192 ? 4.43536   4.96450   -14.56083 1.000 96.13280  ? 331 ARG A CB  1 
ATOM   1377 C CG  . ARG A 1 192 ? 4.93773   6.34700   -14.94654 1.000 87.98208  ? 331 ARG A CG  1 
ATOM   1378 C CD  . ARG A 1 192 ? 3.77420   7.29014   -15.22164 1.000 83.51931  ? 331 ARG A CD  1 
ATOM   1379 N NE  . ARG A 1 192 ? 2.88601   7.42794   -14.07147 1.000 100.93881 ? 331 ARG A NE  1 
ATOM   1380 C CZ  . ARG A 1 192 ? 3.05138   8.29680   -13.08065 1.000 99.95365  ? 331 ARG A CZ  1 
ATOM   1381 N NH1 . ARG A 1 192 ? 4.07710   9.13514   -13.05318 1.000 70.64929  ? 331 ARG A NH1 1 
ATOM   1382 N NH2 . ARG A 1 192 ? 2.16520   8.32485   -12.08731 1.000 103.02985 ? 331 ARG A NH2 1 
ATOM   1383 N N   . HIS A 1 193 ? 5.89949   3.99493   -11.87066 1.000 97.26060  ? 332 HIS A N   1 
ATOM   1384 C CA  . HIS A 1 193 ? 6.61802   4.39367   -10.66247 1.000 96.20066  ? 332 HIS A CA  1 
ATOM   1385 C C   . HIS A 1 193 ? 7.86550   3.54635   -10.43907 1.000 105.67296 ? 332 HIS A C   1 
ATOM   1386 O O   . HIS A 1 193 ? 8.88955   4.05802   -9.97146  1.000 116.51530 ? 332 HIS A O   1 
ATOM   1387 C CB  . HIS A 1 193 ? 5.69559   4.29817   -9.44850  1.000 86.72276  ? 332 HIS A CB  1 
ATOM   1388 C CG  . HIS A 1 193 ? 4.69260   5.40418   -9.36012  1.000 84.05254  ? 332 HIS A CG  1 
ATOM   1389 N ND1 . HIS A 1 193 ? 4.79964   6.43257   -8.44889  1.000 89.18722  ? 332 HIS A ND1 1 
ATOM   1390 C CD2 . HIS A 1 193 ? 3.55961   5.64111   -10.06341 1.000 83.93308  ? 332 HIS A CD2 1 
ATOM   1391 C CE1 . HIS A 1 193 ? 3.77757   7.25691   -8.59671  1.000 85.55431  ? 332 HIS A CE1 1 
ATOM   1392 N NE2 . HIS A 1 193 ? 3.01045   6.80033   -9.56997  1.000 82.15176  ? 332 HIS A NE2 1 
ATOM   1393 N N   . LEU A 1 194 ? 7.79904   2.24897   -10.74730 1.000 105.95874 ? 333 LEU A N   1 
ATOM   1394 C CA  . LEU A 1 194 ? 8.95377   1.38315   -10.52874 1.000 107.89888 ? 333 LEU A CA  1 
ATOM   1395 C C   . LEU A 1 194 ? 10.13218  1.81842   -11.38511 1.000 107.47547 ? 333 LEU A C   1 
ATOM   1396 O O   . LEU A 1 194 ? 11.28397  1.78742   -10.93809 1.000 109.28710 ? 333 LEU A O   1 
ATOM   1397 C CB  . LEU A 1 194 ? 8.60139   -0.07143  -10.82844 1.000 98.10628  ? 333 LEU A CB  1 
ATOM   1398 C CG  . LEU A 1 194 ? 8.02645   -0.90439  -9.68483  1.000 90.98702  ? 333 LEU A CG  1 
ATOM   1399 C CD1 . LEU A 1 194 ? 6.52119   -0.72902  -9.60320  1.000 98.37767  ? 333 LEU A CD1 1 
ATOM   1400 C CD2 . LEU A 1 194 ? 8.40123   -2.36796  -9.86422  1.000 94.60746  ? 333 LEU A CD2 1 
ATOM   1401 N N   . ARG A 1 195 ? 9.86197   2.23272   -12.62000 1.000 105.16058 ? 334 ARG A N   1 
ATOM   1402 C CA  . ARG A 1 195 ? 10.93183  2.55168   -13.55035 1.000 110.21781 ? 334 ARG A CA  1 
ATOM   1403 C C   . ARG A 1 195 ? 11.55218  3.91102   -13.27873 1.000 114.33764 ? 334 ARG A C   1 
ATOM   1404 O O   . ARG A 1 195 ? 12.65459  4.18380   -13.76767 1.000 124.84940 ? 334 ARG A O   1 
ATOM   1405 C CB  . ARG A 1 195 ? 10.39516  2.48579   -14.97745 1.000 111.53095 ? 334 ARG A CB  1 
ATOM   1406 C CG  . ARG A 1 195 ? 9.85090   1.11420   -15.35131 1.000 102.58231 ? 334 ARG A CG  1 
ATOM   1407 C CD  . ARG A 1 195 ? 9.23939   1.13538   -16.73862 1.000 110.07095 ? 334 ARG A CD  1 
ATOM   1408 N NE  . ARG A 1 195 ? 8.45127   -0.05612  -17.03139 1.000 100.09464 ? 334 ARG A NE  1 
ATOM   1409 C CZ  . ARG A 1 195 ? 7.93925   -0.33389  -18.22319 1.000 103.44262 ? 334 ARG A CZ  1 
ATOM   1410 N NH1 . ARG A 1 195 ? 8.14575   0.45526   -19.26452 1.000 115.36112 ? 334 ARG A NH1 1 
ATOM   1411 N NH2 . ARG A 1 195 ? 7.20151   -1.43057  -18.37440 1.000 94.43432  ? 334 ARG A NH2 1 
ATOM   1412 N N   . GLN A 1 196 ? 10.87576  4.76332   -12.50673 1.000 109.48784 ? 335 GLN A N   1 
ATOM   1413 C CA  . GLN A 1 196 ? 11.44259  6.04541   -12.10669 1.000 115.18557 ? 335 GLN A CA  1 
ATOM   1414 C C   . GLN A 1 196 ? 12.54452  5.89928   -11.06222 1.000 124.17136 ? 335 GLN A C   1 
ATOM   1415 O O   . GLN A 1 196 ? 13.24642  6.87968   -10.78895 1.000 120.69763 ? 335 GLN A O   1 
ATOM   1416 C CB  . GLN A 1 196 ? 10.32950  6.94942   -11.57226 1.000 108.17275 ? 335 GLN A CB  1 
ATOM   1417 C CG  . GLN A 1 196 ? 10.69496  8.41676   -11.49031 1.000 122.22301 ? 335 GLN A CG  1 
ATOM   1418 C CD  . GLN A 1 196 ? 9.53004   9.27559   -11.02908 1.000 129.72713 ? 335 GLN A CD  1 
ATOM   1419 O OE1 . GLN A 1 196 ? 8.38660   8.81970   -10.98394 1.000 113.47295 ? 335 GLN A OE1 1 
ATOM   1420 N NE2 . GLN A 1 196 ? 9.81691   10.52538  -10.67995 1.000 136.58935 ? 335 GLN A NE2 1 
ATOM   1421 N N   . GLU A 1 197 ? 12.71354  4.71217   -10.48208 1.000 126.18362 ? 336 GLU A N   1 
ATOM   1422 C CA  . GLU A 1 197 ? 13.75109  4.47217   -9.48196  1.000 125.24305 ? 336 GLU A CA  1 
ATOM   1423 C C   . GLU A 1 197 ? 14.64663  3.30709   -9.90413  1.000 109.97633 ? 336 GLU A C   1 
ATOM   1424 O O   . GLU A 1 197 ? 15.50199  3.44634   -10.77875 1.000 106.60499 ? 336 GLU A O   1 
ATOM   1425 C CB  . GLU A 1 197 ? 13.12665  4.18001   -8.11370  1.000 124.66814 ? 336 GLU A CB  1 
ATOM   1426 C CG  . GLU A 1 197 ? 11.85278  4.96510   -7.81918  1.000 129.37586 ? 336 GLU A CG  1 
ATOM   1427 C CD  . GLU A 1 197 ? 11.41201  4.84273   -6.36785  1.000 131.65099 ? 336 GLU A CD  1 
ATOM   1428 O OE1 . GLU A 1 197 ? 12.23338  5.13068   -5.47229  1.000 140.38723 ? 336 GLU A OE1 1 
ATOM   1429 O OE2 . GLU A 1 197 ? 10.25091  4.45080   -6.11844  1.000 119.37859 ? 336 GLU A OE2 1 
HETATM 1430 C C10 . WY8 B 2 .   ? -4.18693  1.69013   12.32775  0.500 63.22180  ? 401 WY8 A C10 1 
HETATM 1431 C C13 . WY8 B 2 .   ? -2.98491  0.06219   9.34737   0.500 62.60873  ? 401 WY8 A C13 1 
HETATM 1432 C C8  . WY8 B 2 .   ? -2.45327  -1.80978  10.97513  0.500 64.10236  ? 401 WY8 A C8  1 
HETATM 1433 C C5  . WY8 B 2 .   ? -2.17254  -3.45094  9.65865   0.500 63.78238  ? 401 WY8 A C5  1 
HETATM 1434 C C4  . WY8 B 2 .   ? -2.43620  -2.35422  8.85777   0.500 63.27111  ? 401 WY8 A C4  1 
HETATM 1435 C C1  . WY8 B 2 .   ? -7.13437  0.23448   13.65623  0.500 68.15074  ? 401 WY8 A C1  1 
HETATM 1436 C C2  . WY8 B 2 .   ? -2.26069  -3.55544  7.00798   0.500 65.46923  ? 401 WY8 A C2  1 
HETATM 1437 C C6  . WY8 B 2 .   ? -1.94514  -4.67068  8.99992   0.500 67.48004  ? 401 WY8 A C6  1 
HETATM 1438 C C24 . WY8 B 2 .   ? -4.44346  0.19395   8.91849   0.500 64.86190  ? 401 WY8 A C24 1 
HETATM 1439 C C28 . WY8 B 2 .   ? -8.56633  -1.54559  14.00860  0.500 64.22514  ? 401 WY8 A C28 1 
HETATM 1440 C C29 . WY8 B 2 .   ? -7.16593  -2.04590  14.36995  0.500 64.11349  ? 401 WY8 A C29 1 
HETATM 1441 C C3  . WY8 B 2 .   ? -8.37599  -0.39462  13.01223  0.500 64.46860  ? 401 WY8 A C3  1 
HETATM 1442 C C31 . WY8 B 2 .   ? -7.00707  -3.90537  12.61358  0.500 63.16558  ? 401 WY8 A C31 1 
HETATM 1443 C C33 . WY8 B 2 .   ? -6.19395  -5.50338  13.76755  0.500 64.42030  ? 401 WY8 A C33 1 
HETATM 1444 C C34 . WY8 B 2 .   ? -6.35805  -4.44357  14.63734  0.500 65.15845  ? 401 WY8 A C34 1 
HETATM 1445 C C36 . WY8 B 2 .   ? -5.54552  -5.53462  16.37822  0.500 69.44258  ? 401 WY8 A C36 1 
HETATM 1446 C C38 . WY8 B 2 .   ? -5.63042  -6.72960  14.27035  0.500 69.02461  ? 401 WY8 A C38 1 
HETATM 1447 C C7  . WY8 B 2 .   ? -8.20220  -0.86257  11.58633  0.500 65.70175  ? 401 WY8 A C7  1 
HETATM 1448 C C40 . WY8 B 2 .   ? -6.23076  -0.98126  13.79816  0.500 65.15185  ? 401 WY8 A C40 1 
HETATM 1449 C C11 . WY8 B 2 .   ? -5.12791  0.54938   10.22922  0.500 64.72931  ? 401 WY8 A C11 1 
HETATM 1450 C C9  . WY8 B 2 .   ? -4.10502  1.50063   10.83541  0.500 66.18457  ? 401 WY8 A C9  1 
HETATM 1451 F F1  . WY8 B 2 .   ? -7.33685  0.80606   14.91924  0.500 71.78529  ? 401 WY8 A F1  1 
HETATM 1452 F F25 . WY8 B 2 .   ? -4.54539  1.27444   8.03411   0.500 65.48776  ? 401 WY8 A F25 1 
HETATM 1453 N N9  . WY8 B 2 .   ? -2.61803  -1.29627  9.71373   0.500 63.12968  ? 401 WY8 A N9  1 
HETATM 1454 N N7  . WY8 B 2 .   ? -2.18677  -3.09195  10.99931  0.500 62.43765  ? 401 WY8 A N7  1 
HETATM 1455 N N3  . WY8 B 2 .   ? -2.49337  -2.33957  7.51922   0.500 62.09827  ? 401 WY8 A N3  1 
HETATM 1456 N N1  . WY8 B 2 .   ? -1.99476  -4.69827  7.65151   0.500 68.54018  ? 401 WY8 A N1  1 
HETATM 1457 N N6  . WY8 B 2 .   ? -1.68355  -5.78258  9.69331   0.500 70.02371  ? 401 WY8 A N6  1 
HETATM 1458 N N30 . WY8 B 2 .   ? -6.88074  -3.41644  13.88748  0.500 64.69972  ? 401 WY8 A N30 1 
HETATM 1459 N N32 . WY8 B 2 .   ? -6.60799  -5.15113  12.49422  0.500 62.50753  ? 401 WY8 A N32 1 
HETATM 1460 N N35 . WY8 B 2 .   ? -6.05289  -4.40830  15.95462  0.500 67.71126  ? 401 WY8 A N35 1 
HETATM 1461 N N37 . WY8 B 2 .   ? -5.33706  -6.63496  15.61894  0.500 70.12986  ? 401 WY8 A N37 1 
HETATM 1462 O O11 . WY8 B 2 .   ? -4.03839  0.41210   12.98545  0.500 63.56756  ? 401 WY8 A O11 1 
HETATM 1463 O O12 . WY8 B 2 .   ? -2.83459  0.90176   10.48243  0.500 64.84520  ? 401 WY8 A O12 1 
HETATM 1464 O O27 . WY8 B 2 .   ? -7.12837  -0.95724  8.83555   0.500 64.44178  ? 401 WY8 A O27 1 
HETATM 1465 O O39 . WY8 B 2 .   ? -5.39332  -7.76189  13.64223  0.500 70.79337  ? 401 WY8 A O39 1 
HETATM 1466 O O41 . WY8 B 2 .   ? -5.21861  -0.71693  14.79079  0.500 64.10158  ? 401 WY8 A O41 1 
HETATM 1467 O O44 . WY8 B 2 .   ? -2.80065  -0.21462  15.15351  0.500 70.35571  ? 401 WY8 A O44 1 
HETATM 1468 O O5  . WY8 B 2 .   ? -8.50956  0.18882   10.65000  0.500 62.39384  ? 401 WY8 A O5  1 
HETATM 1469 O O7  . WY8 B 2 .   ? -6.38991  1.19245   9.96533   0.500 68.28922  ? 401 WY8 A O7  1 
HETATM 1470 P P42 . WY8 B 2 .   ? -4.07880  0.32381   14.54678  0.500 64.74896  ? 401 WY8 A P42 1 
HETATM 1471 P P6  . WY8 B 2 .   ? -7.59342  0.37182   9.39688   0.500 61.23566  ? 401 WY8 A P6  1 
HETATM 1472 S S26 . WY8 B 2 .   ? -8.57819  1.52231   7.92747   0.500 69.62489  ? 401 WY8 A S26 1 
HETATM 1473 S S43 . WY8 B 2 .   ? -4.54583  2.21646   15.35844  0.500 66.43470  ? 401 WY8 A S43 1 
# 
